data_1XD7
# 
_entry.id   1XD7 
# 
_audit_conform.dict_name       mmcif_pdbx.dic 
_audit_conform.dict_version    5.386 
_audit_conform.dict_location   http://mmcif.pdb.org/dictionaries/ascii/mmcif_pdbx.dic 
# 
loop_
_database_2.database_id 
_database_2.database_code 
_database_2.pdbx_database_accession 
_database_2.pdbx_DOI 
PDB   1XD7         pdb_00001xd7 10.2210/pdb1xd7/pdb 
RCSB  RCSB030227   ?            ?                   
WWPDB D_1000030227 ?            ?                   
# 
loop_
_pdbx_audit_revision_history.ordinal 
_pdbx_audit_revision_history.data_content_type 
_pdbx_audit_revision_history.major_revision 
_pdbx_audit_revision_history.minor_revision 
_pdbx_audit_revision_history.revision_date 
1 'Structure model' 1 0 2004-09-21 
2 'Structure model' 1 1 2008-04-30 
3 'Structure model' 1 2 2011-07-13 
4 'Structure model' 1 3 2019-01-16 
5 'Structure model' 1 4 2021-02-03 
6 'Structure model' 1 5 2024-02-14 
# 
_pdbx_audit_revision_details.ordinal             1 
_pdbx_audit_revision_details.revision_ordinal    1 
_pdbx_audit_revision_details.data_content_type   'Structure model' 
_pdbx_audit_revision_details.provider            repository 
_pdbx_audit_revision_details.type                'Initial release' 
_pdbx_audit_revision_details.description         ? 
_pdbx_audit_revision_details.details             ? 
# 
loop_
_pdbx_audit_revision_group.ordinal 
_pdbx_audit_revision_group.revision_ordinal 
_pdbx_audit_revision_group.data_content_type 
_pdbx_audit_revision_group.group 
1  2 'Structure model' 'Version format compliance' 
2  3 'Structure model' 'Derived calculations'      
3  3 'Structure model' 'Source and taxonomy'       
4  3 'Structure model' 'Version format compliance' 
5  4 'Structure model' 'Data collection'           
6  4 'Structure model' 'Structure summary'         
7  5 'Structure model' 'Database references'       
8  5 'Structure model' 'Derived calculations'      
9  5 'Structure model' 'Structure summary'         
10 6 'Structure model' 'Data collection'           
11 6 'Structure model' 'Database references'       
# 
loop_
_pdbx_audit_revision_category.ordinal 
_pdbx_audit_revision_category.revision_ordinal 
_pdbx_audit_revision_category.data_content_type 
_pdbx_audit_revision_category.category 
1 4 'Structure model' diffrn             
2 4 'Structure model' struct             
3 5 'Structure model' audit_author       
4 5 'Structure model' struct_ref_seq_dif 
5 5 'Structure model' struct_site        
6 6 'Structure model' chem_comp_atom     
7 6 'Structure model' chem_comp_bond     
8 6 'Structure model' database_2         
# 
loop_
_pdbx_audit_revision_item.ordinal 
_pdbx_audit_revision_item.revision_ordinal 
_pdbx_audit_revision_item.data_content_type 
_pdbx_audit_revision_item.item 
1 4 'Structure model' '_struct.title'                       
2 5 'Structure model' '_audit_author.identifier_ORCID'      
3 5 'Structure model' '_struct_ref_seq_dif.details'         
4 5 'Structure model' '_struct_site.pdbx_auth_asym_id'      
5 5 'Structure model' '_struct_site.pdbx_auth_comp_id'      
6 5 'Structure model' '_struct_site.pdbx_auth_seq_id'       
7 6 'Structure model' '_database_2.pdbx_DOI'                
8 6 'Structure model' '_database_2.pdbx_database_accession' 
# 
_pdbx_database_status.status_code                     REL 
_pdbx_database_status.entry_id                        1XD7 
_pdbx_database_status.recvd_initial_deposition_date   2004-09-04 
_pdbx_database_status.deposit_site                    RCSB 
_pdbx_database_status.process_site                    RCSB 
_pdbx_database_status.SG_entry                        Y 
_pdbx_database_status.status_code_sf                  REL 
_pdbx_database_status.pdb_format_compatible           Y 
_pdbx_database_status.status_code_mr                  ? 
_pdbx_database_status.status_code_cs                  ? 
_pdbx_database_status.methods_development_category    ? 
_pdbx_database_status.status_code_nmr_data            ? 
# 
_pdbx_database_related.db_name        TargetDB 
_pdbx_database_related.db_id          NYSGXRC-T1648 
_pdbx_database_related.details        . 
_pdbx_database_related.content_type   unspecified 
# 
loop_
_audit_author.name 
_audit_author.pdbx_ordinal 
_audit_author.identifier_ORCID 
'Agarwal, R.'                                                    1 ?                   
'Swaminathan, S.'                                                2 ?                   
'Burley, S.K.'                                                   3 0000-0002-2487-9713 
'New York SGX Research Center for Structural Genomics (NYSGXRC)' 4 ?                   
# 
_citation.id                        primary 
_citation.title                     'Crystal structure of a putative DNA binding protein' 
_citation.journal_abbrev            'To be Published' 
_citation.journal_volume            ? 
_citation.page_first                ? 
_citation.page_last                 ? 
_citation.year                      ? 
_citation.journal_id_ASTM           ? 
_citation.country                   ? 
_citation.journal_id_ISSN           ? 
_citation.journal_id_CSD            0353 
_citation.book_publisher            ? 
_citation.pdbx_database_id_PubMed   ? 
_citation.pdbx_database_id_DOI      ? 
# 
loop_
_citation_author.citation_id 
_citation_author.name 
_citation_author.ordinal 
_citation_author.identifier_ORCID 
primary 'Agarwal, R.'     1 ? 
primary 'Swaminathan, S.' 2 ? 
# 
loop_
_entity.id 
_entity.type 
_entity.src_method 
_entity.pdbx_description 
_entity.formula_weight 
_entity.pdbx_number_of_molecules 
_entity.pdbx_ec 
_entity.pdbx_mutation 
_entity.pdbx_fragment 
_entity.details 
1 polymer     man ywnA          16090.474 1 ? ? ? ? 
2 non-polymer syn 'SULFATE ION' 96.063    1 ? ? ? ? 
3 water       nat water         18.015    6 ? ? ? ? 
# 
_entity_poly.entity_id                      1 
_entity_poly.type                           'polypeptide(L)' 
_entity_poly.nstd_linkage                   no 
_entity_poly.nstd_monomer                   no 
_entity_poly.pdbx_seq_one_letter_code       
;MSLINSRLAVAIHILSLISMDEKTSSEIIADSVNTNPVVVRRMISLLKKADILTSRAGVPGASLKKDPADISLLEVYRAV
QKQEELFAVHENPNPKCPVGKKIQNALDETFESVQRAMENELASKSLKDVMNHLFEGGSHHHHHH
;
_entity_poly.pdbx_seq_one_letter_code_can   
;MSLINSRLAVAIHILSLISMDEKTSSEIIADSVNTNPVVVRRMISLLKKADILTSRAGVPGASLKKDPADISLLEVYRAV
QKQEELFAVHENPNPKCPVGKKIQNALDETFESVQRAMENELASKSLKDVMNHLFEGGSHHHHHH
;
_entity_poly.pdbx_strand_id                 A 
_entity_poly.pdbx_target_identifier         NYSGXRC-T1648 
# 
loop_
_pdbx_entity_nonpoly.entity_id 
_pdbx_entity_nonpoly.name 
_pdbx_entity_nonpoly.comp_id 
2 'SULFATE ION' SO4 
3 water         HOH 
# 
loop_
_entity_poly_seq.entity_id 
_entity_poly_seq.num 
_entity_poly_seq.mon_id 
_entity_poly_seq.hetero 
1 1   MET n 
1 2   SER n 
1 3   LEU n 
1 4   ILE n 
1 5   ASN n 
1 6   SER n 
1 7   ARG n 
1 8   LEU n 
1 9   ALA n 
1 10  VAL n 
1 11  ALA n 
1 12  ILE n 
1 13  HIS n 
1 14  ILE n 
1 15  LEU n 
1 16  SER n 
1 17  LEU n 
1 18  ILE n 
1 19  SER n 
1 20  MET n 
1 21  ASP n 
1 22  GLU n 
1 23  LYS n 
1 24  THR n 
1 25  SER n 
1 26  SER n 
1 27  GLU n 
1 28  ILE n 
1 29  ILE n 
1 30  ALA n 
1 31  ASP n 
1 32  SER n 
1 33  VAL n 
1 34  ASN n 
1 35  THR n 
1 36  ASN n 
1 37  PRO n 
1 38  VAL n 
1 39  VAL n 
1 40  VAL n 
1 41  ARG n 
1 42  ARG n 
1 43  MET n 
1 44  ILE n 
1 45  SER n 
1 46  LEU n 
1 47  LEU n 
1 48  LYS n 
1 49  LYS n 
1 50  ALA n 
1 51  ASP n 
1 52  ILE n 
1 53  LEU n 
1 54  THR n 
1 55  SER n 
1 56  ARG n 
1 57  ALA n 
1 58  GLY n 
1 59  VAL n 
1 60  PRO n 
1 61  GLY n 
1 62  ALA n 
1 63  SER n 
1 64  LEU n 
1 65  LYS n 
1 66  LYS n 
1 67  ASP n 
1 68  PRO n 
1 69  ALA n 
1 70  ASP n 
1 71  ILE n 
1 72  SER n 
1 73  LEU n 
1 74  LEU n 
1 75  GLU n 
1 76  VAL n 
1 77  TYR n 
1 78  ARG n 
1 79  ALA n 
1 80  VAL n 
1 81  GLN n 
1 82  LYS n 
1 83  GLN n 
1 84  GLU n 
1 85  GLU n 
1 86  LEU n 
1 87  PHE n 
1 88  ALA n 
1 89  VAL n 
1 90  HIS n 
1 91  GLU n 
1 92  ASN n 
1 93  PRO n 
1 94  ASN n 
1 95  PRO n 
1 96  LYS n 
1 97  CYS n 
1 98  PRO n 
1 99  VAL n 
1 100 GLY n 
1 101 LYS n 
1 102 LYS n 
1 103 ILE n 
1 104 GLN n 
1 105 ASN n 
1 106 ALA n 
1 107 LEU n 
1 108 ASP n 
1 109 GLU n 
1 110 THR n 
1 111 PHE n 
1 112 GLU n 
1 113 SER n 
1 114 VAL n 
1 115 GLN n 
1 116 ARG n 
1 117 ALA n 
1 118 MET n 
1 119 GLU n 
1 120 ASN n 
1 121 GLU n 
1 122 LEU n 
1 123 ALA n 
1 124 SER n 
1 125 LYS n 
1 126 SER n 
1 127 LEU n 
1 128 LYS n 
1 129 ASP n 
1 130 VAL n 
1 131 MET n 
1 132 ASN n 
1 133 HIS n 
1 134 LEU n 
1 135 PHE n 
1 136 GLU n 
1 137 GLY n 
1 138 GLY n 
1 139 SER n 
1 140 HIS n 
1 141 HIS n 
1 142 HIS n 
1 143 HIS n 
1 144 HIS n 
1 145 HIS n 
# 
_entity_src_gen.entity_id                          1 
_entity_src_gen.pdbx_src_id                        1 
_entity_src_gen.pdbx_alt_source_flag               sample 
_entity_src_gen.pdbx_seq_type                      ? 
_entity_src_gen.pdbx_beg_seq_num                   ? 
_entity_src_gen.pdbx_end_seq_num                   ? 
_entity_src_gen.gene_src_common_name               ? 
_entity_src_gen.gene_src_genus                     Bacillus 
_entity_src_gen.pdbx_gene_src_gene                 ywnA 
_entity_src_gen.gene_src_species                   'Bacillus subtilis' 
_entity_src_gen.gene_src_strain                    168 
_entity_src_gen.gene_src_tissue                    ? 
_entity_src_gen.gene_src_tissue_fraction           ? 
_entity_src_gen.gene_src_details                   ? 
_entity_src_gen.pdbx_gene_src_fragment             ? 
_entity_src_gen.pdbx_gene_src_scientific_name      'Bacillus subtilis subsp. subtilis' 
_entity_src_gen.pdbx_gene_src_ncbi_taxonomy_id     224308 
_entity_src_gen.pdbx_gene_src_variant              ? 
_entity_src_gen.pdbx_gene_src_cell_line            ? 
_entity_src_gen.pdbx_gene_src_atcc                 ? 
_entity_src_gen.pdbx_gene_src_organ                ? 
_entity_src_gen.pdbx_gene_src_organelle            ? 
_entity_src_gen.pdbx_gene_src_cell                 ? 
_entity_src_gen.pdbx_gene_src_cellular_location    ? 
_entity_src_gen.host_org_common_name               ? 
_entity_src_gen.pdbx_host_org_scientific_name      'Escherichia coli' 
_entity_src_gen.pdbx_host_org_ncbi_taxonomy_id     562 
_entity_src_gen.host_org_genus                     Escherichia 
_entity_src_gen.pdbx_host_org_gene                 ? 
_entity_src_gen.pdbx_host_org_organ                ? 
_entity_src_gen.host_org_species                   ? 
_entity_src_gen.pdbx_host_org_tissue               ? 
_entity_src_gen.pdbx_host_org_tissue_fraction      ? 
_entity_src_gen.pdbx_host_org_strain               ? 
_entity_src_gen.pdbx_host_org_variant              ? 
_entity_src_gen.pdbx_host_org_cell_line            ? 
_entity_src_gen.pdbx_host_org_atcc                 ? 
_entity_src_gen.pdbx_host_org_culture_collection   ? 
_entity_src_gen.pdbx_host_org_cell                 ? 
_entity_src_gen.pdbx_host_org_organelle            ? 
_entity_src_gen.pdbx_host_org_cellular_location    ? 
_entity_src_gen.pdbx_host_org_vector_type          ? 
_entity_src_gen.pdbx_host_org_vector               ? 
_entity_src_gen.host_org_details                   ? 
_entity_src_gen.expression_system_id               ? 
_entity_src_gen.plasmid_name                       ? 
_entity_src_gen.plasmid_details                    ? 
_entity_src_gen.pdbx_description                   ? 
# 
loop_
_chem_comp.id 
_chem_comp.type 
_chem_comp.mon_nstd_flag 
_chem_comp.name 
_chem_comp.pdbx_synonyms 
_chem_comp.formula 
_chem_comp.formula_weight 
ALA 'L-peptide linking' y ALANINE         ? 'C3 H7 N O2'     89.093  
ARG 'L-peptide linking' y ARGININE        ? 'C6 H15 N4 O2 1' 175.209 
ASN 'L-peptide linking' y ASPARAGINE      ? 'C4 H8 N2 O3'    132.118 
ASP 'L-peptide linking' y 'ASPARTIC ACID' ? 'C4 H7 N O4'     133.103 
CYS 'L-peptide linking' y CYSTEINE        ? 'C3 H7 N O2 S'   121.158 
GLN 'L-peptide linking' y GLUTAMINE       ? 'C5 H10 N2 O3'   146.144 
GLU 'L-peptide linking' y 'GLUTAMIC ACID' ? 'C5 H9 N O4'     147.129 
GLY 'peptide linking'   y GLYCINE         ? 'C2 H5 N O2'     75.067  
HIS 'L-peptide linking' y HISTIDINE       ? 'C6 H10 N3 O2 1' 156.162 
HOH non-polymer         . WATER           ? 'H2 O'           18.015  
ILE 'L-peptide linking' y ISOLEUCINE      ? 'C6 H13 N O2'    131.173 
LEU 'L-peptide linking' y LEUCINE         ? 'C6 H13 N O2'    131.173 
LYS 'L-peptide linking' y LYSINE          ? 'C6 H15 N2 O2 1' 147.195 
MET 'L-peptide linking' y METHIONINE      ? 'C5 H11 N O2 S'  149.211 
PHE 'L-peptide linking' y PHENYLALANINE   ? 'C9 H11 N O2'    165.189 
PRO 'L-peptide linking' y PROLINE         ? 'C5 H9 N O2'     115.130 
SER 'L-peptide linking' y SERINE          ? 'C3 H7 N O3'     105.093 
SO4 non-polymer         . 'SULFATE ION'   ? 'O4 S -2'        96.063  
THR 'L-peptide linking' y THREONINE       ? 'C4 H9 N O3'     119.119 
TYR 'L-peptide linking' y TYROSINE        ? 'C9 H11 N O3'    181.189 
VAL 'L-peptide linking' y VALINE          ? 'C5 H11 N O2'    117.146 
# 
loop_
_pdbx_poly_seq_scheme.asym_id 
_pdbx_poly_seq_scheme.entity_id 
_pdbx_poly_seq_scheme.seq_id 
_pdbx_poly_seq_scheme.mon_id 
_pdbx_poly_seq_scheme.ndb_seq_num 
_pdbx_poly_seq_scheme.pdb_seq_num 
_pdbx_poly_seq_scheme.auth_seq_num 
_pdbx_poly_seq_scheme.pdb_mon_id 
_pdbx_poly_seq_scheme.auth_mon_id 
_pdbx_poly_seq_scheme.pdb_strand_id 
_pdbx_poly_seq_scheme.pdb_ins_code 
_pdbx_poly_seq_scheme.hetero 
A 1 1   MET 1   1   ?   ?   ?   A . n 
A 1 2   SER 2   2   ?   ?   ?   A . n 
A 1 3   LEU 3   3   ?   ?   ?   A . n 
A 1 4   ILE 4   4   ?   ?   ?   A . n 
A 1 5   ASN 5   5   ?   ?   ?   A . n 
A 1 6   SER 6   6   6   SER SER A . n 
A 1 7   ARG 7   7   7   ARG ARG A . n 
A 1 8   LEU 8   8   8   LEU LEU A . n 
A 1 9   ALA 9   9   9   ALA ALA A . n 
A 1 10  VAL 10  10  10  VAL VAL A . n 
A 1 11  ALA 11  11  11  ALA ALA A . n 
A 1 12  ILE 12  12  12  ILE ILE A . n 
A 1 13  HIS 13  13  13  HIS HIS A . n 
A 1 14  ILE 14  14  14  ILE ILE A . n 
A 1 15  LEU 15  15  15  LEU LEU A . n 
A 1 16  SER 16  16  16  SER SER A . n 
A 1 17  LEU 17  17  17  LEU LEU A . n 
A 1 18  ILE 18  18  18  ILE ILE A . n 
A 1 19  SER 19  19  19  SER SER A . n 
A 1 20  MET 20  20  20  MET MET A . n 
A 1 21  ASP 21  21  21  ASP ASP A . n 
A 1 22  GLU 22  22  22  GLU GLU A . n 
A 1 23  LYS 23  23  23  LYS LYS A . n 
A 1 24  THR 24  24  24  THR THR A . n 
A 1 25  SER 25  25  25  SER SER A . n 
A 1 26  SER 26  26  26  SER SER A . n 
A 1 27  GLU 27  27  27  GLU GLU A . n 
A 1 28  ILE 28  28  28  ILE ILE A . n 
A 1 29  ILE 29  29  29  ILE ILE A . n 
A 1 30  ALA 30  30  30  ALA ALA A . n 
A 1 31  ASP 31  31  31  ASP ASP A . n 
A 1 32  SER 32  32  32  SER SER A . n 
A 1 33  VAL 33  33  33  VAL VAL A . n 
A 1 34  ASN 34  34  34  ASN ASN A . n 
A 1 35  THR 35  35  35  THR THR A . n 
A 1 36  ASN 36  36  36  ASN ASN A . n 
A 1 37  PRO 37  37  37  PRO PRO A . n 
A 1 38  VAL 38  38  38  VAL VAL A . n 
A 1 39  VAL 39  39  39  VAL VAL A . n 
A 1 40  VAL 40  40  40  VAL VAL A . n 
A 1 41  ARG 41  41  41  ARG ARG A . n 
A 1 42  ARG 42  42  42  ARG ARG A . n 
A 1 43  MET 43  43  43  MET MET A . n 
A 1 44  ILE 44  44  44  ILE ILE A . n 
A 1 45  SER 45  45  45  SER SER A . n 
A 1 46  LEU 46  46  46  LEU LEU A . n 
A 1 47  LEU 47  47  47  LEU LEU A . n 
A 1 48  LYS 48  48  48  LYS LYS A . n 
A 1 49  LYS 49  49  49  LYS LYS A . n 
A 1 50  ALA 50  50  50  ALA ALA A . n 
A 1 51  ASP 51  51  51  ASP ASP A . n 
A 1 52  ILE 52  52  52  ILE ILE A . n 
A 1 53  LEU 53  53  53  LEU LEU A . n 
A 1 54  THR 54  54  54  THR THR A . n 
A 1 55  SER 55  55  55  SER SER A . n 
A 1 56  ARG 56  56  56  ARG ARG A . n 
A 1 57  ALA 57  57  57  ALA ALA A . n 
A 1 58  GLY 58  58  58  GLY GLY A . n 
A 1 59  VAL 59  59  59  VAL VAL A . n 
A 1 60  PRO 60  60  60  PRO PRO A . n 
A 1 61  GLY 61  61  61  GLY GLY A . n 
A 1 62  ALA 62  62  62  ALA ALA A . n 
A 1 63  SER 63  63  63  SER SER A . n 
A 1 64  LEU 64  64  64  LEU LEU A . n 
A 1 65  LYS 65  65  65  LYS LYS A . n 
A 1 66  LYS 66  66  66  LYS LYS A . n 
A 1 67  ASP 67  67  67  ASP ASP A . n 
A 1 68  PRO 68  68  68  PRO PRO A . n 
A 1 69  ALA 69  69  69  ALA ALA A . n 
A 1 70  ASP 70  70  70  ASP ASP A . n 
A 1 71  ILE 71  71  71  ILE ILE A . n 
A 1 72  SER 72  72  72  SER SER A . n 
A 1 73  LEU 73  73  73  LEU LEU A . n 
A 1 74  LEU 74  74  74  LEU LEU A . n 
A 1 75  GLU 75  75  75  GLU GLU A . n 
A 1 76  VAL 76  76  76  VAL VAL A . n 
A 1 77  TYR 77  77  77  TYR TYR A . n 
A 1 78  ARG 78  78  78  ARG ARG A . n 
A 1 79  ALA 79  79  79  ALA ALA A . n 
A 1 80  VAL 80  80  80  VAL VAL A . n 
A 1 81  GLN 81  81  81  GLN GLN A . n 
A 1 82  LYS 82  82  82  LYS LYS A . n 
A 1 83  GLN 83  83  ?   ?   ?   A . n 
A 1 84  GLU 84  84  ?   ?   ?   A . n 
A 1 85  GLU 85  85  ?   ?   ?   A . n 
A 1 86  LEU 86  86  ?   ?   ?   A . n 
A 1 87  PHE 87  87  ?   ?   ?   A . n 
A 1 88  ALA 88  88  ?   ?   ?   A . n 
A 1 89  VAL 89  89  ?   ?   ?   A . n 
A 1 90  HIS 90  90  ?   ?   ?   A . n 
A 1 91  GLU 91  91  ?   ?   ?   A . n 
A 1 92  ASN 92  92  ?   ?   ?   A . n 
A 1 93  PRO 93  93  ?   ?   ?   A . n 
A 1 94  ASN 94  94  94  ASN ASN A . n 
A 1 95  PRO 95  95  95  PRO PRO A . n 
A 1 96  LYS 96  96  96  LYS LYS A . n 
A 1 97  CYS 97  97  97  CYS CYS A . n 
A 1 98  PRO 98  98  98  PRO PRO A . n 
A 1 99  VAL 99  99  99  VAL VAL A . n 
A 1 100 GLY 100 100 100 GLY GLY A . n 
A 1 101 LYS 101 101 101 LYS LYS A . n 
A 1 102 LYS 102 102 102 LYS LYS A . n 
A 1 103 ILE 103 103 103 ILE ILE A . n 
A 1 104 GLN 104 104 104 GLN GLN A . n 
A 1 105 ASN 105 105 105 ASN ASN A . n 
A 1 106 ALA 106 106 106 ALA ALA A . n 
A 1 107 LEU 107 107 107 LEU LEU A . n 
A 1 108 ASP 108 108 108 ASP ASP A . n 
A 1 109 GLU 109 109 109 GLU GLU A . n 
A 1 110 THR 110 110 110 THR THR A . n 
A 1 111 PHE 111 111 111 PHE PHE A . n 
A 1 112 GLU 112 112 112 GLU GLU A . n 
A 1 113 SER 113 113 113 SER SER A . n 
A 1 114 VAL 114 114 114 VAL VAL A . n 
A 1 115 GLN 115 115 115 GLN GLN A . n 
A 1 116 ARG 116 116 116 ARG ARG A . n 
A 1 117 ALA 117 117 117 ALA ALA A . n 
A 1 118 MET 118 118 118 MET MET A . n 
A 1 119 GLU 119 119 119 GLU GLU A . n 
A 1 120 ASN 120 120 120 ASN ASN A . n 
A 1 121 GLU 121 121 121 GLU GLU A . n 
A 1 122 LEU 122 122 122 LEU LEU A . n 
A 1 123 ALA 123 123 123 ALA ALA A . n 
A 1 124 SER 124 124 124 SER SER A . n 
A 1 125 LYS 125 125 125 LYS LYS A . n 
A 1 126 SER 126 126 126 SER SER A . n 
A 1 127 LEU 127 127 127 LEU LEU A . n 
A 1 128 LYS 128 128 128 LYS LYS A . n 
A 1 129 ASP 129 129 129 ASP ASP A . n 
A 1 130 VAL 130 130 130 VAL VAL A . n 
A 1 131 MET 131 131 131 MET MET A . n 
A 1 132 ASN 132 132 132 ASN ASN A . n 
A 1 133 HIS 133 133 ?   ?   ?   A . n 
A 1 134 LEU 134 134 ?   ?   ?   A . n 
A 1 135 PHE 135 135 ?   ?   ?   A . n 
A 1 136 GLU 136 136 ?   ?   ?   A . n 
A 1 137 GLY 137 137 ?   ?   ?   A . n 
A 1 138 GLY 138 138 ?   ?   ?   A . n 
A 1 139 SER 139 139 ?   ?   ?   A . n 
A 1 140 HIS 140 140 ?   ?   ?   A . n 
A 1 141 HIS 141 141 ?   ?   ?   A . n 
A 1 142 HIS 142 142 ?   ?   ?   A . n 
A 1 143 HIS 143 143 ?   ?   ?   A . n 
A 1 144 HIS 144 144 ?   ?   ?   A . n 
A 1 145 HIS 145 145 ?   ?   ?   A . n 
# 
loop_
_pdbx_nonpoly_scheme.asym_id 
_pdbx_nonpoly_scheme.entity_id 
_pdbx_nonpoly_scheme.mon_id 
_pdbx_nonpoly_scheme.ndb_seq_num 
_pdbx_nonpoly_scheme.pdb_seq_num 
_pdbx_nonpoly_scheme.auth_seq_num 
_pdbx_nonpoly_scheme.pdb_mon_id 
_pdbx_nonpoly_scheme.auth_mon_id 
_pdbx_nonpoly_scheme.pdb_strand_id 
_pdbx_nonpoly_scheme.pdb_ins_code 
B 2 SO4 1 190 190 SO4 SO4 A . 
C 3 HOH 1 191 1   HOH TIP A . 
C 3 HOH 2 192 2   HOH TIP A . 
C 3 HOH 3 193 4   HOH TIP A . 
C 3 HOH 4 194 5   HOH TIP A . 
C 3 HOH 5 195 7   HOH TIP A . 
C 3 HOH 6 196 8   HOH TIP A . 
# 
loop_
_software.name 
_software.classification 
_software.version 
_software.citation_id 
_software.pdbx_ordinal 
_software.date 
_software.type 
_software.location 
_software.language 
CNS      refinement        1.1 ? 1 ? ? ? ? 
CBASS    'data collection' .   ? 2 ? ? ? ? 
HKL-2000 'data scaling'    .   ? 3 ? ? ? ? 
SOLVE    phasing           .   ? 4 ? ? ? ? 
SHARP    phasing           .   ? 5 ? ? ? ? 
# 
_cell.entry_id           1XD7 
_cell.length_a           65.892 
_cell.length_b           49.362 
_cell.length_c           51.510 
_cell.angle_alpha        90.00 
_cell.angle_beta         121.61 
_cell.angle_gamma        90.00 
_cell.Z_PDB              4 
_cell.pdbx_unique_axis   ? 
# 
_symmetry.entry_id                         1XD7 
_symmetry.space_group_name_H-M             'C 1 2 1' 
_symmetry.pdbx_full_space_group_name_H-M   ? 
_symmetry.cell_setting                     ? 
_symmetry.Int_Tables_number                5 
_symmetry.space_group_name_Hall            ? 
# 
_exptl.entry_id          1XD7 
_exptl.method            'X-RAY DIFFRACTION' 
_exptl.crystals_number   2 
# 
_exptl_crystal.id                    1 
_exptl_crystal.density_meas          ? 
_exptl_crystal.density_Matthews      2.22 
_exptl_crystal.density_percent_sol   46 
_exptl_crystal.description           ? 
_exptl_crystal.F_000                 ? 
_exptl_crystal.preparation           ? 
# 
_exptl_crystal_grow.crystal_id      1 
_exptl_crystal_grow.method          'VAPOR DIFFUSION, SITTING DROP' 
_exptl_crystal_grow.temp            298 
_exptl_crystal_grow.temp_details    ? 
_exptl_crystal_grow.pH              4.6 
_exptl_crystal_grow.pdbx_details    
'PEG 4000, Ammonium sulfate, sodium acetate, pH 4.6, VAPOR DIFFUSION, SITTING DROP, temperature 298K' 
_exptl_crystal_grow.pdbx_pH_range   . 
# 
_diffrn.id                               1 
_diffrn.ambient_temp                     100 
_diffrn.ambient_temp_details             ? 
_diffrn.crystal_id                       1 
_diffrn.pdbx_serial_crystal_experiment   ? 
# 
_diffrn_detector.diffrn_id              1 
_diffrn_detector.detector               CCD 
_diffrn_detector.type                   'ADSC QUANTUM 315' 
_diffrn_detector.pdbx_collection_date   2004-06-28 
_diffrn_detector.details                mirrors 
# 
_diffrn_radiation.diffrn_id                        1 
_diffrn_radiation.wavelength_id                    1 
_diffrn_radiation.pdbx_monochromatic_or_laue_m_l   M 
_diffrn_radiation.monochromator                    GRAPHITE 
_diffrn_radiation.pdbx_diffrn_protocol             MAD 
_diffrn_radiation.pdbx_scattering_type             x-ray 
# 
loop_
_diffrn_radiation_wavelength.id 
_diffrn_radiation_wavelength.wavelength 
_diffrn_radiation_wavelength.wt 
1 0.9791 1.0 
2 0.9793 1.0 
3 0.9400 1.0 
4 1.100  1.0 
# 
_diffrn_source.diffrn_id                   1 
_diffrn_source.source                      SYNCHROTRON 
_diffrn_source.type                        'NSLS BEAMLINE X29A' 
_diffrn_source.pdbx_synchrotron_site       NSLS 
_diffrn_source.pdbx_synchrotron_beamline   X29A 
_diffrn_source.pdbx_wavelength             ? 
_diffrn_source.pdbx_wavelength_list        '0.9791, 0.9793, 0.9400, 1.100' 
# 
_reflns.entry_id                     1XD7 
_reflns.observed_criterion_sigma_I   ? 
_reflns.observed_criterion_sigma_F   0.0 
_reflns.d_resolution_low             50 
_reflns.d_resolution_high            2.3 
_reflns.number_obs                   5553 
_reflns.number_all                   5553 
_reflns.percent_possible_obs         86.3 
_reflns.pdbx_Rmerge_I_obs            0.055 
_reflns.pdbx_Rsym_value              ? 
_reflns.pdbx_netI_over_sigmaI        16.6 
_reflns.B_iso_Wilson_estimate        26.7 
_reflns.pdbx_redundancy              3.5 
_reflns.R_free_details               ? 
_reflns.limit_h_max                  ? 
_reflns.limit_h_min                  ? 
_reflns.limit_k_max                  ? 
_reflns.limit_k_min                  ? 
_reflns.limit_l_max                  ? 
_reflns.limit_l_min                  ? 
_reflns.observed_criterion_F_max     ? 
_reflns.observed_criterion_F_min     ? 
_reflns.pdbx_chi_squared             ? 
_reflns.pdbx_scaling_rejects         ? 
_reflns.pdbx_ordinal                 1 
_reflns.pdbx_diffrn_id               1 
_reflns.pdbx_CC_half                 ? 
_reflns.pdbx_Rpim_I_all              ? 
_reflns.pdbx_Rrim_I_all              ? 
# 
_reflns_shell.d_res_high             2.3 
_reflns_shell.d_res_low              2.38 
_reflns_shell.percent_possible_all   39.8 
_reflns_shell.Rmerge_I_obs           0.3 
_reflns_shell.pdbx_Rsym_value        ? 
_reflns_shell.meanI_over_sigI_obs    ? 
_reflns_shell.pdbx_redundancy        1.9 
_reflns_shell.percent_possible_obs   ? 
_reflns_shell.number_unique_all      247 
_reflns_shell.number_measured_all    ? 
_reflns_shell.number_measured_obs    ? 
_reflns_shell.number_unique_obs      ? 
_reflns_shell.pdbx_chi_squared       ? 
_reflns_shell.pdbx_ordinal           1 
_reflns_shell.pdbx_diffrn_id         1 
_reflns_shell.pdbx_CC_half           ? 
_reflns_shell.pdbx_Rpim_I_all        ? 
_reflns_shell.pdbx_Rrim_I_all        ? 
# 
_refine.entry_id                                 1XD7 
_refine.ls_number_reflns_obs                     5294 
_refine.ls_number_reflns_all                     ? 
_refine.pdbx_ls_sigma_I                          ? 
_refine.pdbx_ls_sigma_F                          0.0 
_refine.pdbx_data_cutoff_high_absF               220851.76 
_refine.pdbx_data_cutoff_low_absF                0.000000 
_refine.pdbx_data_cutoff_high_rms_absF           ? 
_refine.ls_d_res_low                             37.06 
_refine.ls_d_res_high                            2.30 
_refine.ls_percent_reflns_obs                    83.2 
_refine.ls_R_factor_obs                          0.26 
_refine.ls_R_factor_all                          ? 
_refine.ls_R_factor_R_work                       0.26 
_refine.ls_R_factor_R_free                       0.285 
_refine.ls_R_factor_R_free_error                 0.022 
_refine.ls_R_factor_R_free_error_details         ? 
_refine.ls_percent_reflns_R_free                 3.1 
_refine.ls_number_reflns_R_free                  162 
_refine.ls_number_parameters                     ? 
_refine.ls_number_restraints                     ? 
_refine.occupancy_min                            ? 
_refine.occupancy_max                            ? 
_refine.correlation_coeff_Fo_to_Fc               ? 
_refine.correlation_coeff_Fo_to_Fc_free          ? 
_refine.B_iso_mean                               50.8 
_refine.aniso_B[1][1]                            -14.42 
_refine.aniso_B[2][2]                            16.87 
_refine.aniso_B[3][3]                            -2.45 
_refine.aniso_B[1][2]                            0.00 
_refine.aniso_B[1][3]                            -2.98 
_refine.aniso_B[2][3]                            0.00 
_refine.solvent_model_details                    'FLAT MODEL' 
_refine.solvent_model_param_ksol                 0.347639 
_refine.solvent_model_param_bsol                 50.6301 
_refine.pdbx_solvent_vdw_probe_radii             ? 
_refine.pdbx_solvent_ion_probe_radii             ? 
_refine.pdbx_solvent_shrinkage_radii             ? 
_refine.pdbx_ls_cross_valid_method               THROUGHOUT 
_refine.details                                  
'the electron density was absent or weak for the missing residues. Data collected with native crystal was used for refinement.' 
_refine.pdbx_starting_model                      ? 
_refine.pdbx_method_to_determine_struct          MAD 
_refine.pdbx_isotropic_thermal_model             RESTRAINED 
_refine.pdbx_stereochemistry_target_values       ? 
_refine.pdbx_stereochem_target_val_spec_case     ? 
_refine.pdbx_R_Free_selection_details            RANDOM 
_refine.pdbx_overall_ESU_R                       ? 
_refine.pdbx_overall_ESU_R_Free                  ? 
_refine.overall_SU_ML                            ? 
_refine.overall_SU_B                             ? 
_refine.ls_redundancy_reflns_obs                 ? 
_refine.B_iso_min                                ? 
_refine.B_iso_max                                ? 
_refine.overall_SU_R_Cruickshank_DPI             ? 
_refine.overall_SU_R_free                        ? 
_refine.ls_wR_factor_R_free                      ? 
_refine.ls_wR_factor_R_work                      ? 
_refine.overall_FOM_free_R_set                   ? 
_refine.overall_FOM_work_R_set                   ? 
_refine.pdbx_refine_id                           'X-RAY DIFFRACTION' 
_refine.pdbx_diffrn_id                           1 
_refine.pdbx_TLS_residual_ADP_flag               ? 
_refine.pdbx_overall_phase_error                 ? 
_refine.pdbx_overall_SU_R_free_Cruickshank_DPI   ? 
_refine.pdbx_overall_SU_R_Blow_DPI               ? 
_refine.pdbx_overall_SU_R_free_Blow_DPI          ? 
# 
_refine_analyze.entry_id                        1XD7 
_refine_analyze.Luzzati_coordinate_error_obs    0.42 
_refine_analyze.Luzzati_sigma_a_obs             0.43 
_refine_analyze.Luzzati_d_res_low_obs           5.00 
_refine_analyze.Luzzati_coordinate_error_free   0.44 
_refine_analyze.Luzzati_sigma_a_free            0.41 
_refine_analyze.Luzzati_d_res_low_free          ? 
_refine_analyze.number_disordered_residues      ? 
_refine_analyze.occupancy_sum_hydrogen          ? 
_refine_analyze.occupancy_sum_non_hydrogen      ? 
_refine_analyze.pdbx_Luzzati_d_res_high_obs     ? 
_refine_analyze.pdbx_refine_id                  'X-RAY DIFFRACTION' 
# 
_refine_hist.pdbx_refine_id                   'X-RAY DIFFRACTION' 
_refine_hist.cycle_id                         LAST 
_refine_hist.pdbx_number_atoms_protein        883 
_refine_hist.pdbx_number_atoms_nucleic_acid   0 
_refine_hist.pdbx_number_atoms_ligand         5 
_refine_hist.number_atoms_solvent             6 
_refine_hist.number_atoms_total               894 
_refine_hist.d_res_high                       2.30 
_refine_hist.d_res_low                        37.06 
# 
loop_
_refine_ls_restr.type 
_refine_ls_restr.dev_ideal 
_refine_ls_restr.dev_ideal_target 
_refine_ls_restr.weight 
_refine_ls_restr.number 
_refine_ls_restr.pdbx_refine_id 
_refine_ls_restr.pdbx_restraint_function 
c_bond_d           0.010 ?    ? ? 'X-RAY DIFFRACTION' ? 
c_angle_deg        1.4   ?    ? ? 'X-RAY DIFFRACTION' ? 
c_dihedral_angle_d 19.2  ?    ? ? 'X-RAY DIFFRACTION' ? 
c_improper_angle_d 0.95  ?    ? ? 'X-RAY DIFFRACTION' ? 
c_mcbond_it        1.41  1.50 ? ? 'X-RAY DIFFRACTION' ? 
c_mcangle_it       2.43  2.00 ? ? 'X-RAY DIFFRACTION' ? 
c_scbond_it        2.01  2.00 ? ? 'X-RAY DIFFRACTION' ? 
c_scangle_it       3.10  2.50 ? ? 'X-RAY DIFFRACTION' ? 
# 
_refine_ls_shell.pdbx_total_number_of_bins_used   6 
_refine_ls_shell.d_res_high                       2.30 
_refine_ls_shell.d_res_low                        2.44 
_refine_ls_shell.number_reflns_R_work             428 
_refine_ls_shell.R_factor_R_work                  0.399 
_refine_ls_shell.percent_reflns_obs               41.8 
_refine_ls_shell.R_factor_R_free                  0.463 
_refine_ls_shell.R_factor_R_free_error            0.128 
_refine_ls_shell.percent_reflns_R_free            2.9 
_refine_ls_shell.number_reflns_R_free             13 
_refine_ls_shell.number_reflns_obs                ? 
_refine_ls_shell.redundancy_reflns_obs            ? 
_refine_ls_shell.number_reflns_all                ? 
_refine_ls_shell.pdbx_refine_id                   'X-RAY DIFFRACTION' 
_refine_ls_shell.R_factor_all                     ? 
_refine_ls_shell.R_factor_obs                     ? 
# 
loop_
_pdbx_xplor_file.serial_no 
_pdbx_xplor_file.param_file 
_pdbx_xplor_file.topol_file 
_pdbx_xplor_file.pdbx_refine_id 
1 PROTEIN_REP.PARAM PROTEIN.TOP 'X-RAY DIFFRACTION' 
2 ION.PARAM         ION.TOP     'X-RAY DIFFRACTION' 
3 WATER.PARAM       WATER.TOP   'X-RAY DIFFRACTION' 
# 
_struct.entry_id                  1XD7 
_struct.title                     'Crystal structure of a putative DNA binding protein' 
_struct.pdbx_model_details        ? 
_struct.pdbx_CASP_flag            ? 
_struct.pdbx_model_type_details   ? 
# 
_struct_keywords.entry_id        1XD7 
_struct_keywords.pdbx_keywords   'DNA BINDING PROTEIN' 
_struct_keywords.text            
;Structural Genomics, Protein Structure Initiative, winged helix DNA binding, hypothetical protein, PSI, New York SGX Research Center for Structural Genomics, NYSGXRC, DNA BINDING PROTEIN
;
# 
loop_
_struct_asym.id 
_struct_asym.pdbx_blank_PDB_chainid_flag 
_struct_asym.pdbx_modified 
_struct_asym.entity_id 
_struct_asym.details 
A N N 1 ? 
B N N 2 ? 
C N N 3 ? 
# 
_struct_ref.id                         1 
_struct_ref.db_name                    UNP 
_struct_ref.db_code                    P71036_BACSU 
_struct_ref.pdbx_db_accession          P71036 
_struct_ref.entity_id                  1 
_struct_ref.pdbx_seq_one_letter_code   
;INSRLAVAIHILSLISMDEKTSSEIIADSVNTNPVVVRRMISLLKKADILTSRAGVPGASLKKDPADISLLEVYRAVQKQ
EELFAVHENPNPKCPVGKKIQNALDETFESVQRAMENELASKSLKDVMNHLF
;
_struct_ref.pdbx_align_begin           2 
_struct_ref.pdbx_db_isoform            ? 
# 
_struct_ref_seq.align_id                      1 
_struct_ref_seq.ref_id                        1 
_struct_ref_seq.pdbx_PDB_id_code              1XD7 
_struct_ref_seq.pdbx_strand_id                A 
_struct_ref_seq.seq_align_beg                 4 
_struct_ref_seq.pdbx_seq_align_beg_ins_code   ? 
_struct_ref_seq.seq_align_end                 135 
_struct_ref_seq.pdbx_seq_align_end_ins_code   ? 
_struct_ref_seq.pdbx_db_accession             P71036 
_struct_ref_seq.db_align_beg                  2 
_struct_ref_seq.pdbx_db_align_beg_ins_code    ? 
_struct_ref_seq.db_align_end                  133 
_struct_ref_seq.pdbx_db_align_end_ins_code    ? 
_struct_ref_seq.pdbx_auth_seq_align_beg       4 
_struct_ref_seq.pdbx_auth_seq_align_end       135 
# 
loop_
_struct_ref_seq_dif.align_id 
_struct_ref_seq_dif.pdbx_pdb_id_code 
_struct_ref_seq_dif.mon_id 
_struct_ref_seq_dif.pdbx_pdb_strand_id 
_struct_ref_seq_dif.seq_num 
_struct_ref_seq_dif.pdbx_pdb_ins_code 
_struct_ref_seq_dif.pdbx_seq_db_name 
_struct_ref_seq_dif.pdbx_seq_db_accession_code 
_struct_ref_seq_dif.db_mon_id 
_struct_ref_seq_dif.pdbx_seq_db_seq_num 
_struct_ref_seq_dif.details 
_struct_ref_seq_dif.pdbx_auth_seq_num 
_struct_ref_seq_dif.pdbx_ordinal 
1 1XD7 MET A 1   ? UNP P71036 ? ? 'cloning artifact' 1   1  
1 1XD7 SER A 2   ? UNP P71036 ? ? 'cloning artifact' 2   2  
1 1XD7 LEU A 3   ? UNP P71036 ? ? 'cloning artifact' 3   3  
1 1XD7 GLU A 136 ? UNP P71036 ? ? 'expression tag'   136 4  
1 1XD7 GLY A 137 ? UNP P71036 ? ? 'expression tag'   137 5  
1 1XD7 GLY A 138 ? UNP P71036 ? ? 'expression tag'   138 6  
1 1XD7 SER A 139 ? UNP P71036 ? ? 'expression tag'   139 7  
1 1XD7 HIS A 140 ? UNP P71036 ? ? 'expression tag'   140 8  
1 1XD7 HIS A 141 ? UNP P71036 ? ? 'expression tag'   141 9  
1 1XD7 HIS A 142 ? UNP P71036 ? ? 'expression tag'   142 10 
1 1XD7 HIS A 143 ? UNP P71036 ? ? 'expression tag'   143 11 
1 1XD7 HIS A 144 ? UNP P71036 ? ? 'expression tag'   144 12 
1 1XD7 HIS A 145 ? UNP P71036 ? ? 'expression tag'   145 13 
# 
_pdbx_struct_assembly.id                   1 
_pdbx_struct_assembly.details              author_and_software_defined_assembly 
_pdbx_struct_assembly.method_details       PISA,PQS 
_pdbx_struct_assembly.oligomeric_details   dimeric 
_pdbx_struct_assembly.oligomeric_count     2 
# 
loop_
_pdbx_struct_assembly_prop.biol_id 
_pdbx_struct_assembly_prop.type 
_pdbx_struct_assembly_prop.value 
_pdbx_struct_assembly_prop.details 
1 'ABSA (A^2)' 2930  ? 
1 MORE         -48   ? 
1 'SSA (A^2)'  12790 ? 
# 
_pdbx_struct_assembly_gen.assembly_id       1 
_pdbx_struct_assembly_gen.oper_expression   1,2 
_pdbx_struct_assembly_gen.asym_id_list      A,B,C 
# 
loop_
_pdbx_struct_oper_list.id 
_pdbx_struct_oper_list.type 
_pdbx_struct_oper_list.name 
_pdbx_struct_oper_list.symmetry_operation 
_pdbx_struct_oper_list.matrix[1][1] 
_pdbx_struct_oper_list.matrix[1][2] 
_pdbx_struct_oper_list.matrix[1][3] 
_pdbx_struct_oper_list.vector[1] 
_pdbx_struct_oper_list.matrix[2][1] 
_pdbx_struct_oper_list.matrix[2][2] 
_pdbx_struct_oper_list.matrix[2][3] 
_pdbx_struct_oper_list.vector[2] 
_pdbx_struct_oper_list.matrix[3][1] 
_pdbx_struct_oper_list.matrix[3][2] 
_pdbx_struct_oper_list.matrix[3][3] 
_pdbx_struct_oper_list.vector[3] 
1 'identity operation'         1_555 x,y,z   1.0000000000 0.0000000000 0.0000000000 0.0000000000  0.0000000000 1.0000000000  0.0000000000 0.0000000000   0.0000000000 0.0000000000 1.0000000000  0.0000000000 
2 'crystal symmetry operation' 2_555 -x,y,-z 0.4174288872 0.8697435976 0.2632474096 14.1008288349 0.8697435976 -0.4663196635 0.1615303252 -24.0783548011 0.2632474096 0.1615303252 -0.9511092237 3.6280425543 
# 
_struct_biol.id                    1 
_struct_biol.details               'The second part of the dimer is generated by the symmetry operator -x, y, -z' 
_struct_biol.pdbx_parent_biol_id   ? 
# 
loop_
_struct_conf.conf_type_id 
_struct_conf.id 
_struct_conf.pdbx_PDB_helix_id 
_struct_conf.beg_label_comp_id 
_struct_conf.beg_label_asym_id 
_struct_conf.beg_label_seq_id 
_struct_conf.pdbx_beg_PDB_ins_code 
_struct_conf.end_label_comp_id 
_struct_conf.end_label_asym_id 
_struct_conf.end_label_seq_id 
_struct_conf.pdbx_end_PDB_ins_code 
_struct_conf.beg_auth_comp_id 
_struct_conf.beg_auth_asym_id 
_struct_conf.beg_auth_seq_id 
_struct_conf.end_auth_comp_id 
_struct_conf.end_auth_asym_id 
_struct_conf.end_auth_seq_id 
_struct_conf.pdbx_PDB_helix_class 
_struct_conf.details 
_struct_conf.pdbx_PDB_helix_length 
HELX_P HELX_P1 1 SER A 6   ? MET A 20  ? SER A 6   MET A 20  1 ? 15 
HELX_P HELX_P2 2 SER A 25  ? ASN A 34  ? SER A 25  ASN A 34  1 ? 10 
HELX_P HELX_P3 3 ASN A 36  ? ALA A 50  ? ASN A 36  ALA A 50  1 ? 15 
HELX_P HELX_P4 4 SER A 72  ? GLN A 81  ? SER A 72  GLN A 81  1 ? 10 
HELX_P HELX_P5 5 CYS A 97  ? ALA A 123 ? CYS A 97  ALA A 123 1 ? 27 
HELX_P HELX_P6 6 SER A 126 ? MET A 131 ? SER A 126 MET A 131 1 ? 6  
# 
_struct_conf_type.id          HELX_P 
_struct_conf_type.criteria    ? 
_struct_conf_type.reference   ? 
# 
_struct_mon_prot_cis.pdbx_id                1 
_struct_mon_prot_cis.label_comp_id          ASN 
_struct_mon_prot_cis.label_seq_id           94 
_struct_mon_prot_cis.label_asym_id          A 
_struct_mon_prot_cis.label_alt_id           . 
_struct_mon_prot_cis.pdbx_PDB_ins_code      ? 
_struct_mon_prot_cis.auth_comp_id           ASN 
_struct_mon_prot_cis.auth_seq_id            94 
_struct_mon_prot_cis.auth_asym_id           A 
_struct_mon_prot_cis.pdbx_label_comp_id_2   PRO 
_struct_mon_prot_cis.pdbx_label_seq_id_2    95 
_struct_mon_prot_cis.pdbx_label_asym_id_2   A 
_struct_mon_prot_cis.pdbx_PDB_ins_code_2    ? 
_struct_mon_prot_cis.pdbx_auth_comp_id_2    PRO 
_struct_mon_prot_cis.pdbx_auth_seq_id_2     95 
_struct_mon_prot_cis.pdbx_auth_asym_id_2    A 
_struct_mon_prot_cis.pdbx_PDB_model_num     1 
_struct_mon_prot_cis.pdbx_omega_angle       -0.22 
# 
_struct_sheet.id               A 
_struct_sheet.type             ? 
_struct_sheet.number_strands   2 
_struct_sheet.details          ? 
# 
_struct_sheet_order.sheet_id     A 
_struct_sheet_order.range_id_1   1 
_struct_sheet_order.range_id_2   2 
_struct_sheet_order.offset       ? 
_struct_sheet_order.sense        anti-parallel 
# 
loop_
_struct_sheet_range.sheet_id 
_struct_sheet_range.id 
_struct_sheet_range.beg_label_comp_id 
_struct_sheet_range.beg_label_asym_id 
_struct_sheet_range.beg_label_seq_id 
_struct_sheet_range.pdbx_beg_PDB_ins_code 
_struct_sheet_range.end_label_comp_id 
_struct_sheet_range.end_label_asym_id 
_struct_sheet_range.end_label_seq_id 
_struct_sheet_range.pdbx_end_PDB_ins_code 
_struct_sheet_range.beg_auth_comp_id 
_struct_sheet_range.beg_auth_asym_id 
_struct_sheet_range.beg_auth_seq_id 
_struct_sheet_range.end_auth_comp_id 
_struct_sheet_range.end_auth_asym_id 
_struct_sheet_range.end_auth_seq_id 
A 1 LEU A 53 ? THR A 54 ? LEU A 53 THR A 54 
A 2 SER A 63 ? LEU A 64 ? SER A 63 LEU A 64 
# 
_pdbx_struct_sheet_hbond.sheet_id                A 
_pdbx_struct_sheet_hbond.range_id_1              1 
_pdbx_struct_sheet_hbond.range_id_2              2 
_pdbx_struct_sheet_hbond.range_1_label_atom_id   N 
_pdbx_struct_sheet_hbond.range_1_label_comp_id   THR 
_pdbx_struct_sheet_hbond.range_1_label_asym_id   A 
_pdbx_struct_sheet_hbond.range_1_label_seq_id    54 
_pdbx_struct_sheet_hbond.range_1_PDB_ins_code    ? 
_pdbx_struct_sheet_hbond.range_1_auth_atom_id    N 
_pdbx_struct_sheet_hbond.range_1_auth_comp_id    THR 
_pdbx_struct_sheet_hbond.range_1_auth_asym_id    A 
_pdbx_struct_sheet_hbond.range_1_auth_seq_id     54 
_pdbx_struct_sheet_hbond.range_2_label_atom_id   O 
_pdbx_struct_sheet_hbond.range_2_label_comp_id   SER 
_pdbx_struct_sheet_hbond.range_2_label_asym_id   A 
_pdbx_struct_sheet_hbond.range_2_label_seq_id    63 
_pdbx_struct_sheet_hbond.range_2_PDB_ins_code    ? 
_pdbx_struct_sheet_hbond.range_2_auth_atom_id    O 
_pdbx_struct_sheet_hbond.range_2_auth_comp_id    SER 
_pdbx_struct_sheet_hbond.range_2_auth_asym_id    A 
_pdbx_struct_sheet_hbond.range_2_auth_seq_id     63 
# 
_struct_site.id                   AC1 
_struct_site.pdbx_evidence_code   Software 
_struct_site.pdbx_auth_asym_id    A 
_struct_site.pdbx_auth_comp_id    SO4 
_struct_site.pdbx_auth_seq_id     190 
_struct_site.pdbx_auth_ins_code   ? 
_struct_site.pdbx_num_residues    8 
_struct_site.details              'BINDING SITE FOR RESIDUE SO4 A 190' 
# 
loop_
_struct_site_gen.id 
_struct_site_gen.site_id 
_struct_site_gen.pdbx_num_res 
_struct_site_gen.label_comp_id 
_struct_site_gen.label_asym_id 
_struct_site_gen.label_seq_id 
_struct_site_gen.pdbx_auth_ins_code 
_struct_site_gen.auth_comp_id 
_struct_site_gen.auth_asym_id 
_struct_site_gen.auth_seq_id 
_struct_site_gen.label_atom_id 
_struct_site_gen.label_alt_id 
_struct_site_gen.symmetry 
_struct_site_gen.details 
1 AC1 8 SER A 25  ? SER A 25  . ? 1_555 ? 
2 AC1 8 SER A 26  ? SER A 26  . ? 1_555 ? 
3 AC1 8 ARG A 41  ? ARG A 41  . ? 1_555 ? 
4 AC1 8 PRO A 60  ? PRO A 60  . ? 1_555 ? 
5 AC1 8 GLY A 61  ? GLY A 61  . ? 1_555 ? 
6 AC1 8 ARG A 116 ? ARG A 116 . ? 4_545 ? 
7 AC1 8 ASN A 120 ? ASN A 120 . ? 4_545 ? 
8 AC1 8 HOH C .   ? HOH A 196 . ? 1_555 ? 
# 
loop_
_pdbx_validate_torsion.id 
_pdbx_validate_torsion.PDB_model_num 
_pdbx_validate_torsion.auth_comp_id 
_pdbx_validate_torsion.auth_asym_id 
_pdbx_validate_torsion.auth_seq_id 
_pdbx_validate_torsion.PDB_ins_code 
_pdbx_validate_torsion.label_alt_id 
_pdbx_validate_torsion.phi 
_pdbx_validate_torsion.psi 
1 1 ASP A 21 ? ? 43.84   76.59   
2 1 ALA A 57 ? ? -23.27  141.61  
3 1 ALA A 62 ? ? -150.55 -159.06 
# 
_pdbx_SG_project.id                    1 
_pdbx_SG_project.project_name          'PSI, Protein Structure Initiative' 
_pdbx_SG_project.full_name_of_center   'New York SGX Research Center for Structural Genomics' 
_pdbx_SG_project.initial_of_center     NYSGXRC 
# 
loop_
_pdbx_unobs_or_zero_occ_residues.id 
_pdbx_unobs_or_zero_occ_residues.PDB_model_num 
_pdbx_unobs_or_zero_occ_residues.polymer_flag 
_pdbx_unobs_or_zero_occ_residues.occupancy_flag 
_pdbx_unobs_or_zero_occ_residues.auth_asym_id 
_pdbx_unobs_or_zero_occ_residues.auth_comp_id 
_pdbx_unobs_or_zero_occ_residues.auth_seq_id 
_pdbx_unobs_or_zero_occ_residues.PDB_ins_code 
_pdbx_unobs_or_zero_occ_residues.label_asym_id 
_pdbx_unobs_or_zero_occ_residues.label_comp_id 
_pdbx_unobs_or_zero_occ_residues.label_seq_id 
1  1 Y 1 A MET 1   ? A MET 1   
2  1 Y 1 A SER 2   ? A SER 2   
3  1 Y 1 A LEU 3   ? A LEU 3   
4  1 Y 1 A ILE 4   ? A ILE 4   
5  1 Y 1 A ASN 5   ? A ASN 5   
6  1 Y 1 A GLN 83  ? A GLN 83  
7  1 Y 1 A GLU 84  ? A GLU 84  
8  1 Y 1 A GLU 85  ? A GLU 85  
9  1 Y 1 A LEU 86  ? A LEU 86  
10 1 Y 1 A PHE 87  ? A PHE 87  
11 1 Y 1 A ALA 88  ? A ALA 88  
12 1 Y 1 A VAL 89  ? A VAL 89  
13 1 Y 1 A HIS 90  ? A HIS 90  
14 1 Y 1 A GLU 91  ? A GLU 91  
15 1 Y 1 A ASN 92  ? A ASN 92  
16 1 Y 1 A PRO 93  ? A PRO 93  
17 1 Y 1 A HIS 133 ? A HIS 133 
18 1 Y 1 A LEU 134 ? A LEU 134 
19 1 Y 1 A PHE 135 ? A PHE 135 
20 1 Y 1 A GLU 136 ? A GLU 136 
21 1 Y 1 A GLY 137 ? A GLY 137 
22 1 Y 1 A GLY 138 ? A GLY 138 
23 1 Y 1 A SER 139 ? A SER 139 
24 1 Y 1 A HIS 140 ? A HIS 140 
25 1 Y 1 A HIS 141 ? A HIS 141 
26 1 Y 1 A HIS 142 ? A HIS 142 
27 1 Y 1 A HIS 143 ? A HIS 143 
28 1 Y 1 A HIS 144 ? A HIS 144 
29 1 Y 1 A HIS 145 ? A HIS 145 
# 
loop_
_chem_comp_atom.comp_id 
_chem_comp_atom.atom_id 
_chem_comp_atom.type_symbol 
_chem_comp_atom.pdbx_aromatic_flag 
_chem_comp_atom.pdbx_stereo_config 
_chem_comp_atom.pdbx_ordinal 
ALA N    N N N 1   
ALA CA   C N S 2   
ALA C    C N N 3   
ALA O    O N N 4   
ALA CB   C N N 5   
ALA OXT  O N N 6   
ALA H    H N N 7   
ALA H2   H N N 8   
ALA HA   H N N 9   
ALA HB1  H N N 10  
ALA HB2  H N N 11  
ALA HB3  H N N 12  
ALA HXT  H N N 13  
ARG N    N N N 14  
ARG CA   C N S 15  
ARG C    C N N 16  
ARG O    O N N 17  
ARG CB   C N N 18  
ARG CG   C N N 19  
ARG CD   C N N 20  
ARG NE   N N N 21  
ARG CZ   C N N 22  
ARG NH1  N N N 23  
ARG NH2  N N N 24  
ARG OXT  O N N 25  
ARG H    H N N 26  
ARG H2   H N N 27  
ARG HA   H N N 28  
ARG HB2  H N N 29  
ARG HB3  H N N 30  
ARG HG2  H N N 31  
ARG HG3  H N N 32  
ARG HD2  H N N 33  
ARG HD3  H N N 34  
ARG HE   H N N 35  
ARG HH11 H N N 36  
ARG HH12 H N N 37  
ARG HH21 H N N 38  
ARG HH22 H N N 39  
ARG HXT  H N N 40  
ASN N    N N N 41  
ASN CA   C N S 42  
ASN C    C N N 43  
ASN O    O N N 44  
ASN CB   C N N 45  
ASN CG   C N N 46  
ASN OD1  O N N 47  
ASN ND2  N N N 48  
ASN OXT  O N N 49  
ASN H    H N N 50  
ASN H2   H N N 51  
ASN HA   H N N 52  
ASN HB2  H N N 53  
ASN HB3  H N N 54  
ASN HD21 H N N 55  
ASN HD22 H N N 56  
ASN HXT  H N N 57  
ASP N    N N N 58  
ASP CA   C N S 59  
ASP C    C N N 60  
ASP O    O N N 61  
ASP CB   C N N 62  
ASP CG   C N N 63  
ASP OD1  O N N 64  
ASP OD2  O N N 65  
ASP OXT  O N N 66  
ASP H    H N N 67  
ASP H2   H N N 68  
ASP HA   H N N 69  
ASP HB2  H N N 70  
ASP HB3  H N N 71  
ASP HD2  H N N 72  
ASP HXT  H N N 73  
CYS N    N N N 74  
CYS CA   C N R 75  
CYS C    C N N 76  
CYS O    O N N 77  
CYS CB   C N N 78  
CYS SG   S N N 79  
CYS OXT  O N N 80  
CYS H    H N N 81  
CYS H2   H N N 82  
CYS HA   H N N 83  
CYS HB2  H N N 84  
CYS HB3  H N N 85  
CYS HG   H N N 86  
CYS HXT  H N N 87  
GLN N    N N N 88  
GLN CA   C N S 89  
GLN C    C N N 90  
GLN O    O N N 91  
GLN CB   C N N 92  
GLN CG   C N N 93  
GLN CD   C N N 94  
GLN OE1  O N N 95  
GLN NE2  N N N 96  
GLN OXT  O N N 97  
GLN H    H N N 98  
GLN H2   H N N 99  
GLN HA   H N N 100 
GLN HB2  H N N 101 
GLN HB3  H N N 102 
GLN HG2  H N N 103 
GLN HG3  H N N 104 
GLN HE21 H N N 105 
GLN HE22 H N N 106 
GLN HXT  H N N 107 
GLU N    N N N 108 
GLU CA   C N S 109 
GLU C    C N N 110 
GLU O    O N N 111 
GLU CB   C N N 112 
GLU CG   C N N 113 
GLU CD   C N N 114 
GLU OE1  O N N 115 
GLU OE2  O N N 116 
GLU OXT  O N N 117 
GLU H    H N N 118 
GLU H2   H N N 119 
GLU HA   H N N 120 
GLU HB2  H N N 121 
GLU HB3  H N N 122 
GLU HG2  H N N 123 
GLU HG3  H N N 124 
GLU HE2  H N N 125 
GLU HXT  H N N 126 
GLY N    N N N 127 
GLY CA   C N N 128 
GLY C    C N N 129 
GLY O    O N N 130 
GLY OXT  O N N 131 
GLY H    H N N 132 
GLY H2   H N N 133 
GLY HA2  H N N 134 
GLY HA3  H N N 135 
GLY HXT  H N N 136 
HIS N    N N N 137 
HIS CA   C N S 138 
HIS C    C N N 139 
HIS O    O N N 140 
HIS CB   C N N 141 
HIS CG   C Y N 142 
HIS ND1  N Y N 143 
HIS CD2  C Y N 144 
HIS CE1  C Y N 145 
HIS NE2  N Y N 146 
HIS OXT  O N N 147 
HIS H    H N N 148 
HIS H2   H N N 149 
HIS HA   H N N 150 
HIS HB2  H N N 151 
HIS HB3  H N N 152 
HIS HD1  H N N 153 
HIS HD2  H N N 154 
HIS HE1  H N N 155 
HIS HE2  H N N 156 
HIS HXT  H N N 157 
HOH O    O N N 158 
HOH H1   H N N 159 
HOH H2   H N N 160 
ILE N    N N N 161 
ILE CA   C N S 162 
ILE C    C N N 163 
ILE O    O N N 164 
ILE CB   C N S 165 
ILE CG1  C N N 166 
ILE CG2  C N N 167 
ILE CD1  C N N 168 
ILE OXT  O N N 169 
ILE H    H N N 170 
ILE H2   H N N 171 
ILE HA   H N N 172 
ILE HB   H N N 173 
ILE HG12 H N N 174 
ILE HG13 H N N 175 
ILE HG21 H N N 176 
ILE HG22 H N N 177 
ILE HG23 H N N 178 
ILE HD11 H N N 179 
ILE HD12 H N N 180 
ILE HD13 H N N 181 
ILE HXT  H N N 182 
LEU N    N N N 183 
LEU CA   C N S 184 
LEU C    C N N 185 
LEU O    O N N 186 
LEU CB   C N N 187 
LEU CG   C N N 188 
LEU CD1  C N N 189 
LEU CD2  C N N 190 
LEU OXT  O N N 191 
LEU H    H N N 192 
LEU H2   H N N 193 
LEU HA   H N N 194 
LEU HB2  H N N 195 
LEU HB3  H N N 196 
LEU HG   H N N 197 
LEU HD11 H N N 198 
LEU HD12 H N N 199 
LEU HD13 H N N 200 
LEU HD21 H N N 201 
LEU HD22 H N N 202 
LEU HD23 H N N 203 
LEU HXT  H N N 204 
LYS N    N N N 205 
LYS CA   C N S 206 
LYS C    C N N 207 
LYS O    O N N 208 
LYS CB   C N N 209 
LYS CG   C N N 210 
LYS CD   C N N 211 
LYS CE   C N N 212 
LYS NZ   N N N 213 
LYS OXT  O N N 214 
LYS H    H N N 215 
LYS H2   H N N 216 
LYS HA   H N N 217 
LYS HB2  H N N 218 
LYS HB3  H N N 219 
LYS HG2  H N N 220 
LYS HG3  H N N 221 
LYS HD2  H N N 222 
LYS HD3  H N N 223 
LYS HE2  H N N 224 
LYS HE3  H N N 225 
LYS HZ1  H N N 226 
LYS HZ2  H N N 227 
LYS HZ3  H N N 228 
LYS HXT  H N N 229 
MET N    N N N 230 
MET CA   C N S 231 
MET C    C N N 232 
MET O    O N N 233 
MET CB   C N N 234 
MET CG   C N N 235 
MET SD   S N N 236 
MET CE   C N N 237 
MET OXT  O N N 238 
MET H    H N N 239 
MET H2   H N N 240 
MET HA   H N N 241 
MET HB2  H N N 242 
MET HB3  H N N 243 
MET HG2  H N N 244 
MET HG3  H N N 245 
MET HE1  H N N 246 
MET HE2  H N N 247 
MET HE3  H N N 248 
MET HXT  H N N 249 
PHE N    N N N 250 
PHE CA   C N S 251 
PHE C    C N N 252 
PHE O    O N N 253 
PHE CB   C N N 254 
PHE CG   C Y N 255 
PHE CD1  C Y N 256 
PHE CD2  C Y N 257 
PHE CE1  C Y N 258 
PHE CE2  C Y N 259 
PHE CZ   C Y N 260 
PHE OXT  O N N 261 
PHE H    H N N 262 
PHE H2   H N N 263 
PHE HA   H N N 264 
PHE HB2  H N N 265 
PHE HB3  H N N 266 
PHE HD1  H N N 267 
PHE HD2  H N N 268 
PHE HE1  H N N 269 
PHE HE2  H N N 270 
PHE HZ   H N N 271 
PHE HXT  H N N 272 
PRO N    N N N 273 
PRO CA   C N S 274 
PRO C    C N N 275 
PRO O    O N N 276 
PRO CB   C N N 277 
PRO CG   C N N 278 
PRO CD   C N N 279 
PRO OXT  O N N 280 
PRO H    H N N 281 
PRO HA   H N N 282 
PRO HB2  H N N 283 
PRO HB3  H N N 284 
PRO HG2  H N N 285 
PRO HG3  H N N 286 
PRO HD2  H N N 287 
PRO HD3  H N N 288 
PRO HXT  H N N 289 
SER N    N N N 290 
SER CA   C N S 291 
SER C    C N N 292 
SER O    O N N 293 
SER CB   C N N 294 
SER OG   O N N 295 
SER OXT  O N N 296 
SER H    H N N 297 
SER H2   H N N 298 
SER HA   H N N 299 
SER HB2  H N N 300 
SER HB3  H N N 301 
SER HG   H N N 302 
SER HXT  H N N 303 
SO4 S    S N N 304 
SO4 O1   O N N 305 
SO4 O2   O N N 306 
SO4 O3   O N N 307 
SO4 O4   O N N 308 
THR N    N N N 309 
THR CA   C N S 310 
THR C    C N N 311 
THR O    O N N 312 
THR CB   C N R 313 
THR OG1  O N N 314 
THR CG2  C N N 315 
THR OXT  O N N 316 
THR H    H N N 317 
THR H2   H N N 318 
THR HA   H N N 319 
THR HB   H N N 320 
THR HG1  H N N 321 
THR HG21 H N N 322 
THR HG22 H N N 323 
THR HG23 H N N 324 
THR HXT  H N N 325 
TYR N    N N N 326 
TYR CA   C N S 327 
TYR C    C N N 328 
TYR O    O N N 329 
TYR CB   C N N 330 
TYR CG   C Y N 331 
TYR CD1  C Y N 332 
TYR CD2  C Y N 333 
TYR CE1  C Y N 334 
TYR CE2  C Y N 335 
TYR CZ   C Y N 336 
TYR OH   O N N 337 
TYR OXT  O N N 338 
TYR H    H N N 339 
TYR H2   H N N 340 
TYR HA   H N N 341 
TYR HB2  H N N 342 
TYR HB3  H N N 343 
TYR HD1  H N N 344 
TYR HD2  H N N 345 
TYR HE1  H N N 346 
TYR HE2  H N N 347 
TYR HH   H N N 348 
TYR HXT  H N N 349 
VAL N    N N N 350 
VAL CA   C N S 351 
VAL C    C N N 352 
VAL O    O N N 353 
VAL CB   C N N 354 
VAL CG1  C N N 355 
VAL CG2  C N N 356 
VAL OXT  O N N 357 
VAL H    H N N 358 
VAL H2   H N N 359 
VAL HA   H N N 360 
VAL HB   H N N 361 
VAL HG11 H N N 362 
VAL HG12 H N N 363 
VAL HG13 H N N 364 
VAL HG21 H N N 365 
VAL HG22 H N N 366 
VAL HG23 H N N 367 
VAL HXT  H N N 368 
# 
loop_
_chem_comp_bond.comp_id 
_chem_comp_bond.atom_id_1 
_chem_comp_bond.atom_id_2 
_chem_comp_bond.value_order 
_chem_comp_bond.pdbx_aromatic_flag 
_chem_comp_bond.pdbx_stereo_config 
_chem_comp_bond.pdbx_ordinal 
ALA N   CA   sing N N 1   
ALA N   H    sing N N 2   
ALA N   H2   sing N N 3   
ALA CA  C    sing N N 4   
ALA CA  CB   sing N N 5   
ALA CA  HA   sing N N 6   
ALA C   O    doub N N 7   
ALA C   OXT  sing N N 8   
ALA CB  HB1  sing N N 9   
ALA CB  HB2  sing N N 10  
ALA CB  HB3  sing N N 11  
ALA OXT HXT  sing N N 12  
ARG N   CA   sing N N 13  
ARG N   H    sing N N 14  
ARG N   H2   sing N N 15  
ARG CA  C    sing N N 16  
ARG CA  CB   sing N N 17  
ARG CA  HA   sing N N 18  
ARG C   O    doub N N 19  
ARG C   OXT  sing N N 20  
ARG CB  CG   sing N N 21  
ARG CB  HB2  sing N N 22  
ARG CB  HB3  sing N N 23  
ARG CG  CD   sing N N 24  
ARG CG  HG2  sing N N 25  
ARG CG  HG3  sing N N 26  
ARG CD  NE   sing N N 27  
ARG CD  HD2  sing N N 28  
ARG CD  HD3  sing N N 29  
ARG NE  CZ   sing N N 30  
ARG NE  HE   sing N N 31  
ARG CZ  NH1  sing N N 32  
ARG CZ  NH2  doub N N 33  
ARG NH1 HH11 sing N N 34  
ARG NH1 HH12 sing N N 35  
ARG NH2 HH21 sing N N 36  
ARG NH2 HH22 sing N N 37  
ARG OXT HXT  sing N N 38  
ASN N   CA   sing N N 39  
ASN N   H    sing N N 40  
ASN N   H2   sing N N 41  
ASN CA  C    sing N N 42  
ASN CA  CB   sing N N 43  
ASN CA  HA   sing N N 44  
ASN C   O    doub N N 45  
ASN C   OXT  sing N N 46  
ASN CB  CG   sing N N 47  
ASN CB  HB2  sing N N 48  
ASN CB  HB3  sing N N 49  
ASN CG  OD1  doub N N 50  
ASN CG  ND2  sing N N 51  
ASN ND2 HD21 sing N N 52  
ASN ND2 HD22 sing N N 53  
ASN OXT HXT  sing N N 54  
ASP N   CA   sing N N 55  
ASP N   H    sing N N 56  
ASP N   H2   sing N N 57  
ASP CA  C    sing N N 58  
ASP CA  CB   sing N N 59  
ASP CA  HA   sing N N 60  
ASP C   O    doub N N 61  
ASP C   OXT  sing N N 62  
ASP CB  CG   sing N N 63  
ASP CB  HB2  sing N N 64  
ASP CB  HB3  sing N N 65  
ASP CG  OD1  doub N N 66  
ASP CG  OD2  sing N N 67  
ASP OD2 HD2  sing N N 68  
ASP OXT HXT  sing N N 69  
CYS N   CA   sing N N 70  
CYS N   H    sing N N 71  
CYS N   H2   sing N N 72  
CYS CA  C    sing N N 73  
CYS CA  CB   sing N N 74  
CYS CA  HA   sing N N 75  
CYS C   O    doub N N 76  
CYS C   OXT  sing N N 77  
CYS CB  SG   sing N N 78  
CYS CB  HB2  sing N N 79  
CYS CB  HB3  sing N N 80  
CYS SG  HG   sing N N 81  
CYS OXT HXT  sing N N 82  
GLN N   CA   sing N N 83  
GLN N   H    sing N N 84  
GLN N   H2   sing N N 85  
GLN CA  C    sing N N 86  
GLN CA  CB   sing N N 87  
GLN CA  HA   sing N N 88  
GLN C   O    doub N N 89  
GLN C   OXT  sing N N 90  
GLN CB  CG   sing N N 91  
GLN CB  HB2  sing N N 92  
GLN CB  HB3  sing N N 93  
GLN CG  CD   sing N N 94  
GLN CG  HG2  sing N N 95  
GLN CG  HG3  sing N N 96  
GLN CD  OE1  doub N N 97  
GLN CD  NE2  sing N N 98  
GLN NE2 HE21 sing N N 99  
GLN NE2 HE22 sing N N 100 
GLN OXT HXT  sing N N 101 
GLU N   CA   sing N N 102 
GLU N   H    sing N N 103 
GLU N   H2   sing N N 104 
GLU CA  C    sing N N 105 
GLU CA  CB   sing N N 106 
GLU CA  HA   sing N N 107 
GLU C   O    doub N N 108 
GLU C   OXT  sing N N 109 
GLU CB  CG   sing N N 110 
GLU CB  HB2  sing N N 111 
GLU CB  HB3  sing N N 112 
GLU CG  CD   sing N N 113 
GLU CG  HG2  sing N N 114 
GLU CG  HG3  sing N N 115 
GLU CD  OE1  doub N N 116 
GLU CD  OE2  sing N N 117 
GLU OE2 HE2  sing N N 118 
GLU OXT HXT  sing N N 119 
GLY N   CA   sing N N 120 
GLY N   H    sing N N 121 
GLY N   H2   sing N N 122 
GLY CA  C    sing N N 123 
GLY CA  HA2  sing N N 124 
GLY CA  HA3  sing N N 125 
GLY C   O    doub N N 126 
GLY C   OXT  sing N N 127 
GLY OXT HXT  sing N N 128 
HIS N   CA   sing N N 129 
HIS N   H    sing N N 130 
HIS N   H2   sing N N 131 
HIS CA  C    sing N N 132 
HIS CA  CB   sing N N 133 
HIS CA  HA   sing N N 134 
HIS C   O    doub N N 135 
HIS C   OXT  sing N N 136 
HIS CB  CG   sing N N 137 
HIS CB  HB2  sing N N 138 
HIS CB  HB3  sing N N 139 
HIS CG  ND1  sing Y N 140 
HIS CG  CD2  doub Y N 141 
HIS ND1 CE1  doub Y N 142 
HIS ND1 HD1  sing N N 143 
HIS CD2 NE2  sing Y N 144 
HIS CD2 HD2  sing N N 145 
HIS CE1 NE2  sing Y N 146 
HIS CE1 HE1  sing N N 147 
HIS NE2 HE2  sing N N 148 
HIS OXT HXT  sing N N 149 
HOH O   H1   sing N N 150 
HOH O   H2   sing N N 151 
ILE N   CA   sing N N 152 
ILE N   H    sing N N 153 
ILE N   H2   sing N N 154 
ILE CA  C    sing N N 155 
ILE CA  CB   sing N N 156 
ILE CA  HA   sing N N 157 
ILE C   O    doub N N 158 
ILE C   OXT  sing N N 159 
ILE CB  CG1  sing N N 160 
ILE CB  CG2  sing N N 161 
ILE CB  HB   sing N N 162 
ILE CG1 CD1  sing N N 163 
ILE CG1 HG12 sing N N 164 
ILE CG1 HG13 sing N N 165 
ILE CG2 HG21 sing N N 166 
ILE CG2 HG22 sing N N 167 
ILE CG2 HG23 sing N N 168 
ILE CD1 HD11 sing N N 169 
ILE CD1 HD12 sing N N 170 
ILE CD1 HD13 sing N N 171 
ILE OXT HXT  sing N N 172 
LEU N   CA   sing N N 173 
LEU N   H    sing N N 174 
LEU N   H2   sing N N 175 
LEU CA  C    sing N N 176 
LEU CA  CB   sing N N 177 
LEU CA  HA   sing N N 178 
LEU C   O    doub N N 179 
LEU C   OXT  sing N N 180 
LEU CB  CG   sing N N 181 
LEU CB  HB2  sing N N 182 
LEU CB  HB3  sing N N 183 
LEU CG  CD1  sing N N 184 
LEU CG  CD2  sing N N 185 
LEU CG  HG   sing N N 186 
LEU CD1 HD11 sing N N 187 
LEU CD1 HD12 sing N N 188 
LEU CD1 HD13 sing N N 189 
LEU CD2 HD21 sing N N 190 
LEU CD2 HD22 sing N N 191 
LEU CD2 HD23 sing N N 192 
LEU OXT HXT  sing N N 193 
LYS N   CA   sing N N 194 
LYS N   H    sing N N 195 
LYS N   H2   sing N N 196 
LYS CA  C    sing N N 197 
LYS CA  CB   sing N N 198 
LYS CA  HA   sing N N 199 
LYS C   O    doub N N 200 
LYS C   OXT  sing N N 201 
LYS CB  CG   sing N N 202 
LYS CB  HB2  sing N N 203 
LYS CB  HB3  sing N N 204 
LYS CG  CD   sing N N 205 
LYS CG  HG2  sing N N 206 
LYS CG  HG3  sing N N 207 
LYS CD  CE   sing N N 208 
LYS CD  HD2  sing N N 209 
LYS CD  HD3  sing N N 210 
LYS CE  NZ   sing N N 211 
LYS CE  HE2  sing N N 212 
LYS CE  HE3  sing N N 213 
LYS NZ  HZ1  sing N N 214 
LYS NZ  HZ2  sing N N 215 
LYS NZ  HZ3  sing N N 216 
LYS OXT HXT  sing N N 217 
MET N   CA   sing N N 218 
MET N   H    sing N N 219 
MET N   H2   sing N N 220 
MET CA  C    sing N N 221 
MET CA  CB   sing N N 222 
MET CA  HA   sing N N 223 
MET C   O    doub N N 224 
MET C   OXT  sing N N 225 
MET CB  CG   sing N N 226 
MET CB  HB2  sing N N 227 
MET CB  HB3  sing N N 228 
MET CG  SD   sing N N 229 
MET CG  HG2  sing N N 230 
MET CG  HG3  sing N N 231 
MET SD  CE   sing N N 232 
MET CE  HE1  sing N N 233 
MET CE  HE2  sing N N 234 
MET CE  HE3  sing N N 235 
MET OXT HXT  sing N N 236 
PHE N   CA   sing N N 237 
PHE N   H    sing N N 238 
PHE N   H2   sing N N 239 
PHE CA  C    sing N N 240 
PHE CA  CB   sing N N 241 
PHE CA  HA   sing N N 242 
PHE C   O    doub N N 243 
PHE C   OXT  sing N N 244 
PHE CB  CG   sing N N 245 
PHE CB  HB2  sing N N 246 
PHE CB  HB3  sing N N 247 
PHE CG  CD1  doub Y N 248 
PHE CG  CD2  sing Y N 249 
PHE CD1 CE1  sing Y N 250 
PHE CD1 HD1  sing N N 251 
PHE CD2 CE2  doub Y N 252 
PHE CD2 HD2  sing N N 253 
PHE CE1 CZ   doub Y N 254 
PHE CE1 HE1  sing N N 255 
PHE CE2 CZ   sing Y N 256 
PHE CE2 HE2  sing N N 257 
PHE CZ  HZ   sing N N 258 
PHE OXT HXT  sing N N 259 
PRO N   CA   sing N N 260 
PRO N   CD   sing N N 261 
PRO N   H    sing N N 262 
PRO CA  C    sing N N 263 
PRO CA  CB   sing N N 264 
PRO CA  HA   sing N N 265 
PRO C   O    doub N N 266 
PRO C   OXT  sing N N 267 
PRO CB  CG   sing N N 268 
PRO CB  HB2  sing N N 269 
PRO CB  HB3  sing N N 270 
PRO CG  CD   sing N N 271 
PRO CG  HG2  sing N N 272 
PRO CG  HG3  sing N N 273 
PRO CD  HD2  sing N N 274 
PRO CD  HD3  sing N N 275 
PRO OXT HXT  sing N N 276 
SER N   CA   sing N N 277 
SER N   H    sing N N 278 
SER N   H2   sing N N 279 
SER CA  C    sing N N 280 
SER CA  CB   sing N N 281 
SER CA  HA   sing N N 282 
SER C   O    doub N N 283 
SER C   OXT  sing N N 284 
SER CB  OG   sing N N 285 
SER CB  HB2  sing N N 286 
SER CB  HB3  sing N N 287 
SER OG  HG   sing N N 288 
SER OXT HXT  sing N N 289 
SO4 S   O1   doub N N 290 
SO4 S   O2   doub N N 291 
SO4 S   O3   sing N N 292 
SO4 S   O4   sing N N 293 
THR N   CA   sing N N 294 
THR N   H    sing N N 295 
THR N   H2   sing N N 296 
THR CA  C    sing N N 297 
THR CA  CB   sing N N 298 
THR CA  HA   sing N N 299 
THR C   O    doub N N 300 
THR C   OXT  sing N N 301 
THR CB  OG1  sing N N 302 
THR CB  CG2  sing N N 303 
THR CB  HB   sing N N 304 
THR OG1 HG1  sing N N 305 
THR CG2 HG21 sing N N 306 
THR CG2 HG22 sing N N 307 
THR CG2 HG23 sing N N 308 
THR OXT HXT  sing N N 309 
TYR N   CA   sing N N 310 
TYR N   H    sing N N 311 
TYR N   H2   sing N N 312 
TYR CA  C    sing N N 313 
TYR CA  CB   sing N N 314 
TYR CA  HA   sing N N 315 
TYR C   O    doub N N 316 
TYR C   OXT  sing N N 317 
TYR CB  CG   sing N N 318 
TYR CB  HB2  sing N N 319 
TYR CB  HB3  sing N N 320 
TYR CG  CD1  doub Y N 321 
TYR CG  CD2  sing Y N 322 
TYR CD1 CE1  sing Y N 323 
TYR CD1 HD1  sing N N 324 
TYR CD2 CE2  doub Y N 325 
TYR CD2 HD2  sing N N 326 
TYR CE1 CZ   doub Y N 327 
TYR CE1 HE1  sing N N 328 
TYR CE2 CZ   sing Y N 329 
TYR CE2 HE2  sing N N 330 
TYR CZ  OH   sing N N 331 
TYR OH  HH   sing N N 332 
TYR OXT HXT  sing N N 333 
VAL N   CA   sing N N 334 
VAL N   H    sing N N 335 
VAL N   H2   sing N N 336 
VAL CA  C    sing N N 337 
VAL CA  CB   sing N N 338 
VAL CA  HA   sing N N 339 
VAL C   O    doub N N 340 
VAL C   OXT  sing N N 341 
VAL CB  CG1  sing N N 342 
VAL CB  CG2  sing N N 343 
VAL CB  HB   sing N N 344 
VAL CG1 HG11 sing N N 345 
VAL CG1 HG12 sing N N 346 
VAL CG1 HG13 sing N N 347 
VAL CG2 HG21 sing N N 348 
VAL CG2 HG22 sing N N 349 
VAL CG2 HG23 sing N N 350 
VAL OXT HXT  sing N N 351 
# 
_atom_sites.entry_id                    1XD7 
_atom_sites.fract_transf_matrix[1][1]   -0.00690701 
_atom_sites.fract_transf_matrix[1][2]   0.01390403 
_atom_sites.fract_transf_matrix[1][3]   -0.00874745 
_atom_sites.fract_transf_matrix[2][1]   0.01705423 
_atom_sites.fract_transf_matrix[2][2]   0.01046459 
_atom_sites.fract_transf_matrix[2][3]   0.00316734 
_atom_sites.fract_transf_matrix[3][1]   0.00266005 
_atom_sites.fract_transf_matrix[3][2]   0.00247636 
_atom_sites.fract_transf_matrix[3][3]   -0.02250443 
_atom_sites.fract_transf_vector[1]      0.231958 
_atom_sites.fract_transf_vector[2]      0.131852 
_atom_sites.fract_transf_vector[3]      0.051882 
# 
loop_
_atom_type.symbol 
C 
N 
O 
S 
# 
loop_
_atom_site.group_PDB 
_atom_site.id 
_atom_site.type_symbol 
_atom_site.label_atom_id 
_atom_site.label_alt_id 
_atom_site.label_comp_id 
_atom_site.label_asym_id 
_atom_site.label_entity_id 
_atom_site.label_seq_id 
_atom_site.pdbx_PDB_ins_code 
_atom_site.Cartn_x 
_atom_site.Cartn_y 
_atom_site.Cartn_z 
_atom_site.occupancy 
_atom_site.B_iso_or_equiv 
_atom_site.pdbx_formal_charge 
_atom_site.auth_seq_id 
_atom_site.auth_comp_id 
_atom_site.auth_asym_id 
_atom_site.auth_atom_id 
_atom_site.pdbx_PDB_model_num 
ATOM   1   N N   . SER A 1 6   ? -0.268  -9.277  -4.631  1.00 55.14 ? 6   SER A N   1 
ATOM   2   C CA  . SER A 1 6   ? -0.031  -8.215  -3.614  1.00 54.89 ? 6   SER A CA  1 
ATOM   3   C C   . SER A 1 6   ? -0.928  -6.991  -3.826  1.00 54.52 ? 6   SER A C   1 
ATOM   4   O O   . SER A 1 6   ? -1.166  -6.560  -4.955  1.00 55.19 ? 6   SER A O   1 
ATOM   5   C CB  . SER A 1 6   ? 1.441   -7.798  -3.639  1.00 57.21 ? 6   SER A CB  1 
ATOM   6   O OG  . SER A 1 6   ? 1.869   -7.498  -4.960  1.00 60.35 ? 6   SER A OG  1 
ATOM   7   N N   . ARG A 1 7   ? -1.424  -6.439  -2.723  1.00 52.96 ? 7   ARG A N   1 
ATOM   8   C CA  . ARG A 1 7   ? -2.306  -5.273  -2.748  1.00 50.36 ? 7   ARG A CA  1 
ATOM   9   C C   . ARG A 1 7   ? -1.476  -4.003  -2.883  1.00 47.57 ? 7   ARG A C   1 
ATOM   10  O O   . ARG A 1 7   ? -2.003  -2.922  -3.154  1.00 45.09 ? 7   ARG A O   1 
ATOM   11  C CB  . ARG A 1 7   ? -3.105  -5.191  -1.444  1.00 52.99 ? 7   ARG A CB  1 
ATOM   12  C CG  . ARG A 1 7   ? -3.729  -6.496  -0.979  1.00 59.53 ? 7   ARG A CG  1 
ATOM   13  C CD  . ARG A 1 7   ? -4.608  -6.296  0.263   1.00 63.45 ? 7   ARG A CD  1 
ATOM   14  N NE  . ARG A 1 7   ? -5.209  -7.553  0.709   1.00 66.89 ? 7   ARG A NE  1 
ATOM   15  C CZ  . ARG A 1 7   ? -6.190  -7.637  1.603   1.00 69.94 ? 7   ARG A CZ  1 
ATOM   16  N NH1 . ARG A 1 7   ? -6.690  -6.534  2.151   1.00 69.45 ? 7   ARG A NH1 1 
ATOM   17  N NH2 . ARG A 1 7   ? -6.673  -8.827  1.954   1.00 71.16 ? 7   ARG A NH2 1 
ATOM   18  N N   . LEU A 1 8   ? -0.174  -4.149  -2.665  1.00 44.55 ? 8   LEU A N   1 
ATOM   19  C CA  . LEU A 1 8   ? 0.759   -3.034  -2.718  1.00 42.29 ? 8   LEU A CA  1 
ATOM   20  C C   . LEU A 1 8   ? 0.848   -2.558  -4.159  1.00 40.31 ? 8   LEU A C   1 
ATOM   21  O O   . LEU A 1 8   ? 0.743   -1.360  -4.460  1.00 39.34 ? 8   LEU A O   1 
ATOM   22  C CB  . LEU A 1 8   ? 2.125   -3.517  -2.242  1.00 41.26 ? 8   LEU A CB  1 
ATOM   23  C CG  . LEU A 1 8   ? 3.158   -2.529  -1.719  1.00 38.70 ? 8   LEU A CG  1 
ATOM   24  C CD1 . LEU A 1 8   ? 4.509   -3.004  -2.202  1.00 36.62 ? 8   LEU A CD1 1 
ATOM   25  C CD2 . LEU A 1 8   ? 2.890   -1.132  -2.191  1.00 37.76 ? 8   LEU A CD2 1 
ATOM   26  N N   . ALA A 1 9   ? 1.045   -3.516  -5.047  1.00 38.12 ? 9   ALA A N   1 
ATOM   27  C CA  . ALA A 1 9   ? 1.133   -3.215  -6.457  1.00 39.35 ? 9   ALA A CA  1 
ATOM   28  C C   . ALA A 1 9   ? -0.149  -2.504  -6.885  1.00 39.99 ? 9   ALA A C   1 
ATOM   29  O O   . ALA A 1 9   ? -0.116  -1.390  -7.424  1.00 40.25 ? 9   ALA A O   1 
ATOM   30  C CB  . ALA A 1 9   ? 1.315   -4.497  -7.245  1.00 38.46 ? 9   ALA A CB  1 
ATOM   31  N N   . VAL A 1 10  ? -1.290  -3.135  -6.629  1.00 38.19 ? 10  VAL A N   1 
ATOM   32  C CA  . VAL A 1 10  ? -2.553  -2.519  -7.019  1.00 36.01 ? 10  VAL A CA  1 
ATOM   33  C C   . VAL A 1 10  ? -2.684  -1.139  -6.388  1.00 36.04 ? 10  VAL A C   1 
ATOM   34  O O   . VAL A 1 10  ? -3.197  -0.201  -7.016  1.00 35.58 ? 10  VAL A O   1 
ATOM   35  C CB  . VAL A 1 10  ? -3.760  -3.429  -6.639  1.00 34.63 ? 10  VAL A CB  1 
ATOM   36  C CG1 . VAL A 1 10  ? -5.055  -2.667  -6.716  1.00 30.55 ? 10  VAL A CG1 1 
ATOM   37  C CG2 . VAL A 1 10  ? -3.814  -4.624  -7.595  1.00 33.68 ? 10  VAL A CG2 1 
ATOM   38  N N   . ALA A 1 11  ? -2.211  -0.995  -5.155  1.00 32.76 ? 11  ALA A N   1 
ATOM   39  C CA  . ALA A 1 11  ? -2.308  0.308   -4.520  1.00 33.09 ? 11  ALA A CA  1 
ATOM   40  C C   . ALA A 1 11  ? -1.404  1.308   -5.245  1.00 33.38 ? 11  ALA A C   1 
ATOM   41  O O   . ALA A 1 11  ? -1.731  2.483   -5.340  1.00 32.92 ? 11  ALA A O   1 
ATOM   42  C CB  . ALA A 1 11  ? -1.936  0.217   -3.049  1.00 32.63 ? 11  ALA A CB  1 
ATOM   43  N N   . ILE A 1 12  ? -0.276  0.832   -5.766  1.00 35.28 ? 12  ILE A N   1 
ATOM   44  C CA  . ILE A 1 12  ? 0.659   1.696   -6.486  1.00 37.91 ? 12  ILE A CA  1 
ATOM   45  C C   . ILE A 1 12  ? 0.092   2.173   -7.840  1.00 38.99 ? 12  ILE A C   1 
ATOM   46  O O   . ILE A 1 12  ? 0.154   3.369   -8.159  1.00 39.68 ? 12  ILE A O   1 
ATOM   47  C CB  . ILE A 1 12  ? 2.007   0.982   -6.724  1.00 37.97 ? 12  ILE A CB  1 
ATOM   48  C CG1 . ILE A 1 12  ? 2.600   0.519   -5.390  1.00 39.52 ? 12  ILE A CG1 1 
ATOM   49  C CG2 . ILE A 1 12  ? 2.978   1.929   -7.389  1.00 39.77 ? 12  ILE A CG2 1 
ATOM   50  C CD1 . ILE A 1 12  ? 2.964   1.651   -4.455  1.00 37.08 ? 12  ILE A CD1 1 
ATOM   51  N N   . HIS A 1 13  ? -0.455  1.257   -8.634  1.00 37.87 ? 13  HIS A N   1 
ATOM   52  C CA  . HIS A 1 13  ? -1.050  1.651   -9.915  1.00 36.97 ? 13  HIS A CA  1 
ATOM   53  C C   . HIS A 1 13  ? -2.080  2.724   -9.662  1.00 37.78 ? 13  HIS A C   1 
ATOM   54  O O   . HIS A 1 13  ? -2.113  3.759   -10.330 1.00 39.47 ? 13  HIS A O   1 
ATOM   55  C CB  . HIS A 1 13  ? -1.749  0.469   -10.575 1.00 33.64 ? 13  HIS A CB  1 
ATOM   56  C CG  . HIS A 1 13  ? -0.821  -0.433  -11.306 1.00 31.17 ? 13  HIS A CG  1 
ATOM   57  N ND1 . HIS A 1 13  ? -0.260  -0.093  -12.515 1.00 36.01 ? 13  HIS A ND1 1 
ATOM   58  C CD2 . HIS A 1 13  ? -0.295  -1.635  -10.973 1.00 34.52 ? 13  HIS A CD2 1 
ATOM   59  C CE1 . HIS A 1 13  ? 0.573   -1.045  -12.899 1.00 36.77 ? 13  HIS A CE1 1 
ATOM   60  N NE2 . HIS A 1 13  ? 0.571   -1.994  -11.978 1.00 35.33 ? 13  HIS A NE2 1 
ATOM   61  N N   . ILE A 1 14  ? -2.924  2.465   -8.676  1.00 38.23 ? 14  ILE A N   1 
ATOM   62  C CA  . ILE A 1 14  ? -3.982  3.392   -8.333  1.00 37.62 ? 14  ILE A CA  1 
ATOM   63  C C   . ILE A 1 14  ? -3.396  4.756   -8.021  1.00 39.17 ? 14  ILE A C   1 
ATOM   64  O O   . ILE A 1 14  ? -3.827  5.769   -8.580  1.00 38.41 ? 14  ILE A O   1 
ATOM   65  C CB  . ILE A 1 14  ? -4.771  2.867   -7.127  1.00 36.21 ? 14  ILE A CB  1 
ATOM   66  C CG1 . ILE A 1 14  ? -5.531  1.608   -7.538  1.00 38.45 ? 14  ILE A CG1 1 
ATOM   67  C CG2 . ILE A 1 14  ? -5.708  3.912   -6.613  1.00 31.99 ? 14  ILE A CG2 1 
ATOM   68  C CD1 . ILE A 1 14  ? -6.240  0.902   -6.389  1.00 39.82 ? 14  ILE A CD1 1 
ATOM   69  N N   . LEU A 1 15  ? -2.415  4.787   -7.129  1.00 39.30 ? 15  LEU A N   1 
ATOM   70  C CA  . LEU A 1 15  ? -1.810  6.054   -6.762  1.00 39.97 ? 15  LEU A CA  1 
ATOM   71  C C   . LEU A 1 15  ? -1.142  6.734   -7.941  1.00 39.38 ? 15  LEU A C   1 
ATOM   72  O O   . LEU A 1 15  ? -1.224  7.942   -8.075  1.00 40.04 ? 15  LEU A O   1 
ATOM   73  C CB  . LEU A 1 15  ? -0.803  5.847   -5.642  1.00 40.69 ? 15  LEU A CB  1 
ATOM   74  C CG  . LEU A 1 15  ? -1.487  5.464   -4.331  1.00 42.63 ? 15  LEU A CG  1 
ATOM   75  C CD1 . LEU A 1 15  ? -0.442  5.104   -3.289  1.00 42.52 ? 15  LEU A CD1 1 
ATOM   76  C CD2 . LEU A 1 15  ? -2.353  6.613   -3.853  1.00 41.85 ? 15  LEU A CD2 1 
ATOM   77  N N   . SER A 1 16  ? -0.474  5.963   -8.790  1.00 39.07 ? 16  SER A N   1 
ATOM   78  C CA  . SER A 1 16  ? 0.184   6.537   -9.959  1.00 42.05 ? 16  SER A CA  1 
ATOM   79  C C   . SER A 1 16  ? -0.791  7.351   -10.797 1.00 42.30 ? 16  SER A C   1 
ATOM   80  O O   . SER A 1 16  ? -0.573  8.524   -11.057 1.00 42.65 ? 16  SER A O   1 
ATOM   81  C CB  . SER A 1 16  ? 0.784   5.438   -10.823 1.00 41.95 ? 16  SER A CB  1 
ATOM   82  O OG  . SER A 1 16  ? 1.840   4.803   -10.129 1.00 46.89 ? 16  SER A OG  1 
ATOM   83  N N   . LEU A 1 17  ? -1.881  6.722   -11.209 1.00 43.07 ? 17  LEU A N   1 
ATOM   84  C CA  . LEU A 1 17  ? -2.875  7.408   -12.017 1.00 42.91 ? 17  LEU A CA  1 
ATOM   85  C C   . LEU A 1 17  ? -3.445  8.597   -11.276 1.00 42.56 ? 17  LEU A C   1 
ATOM   86  O O   . LEU A 1 17  ? -3.706  9.645   -11.880 1.00 43.47 ? 17  LEU A O   1 
ATOM   87  C CB  . LEU A 1 17  ? -4.006  6.456   -12.392 1.00 42.93 ? 17  LEU A CB  1 
ATOM   88  C CG  . LEU A 1 17  ? -3.530  5.151   -13.020 1.00 43.14 ? 17  LEU A CG  1 
ATOM   89  C CD1 . LEU A 1 17  ? -4.723  4.256   -13.295 1.00 44.07 ? 17  LEU A CD1 1 
ATOM   90  C CD2 . LEU A 1 17  ? -2.768  5.451   -14.291 1.00 45.32 ? 17  LEU A CD2 1 
ATOM   91  N N   . ILE A 1 18  ? -3.653  8.444   -9.974  1.00 40.92 ? 18  ILE A N   1 
ATOM   92  C CA  . ILE A 1 18  ? -4.201  9.554   -9.218  1.00 39.64 ? 18  ILE A CA  1 
ATOM   93  C C   . ILE A 1 18  ? -3.187  10.664  -9.247  1.00 40.51 ? 18  ILE A C   1 
ATOM   94  O O   . ILE A 1 18  ? -3.548  11.830  -9.149  1.00 39.99 ? 18  ILE A O   1 
ATOM   95  C CB  . ILE A 1 18  ? -4.528  9.175   -7.765  1.00 37.80 ? 18  ILE A CB  1 
ATOM   96  C CG1 . ILE A 1 18  ? -5.737  8.244   -7.751  1.00 39.27 ? 18  ILE A CG1 1 
ATOM   97  C CG2 . ILE A 1 18  ? -4.872  10.416  -6.947  1.00 36.47 ? 18  ILE A CG2 1 
ATOM   98  C CD1 . ILE A 1 18  ? -6.324  7.986   -6.364  1.00 34.97 ? 18  ILE A CD1 1 
ATOM   99  N N   . SER A 1 19  ? -1.916  10.303  -9.397  1.00 42.44 ? 19  SER A N   1 
ATOM   100 C CA  . SER A 1 19  ? -0.867  11.308  -9.449  1.00 46.53 ? 19  SER A CA  1 
ATOM   101 C C   . SER A 1 19  ? -1.290  12.389  -10.426 1.00 47.75 ? 19  SER A C   1 
ATOM   102 O O   . SER A 1 19  ? -1.319  13.566  -10.084 1.00 48.61 ? 19  SER A O   1 
ATOM   103 C CB  . SER A 1 19  ? 0.457   10.718  -9.938  1.00 48.42 ? 19  SER A CB  1 
ATOM   104 O OG  . SER A 1 19  ? 1.051   9.870   -8.976  1.00 53.77 ? 19  SER A OG  1 
ATOM   105 N N   . MET A 1 20  ? -1.629  11.970  -11.642 1.00 48.30 ? 20  MET A N   1 
ATOM   106 C CA  . MET A 1 20  ? -2.034  12.883  -12.704 1.00 47.71 ? 20  MET A CA  1 
ATOM   107 C C   . MET A 1 20  ? -3.142  13.836  -12.329 1.00 50.34 ? 20  MET A C   1 
ATOM   108 O O   . MET A 1 20  ? -3.349  14.855  -12.990 1.00 53.22 ? 20  MET A O   1 
ATOM   109 C CB  . MET A 1 20  ? -2.432  12.079  -13.924 1.00 44.37 ? 20  MET A CB  1 
ATOM   110 C CG  . MET A 1 20  ? -1.256  11.331  -14.465 1.00 42.81 ? 20  MET A CG  1 
ATOM   111 S SD  . MET A 1 20  ? -1.687  10.090  -15.627 1.00 38.78 ? 20  MET A SD  1 
ATOM   112 C CE  . MET A 1 20  ? -0.224  9.055   -15.453 1.00 37.44 ? 20  MET A CE  1 
ATOM   113 N N   . ASP A 1 21  ? -3.861  13.504  -11.270 1.00 51.73 ? 21  ASP A N   1 
ATOM   114 C CA  . ASP A 1 21  ? -4.944  14.344  -10.798 1.00 52.64 ? 21  ASP A CA  1 
ATOM   115 C C   . ASP A 1 21  ? -5.806  14.847  -11.943 1.00 52.32 ? 21  ASP A C   1 
ATOM   116 O O   . ASP A 1 21  ? -5.707  16.005  -12.354 1.00 50.78 ? 21  ASP A O   1 
ATOM   117 C CB  . ASP A 1 21  ? -4.369  15.519  -10.018 1.00 54.70 ? 21  ASP A CB  1 
ATOM   118 C CG  . ASP A 1 21  ? -5.437  16.438  -9.495  1.00 56.87 ? 21  ASP A CG  1 
ATOM   119 O OD1 . ASP A 1 21  ? -6.455  15.922  -8.975  1.00 58.53 ? 21  ASP A OD1 1 
ATOM   120 O OD2 . ASP A 1 21  ? -5.253  17.673  -9.599  1.00 58.43 ? 21  ASP A OD2 1 
ATOM   121 N N   . GLU A 1 22  ? -6.651  13.957  -12.448 1.00 53.09 ? 22  GLU A N   1 
ATOM   122 C CA  . GLU A 1 22  ? -7.550  14.266  -13.547 1.00 53.06 ? 22  GLU A CA  1 
ATOM   123 C C   . GLU A 1 22  ? -8.991  13.959  -13.194 1.00 53.52 ? 22  GLU A C   1 
ATOM   124 O O   . GLU A 1 22  ? -9.789  13.622  -14.071 1.00 53.30 ? 22  GLU A O   1 
ATOM   125 C CB  . GLU A 1 22  ? -7.164  13.467  -14.786 1.00 54.47 ? 22  GLU A CB  1 
ATOM   126 C CG  . GLU A 1 22  ? -5.928  13.984  -15.459 1.00 58.62 ? 22  GLU A CG  1 
ATOM   127 C CD  . GLU A 1 22  ? -5.998  15.484  -15.675 1.00 61.78 ? 22  GLU A CD  1 
ATOM   128 O OE1 . GLU A 1 22  ? -7.010  15.965  -16.237 1.00 62.58 ? 22  GLU A OE1 1 
ATOM   129 O OE2 . GLU A 1 22  ? -5.041  16.183  -15.277 1.00 64.69 ? 22  GLU A OE2 1 
ATOM   130 N N   . LYS A 1 23  ? -9.324  14.074  -11.912 1.00 53.41 ? 23  LYS A N   1 
ATOM   131 C CA  . LYS A 1 23  ? -10.688 13.808  -11.478 1.00 53.41 ? 23  LYS A CA  1 
ATOM   132 C C   . LYS A 1 23  ? -11.083 12.470  -12.075 1.00 51.90 ? 23  LYS A C   1 
ATOM   133 O O   . LYS A 1 23  ? -12.141 12.336  -12.698 1.00 52.81 ? 23  LYS A O   1 
ATOM   134 C CB  . LYS A 1 23  ? -11.635 14.883  -12.005 1.00 56.28 ? 23  LYS A CB  1 
ATOM   135 C CG  . LYS A 1 23  ? -11.144 16.313  -11.820 1.00 59.29 ? 23  LYS A CG  1 
ATOM   136 C CD  . LYS A 1 23  ? -11.248 16.788  -10.383 1.00 61.22 ? 23  LYS A CD  1 
ATOM   137 C CE  . LYS A 1 23  ? -10.621 18.170  -10.215 1.00 61.98 ? 23  LYS A CE  1 
ATOM   138 N NZ  . LYS A 1 23  ? -9.170  18.160  -10.579 1.00 62.22 ? 23  LYS A NZ  1 
ATOM   139 N N   . THR A 1 24  ? -10.214 11.487  -11.905 1.00 49.09 ? 24  THR A N   1 
ATOM   140 C CA  . THR A 1 24  ? -10.472 10.166  -12.431 1.00 48.27 ? 24  THR A CA  1 
ATOM   141 C C   . THR A 1 24  ? -11.308 9.363   -11.442 1.00 49.69 ? 24  THR A C   1 
ATOM   142 O O   . THR A 1 24  ? -10.913 9.153   -10.294 1.00 49.14 ? 24  THR A O   1 
ATOM   143 C CB  . THR A 1 24  ? -9.170  9.437   -12.697 1.00 47.77 ? 24  THR A CB  1 
ATOM   144 O OG1 . THR A 1 24  ? -8.225  10.345  -13.280 1.00 49.96 ? 24  THR A OG1 1 
ATOM   145 C CG2 . THR A 1 24  ? -9.407  8.293   -13.648 1.00 48.00 ? 24  THR A CG2 1 
ATOM   146 N N   . SER A 1 25  ? -12.474 8.922   -11.905 1.00 50.64 ? 25  SER A N   1 
ATOM   147 C CA  . SER A 1 25  ? -13.399 8.142   -11.094 1.00 49.49 ? 25  SER A CA  1 
ATOM   148 C C   . SER A 1 25  ? -12.759 6.817   -10.741 1.00 49.34 ? 25  SER A C   1 
ATOM   149 O O   . SER A 1 25  ? -11.743 6.425   -11.317 1.00 50.93 ? 25  SER A O   1 
ATOM   150 C CB  . SER A 1 25  ? -14.693 7.880   -11.864 1.00 47.63 ? 25  SER A CB  1 
ATOM   151 O OG  . SER A 1 25  ? -14.446 7.002   -12.949 1.00 47.95 ? 25  SER A OG  1 
ATOM   152 N N   . SER A 1 26  ? -13.369 6.111   -9.806  1.00 48.30 ? 26  SER A N   1 
ATOM   153 C CA  . SER A 1 26  ? -12.827 4.837   -9.386  1.00 48.32 ? 26  SER A CA  1 
ATOM   154 C C   . SER A 1 26  ? -13.022 3.818   -10.480 1.00 48.37 ? 26  SER A C   1 
ATOM   155 O O   . SER A 1 26  ? -12.160 2.975   -10.716 1.00 49.24 ? 26  SER A O   1 
ATOM   156 C CB  . SER A 1 26  ? -13.523 4.378   -8.110  1.00 49.11 ? 26  SER A CB  1 
ATOM   157 O OG  . SER A 1 26  ? -13.594 5.450   -7.194  1.00 49.71 ? 26  SER A OG  1 
ATOM   158 N N   . GLU A 1 27  ? -14.164 3.900   -11.151 1.00 49.25 ? 27  GLU A N   1 
ATOM   159 C CA  . GLU A 1 27  ? -14.470 2.967   -12.227 1.00 48.42 ? 27  GLU A CA  1 
ATOM   160 C C   . GLU A 1 27  ? -13.370 3.007   -13.276 1.00 46.76 ? 27  GLU A C   1 
ATOM   161 O O   . GLU A 1 27  ? -12.750 1.987   -13.587 1.00 45.22 ? 27  GLU A O   1 
ATOM   162 C CB  . GLU A 1 27  ? -15.817 3.319   -12.869 1.00 51.75 ? 27  GLU A CB  1 
ATOM   163 C CG  . GLU A 1 27  ? -16.516 4.548   -12.269 1.00 55.28 ? 27  GLU A CG  1 
ATOM   164 C CD  . GLU A 1 27  ? -16.683 5.707   -13.270 1.00 57.11 ? 27  GLU A CD  1 
ATOM   165 O OE1 . GLU A 1 27  ? -17.329 6.731   -12.914 1.00 54.85 ? 27  GLU A OE1 1 
ATOM   166 O OE2 . GLU A 1 27  ? -16.163 5.591   -14.405 1.00 56.85 ? 27  GLU A OE2 1 
ATOM   167 N N   . ILE A 1 28  ? -13.125 4.200   -13.809 1.00 46.74 ? 28  ILE A N   1 
ATOM   168 C CA  . ILE A 1 28  ? -12.107 4.390   -14.837 1.00 45.61 ? 28  ILE A CA  1 
ATOM   169 C C   . ILE A 1 28  ? -10.786 3.813   -14.385 1.00 45.26 ? 28  ILE A C   1 
ATOM   170 O O   . ILE A 1 28  ? -10.080 3.168   -15.161 1.00 44.07 ? 28  ILE A O   1 
ATOM   171 C CB  . ILE A 1 28  ? -11.919 5.881   -15.154 1.00 46.82 ? 28  ILE A CB  1 
ATOM   172 C CG1 . ILE A 1 28  ? -13.266 6.480   -15.556 1.00 46.11 ? 28  ILE A CG1 1 
ATOM   173 C CG2 . ILE A 1 28  ? -10.920 6.055   -16.293 1.00 47.76 ? 28  ILE A CG2 1 
ATOM   174 C CD1 . ILE A 1 28  ? -13.246 7.968   -15.751 1.00 48.85 ? 28  ILE A CD1 1 
ATOM   175 N N   . ILE A 1 29  ? -10.467 4.029   -13.113 1.00 44.65 ? 29  ILE A N   1 
ATOM   176 C CA  . ILE A 1 29  ? -9.220  3.528   -12.565 1.00 43.42 ? 29  ILE A CA  1 
ATOM   177 C C   . ILE A 1 29  ? -9.180  2.021   -12.629 1.00 44.61 ? 29  ILE A C   1 
ATOM   178 O O   . ILE A 1 29  ? -8.196  1.430   -13.070 1.00 44.92 ? 29  ILE A O   1 
ATOM   179 C CB  . ILE A 1 29  ? -9.047  4.020   -11.136 1.00 44.68 ? 29  ILE A CB  1 
ATOM   180 C CG1 . ILE A 1 29  ? -9.022  5.553   -11.159 1.00 43.23 ? 29  ILE A CG1 1 
ATOM   181 C CG2 . ILE A 1 29  ? -7.777  3.443   -10.528 1.00 42.57 ? 29  ILE A CG2 1 
ATOM   182 C CD1 . ILE A 1 29  ? -8.828  6.215   -9.832  1.00 44.30 ? 29  ILE A CD1 1 
ATOM   183 N N   . ALA A 1 30  ? -10.259 1.385   -12.206 1.00 46.69 ? 30  ALA A N   1 
ATOM   184 C CA  . ALA A 1 30  ? -10.310 -0.065  -12.267 1.00 48.64 ? 30  ALA A CA  1 
ATOM   185 C C   . ALA A 1 30  ? -10.140 -0.480  -13.732 1.00 49.32 ? 30  ALA A C   1 
ATOM   186 O O   . ALA A 1 30  ? -9.400  -1.413  -14.043 1.00 48.90 ? 30  ALA A O   1 
ATOM   187 C CB  . ALA A 1 30  ? -11.641 -0.567  -11.708 1.00 50.86 ? 30  ALA A CB  1 
ATOM   188 N N   . ASP A 1 31  ? -10.820 0.220   -14.633 1.00 50.64 ? 31  ASP A N   1 
ATOM   189 C CA  . ASP A 1 31  ? -10.698 -0.086  -16.060 1.00 52.93 ? 31  ASP A CA  1 
ATOM   190 C C   . ASP A 1 31  ? -9.246  0.050   -16.448 1.00 52.17 ? 31  ASP A C   1 
ATOM   191 O O   . ASP A 1 31  ? -8.615  -0.899  -16.901 1.00 51.44 ? 31  ASP A O   1 
ATOM   192 C CB  . ASP A 1 31  ? -11.493 0.899   -16.908 1.00 54.47 ? 31  ASP A CB  1 
ATOM   193 C CG  . ASP A 1 31  ? -12.947 0.922   -16.551 1.00 58.49 ? 31  ASP A CG  1 
ATOM   194 O OD1 . ASP A 1 31  ? -13.608 -0.129  -16.693 1.00 60.51 ? 31  ASP A OD1 1 
ATOM   195 O OD2 . ASP A 1 31  ? -13.433 1.994   -16.128 1.00 61.83 ? 31  ASP A OD2 1 
ATOM   196 N N   . SER A 1 32  ? -8.729  1.259   -16.266 1.00 52.25 ? 32  SER A N   1 
ATOM   197 C CA  . SER A 1 32  ? -7.345  1.562   -16.593 1.00 52.82 ? 32  SER A CA  1 
ATOM   198 C C   . SER A 1 32  ? -6.391  0.587   -15.936 1.00 51.45 ? 32  SER A C   1 
ATOM   199 O O   . SER A 1 32  ? -5.423  0.144   -16.549 1.00 50.90 ? 32  SER A O   1 
ATOM   200 C CB  . SER A 1 32  ? -7.004  2.974   -16.141 1.00 54.43 ? 32  SER A CB  1 
ATOM   201 O OG  . SER A 1 32  ? -7.987  3.886   -16.590 1.00 59.64 ? 32  SER A OG  1 
ATOM   202 N N   . VAL A 1 33  ? -6.665  0.249   -14.687 1.00 49.77 ? 33  VAL A N   1 
ATOM   203 C CA  . VAL A 1 33  ? -5.797  -0.676  -13.978 1.00 52.10 ? 33  VAL A CA  1 
ATOM   204 C C   . VAL A 1 33  ? -6.139  -2.107  -14.327 1.00 51.47 ? 33  VAL A C   1 
ATOM   205 O O   . VAL A 1 33  ? -5.392  -3.028  -14.014 1.00 51.43 ? 33  VAL A O   1 
ATOM   206 C CB  . VAL A 1 33  ? -5.918  -0.498  -12.454 1.00 51.65 ? 33  VAL A CB  1 
ATOM   207 C CG1 . VAL A 1 33  ? -5.082  -1.520  -11.750 1.00 53.34 ? 33  VAL A CG1 1 
ATOM   208 C CG2 . VAL A 1 33  ? -5.471  0.887   -12.067 1.00 53.36 ? 33  VAL A CG2 1 
ATOM   209 N N   . ASN A 1 34  ? -7.276  -2.286  -14.985 1.00 52.56 ? 34  ASN A N   1 
ATOM   210 C CA  . ASN A 1 34  ? -7.740  -3.614  -15.367 1.00 53.32 ? 34  ASN A CA  1 
ATOM   211 C C   . ASN A 1 34  ? -7.894  -4.511  -14.145 1.00 52.52 ? 34  ASN A C   1 
ATOM   212 O O   . ASN A 1 34  ? -7.314  -5.597  -14.066 1.00 51.31 ? 34  ASN A O   1 
ATOM   213 C CB  . ASN A 1 34  ? -6.785  -4.268  -16.367 1.00 54.90 ? 34  ASN A CB  1 
ATOM   214 C CG  . ASN A 1 34  ? -7.408  -5.479  -17.055 1.00 57.57 ? 34  ASN A CG  1 
ATOM   215 O OD1 . ASN A 1 34  ? -6.784  -6.110  -17.910 1.00 57.16 ? 34  ASN A OD1 1 
ATOM   216 N ND2 . ASN A 1 34  ? -8.649  -5.804  -16.683 1.00 57.40 ? 34  ASN A ND2 1 
ATOM   217 N N   . THR A 1 35  ? -8.688  -4.033  -13.195 1.00 52.15 ? 35  THR A N   1 
ATOM   218 C CA  . THR A 1 35  ? -8.968  -4.752  -11.967 1.00 51.48 ? 35  THR A CA  1 
ATOM   219 C C   . THR A 1 35  ? -10.398 -4.439  -11.566 1.00 51.87 ? 35  THR A C   1 
ATOM   220 O O   . THR A 1 35  ? -10.997 -3.474  -12.046 1.00 52.19 ? 35  THR A O   1 
ATOM   221 C CB  . THR A 1 35  ? -8.014  -4.312  -10.832 1.00 51.67 ? 35  THR A CB  1 
ATOM   222 O OG1 . THR A 1 35  ? -6.699  -4.805  -11.108 1.00 51.95 ? 35  THR A OG1 1 
ATOM   223 C CG2 . THR A 1 35  ? -8.475  -4.851  -9.486  1.00 48.93 ? 35  THR A CG2 1 
ATOM   224 N N   . ASN A 1 36  ? -10.939 -5.272  -10.692 1.00 51.44 ? 36  ASN A N   1 
ATOM   225 C CA  . ASN A 1 36  ? -12.295 -5.111  -10.189 1.00 52.07 ? 36  ASN A CA  1 
ATOM   226 C C   . ASN A 1 36  ? -12.424 -3.756  -9.475  1.00 50.25 ? 36  ASN A C   1 
ATOM   227 O O   . ASN A 1 36  ? -11.541 -3.353  -8.717  1.00 52.43 ? 36  ASN A O   1 
ATOM   228 C CB  . ASN A 1 36  ? -12.582 -6.288  -9.239  1.00 55.78 ? 36  ASN A CB  1 
ATOM   229 C CG  . ASN A 1 36  ? -13.954 -6.224  -8.579  1.00 58.89 ? 36  ASN A CG  1 
ATOM   230 O OD1 . ASN A 1 36  ? -14.387 -7.198  -7.965  1.00 60.55 ? 36  ASN A OD1 1 
ATOM   231 N ND2 . ASN A 1 36  ? -14.631 -5.086  -8.684  1.00 60.52 ? 36  ASN A ND2 1 
ATOM   232 N N   . PRO A 1 37  ? -13.522 -3.029  -9.719  1.00 47.77 ? 37  PRO A N   1 
ATOM   233 C CA  . PRO A 1 37  ? -13.746 -1.726  -9.090  1.00 46.52 ? 37  PRO A CA  1 
ATOM   234 C C   . PRO A 1 37  ? -14.197 -1.740  -7.632  1.00 46.16 ? 37  PRO A C   1 
ATOM   235 O O   . PRO A 1 37  ? -14.415 -0.688  -7.046  1.00 45.20 ? 37  PRO A O   1 
ATOM   236 C CB  . PRO A 1 37  ? -14.778 -1.074  -10.005 1.00 46.51 ? 37  PRO A CB  1 
ATOM   237 C CG  . PRO A 1 37  ? -15.552 -2.233  -10.499 1.00 46.28 ? 37  PRO A CG  1 
ATOM   238 C CD  . PRO A 1 37  ? -14.475 -3.240  -10.820 1.00 48.33 ? 37  PRO A CD  1 
ATOM   239 N N   . VAL A 1 38  ? -14.371 -2.917  -7.045  1.00 46.18 ? 38  VAL A N   1 
ATOM   240 C CA  . VAL A 1 38  ? -14.747 -2.968  -5.630  1.00 45.65 ? 38  VAL A CA  1 
ATOM   241 C C   . VAL A 1 38  ? -13.406 -2.916  -4.910  1.00 42.78 ? 38  VAL A C   1 
ATOM   242 O O   . VAL A 1 38  ? -13.216 -2.176  -3.941  1.00 42.28 ? 38  VAL A O   1 
ATOM   243 C CB  . VAL A 1 38  ? -15.488 -4.276  -5.280  1.00 46.41 ? 38  VAL A CB  1 
ATOM   244 C CG1 . VAL A 1 38  ? -16.878 -4.264  -5.892  1.00 47.09 ? 38  VAL A CG1 1 
ATOM   245 C CG2 . VAL A 1 38  ? -14.713 -5.457  -5.801  1.00 47.70 ? 38  VAL A CG2 1 
ATOM   246 N N   . VAL A 1 39  ? -12.476 -3.700  -5.436  1.00 40.81 ? 39  VAL A N   1 
ATOM   247 C CA  . VAL A 1 39  ? -11.114 -3.768  -4.944  1.00 41.68 ? 39  VAL A CA  1 
ATOM   248 C C   . VAL A 1 39  ? -10.568 -2.350  -4.913  1.00 42.45 ? 39  VAL A C   1 
ATOM   249 O O   . VAL A 1 39  ? -10.090 -1.865  -3.881  1.00 43.14 ? 39  VAL A O   1 
ATOM   250 C CB  . VAL A 1 39  ? -10.251 -4.590  -5.901  1.00 42.34 ? 39  VAL A CB  1 
ATOM   251 C CG1 . VAL A 1 39  ? -8.819  -4.567  -5.453  1.00 44.66 ? 39  VAL A CG1 1 
ATOM   252 C CG2 . VAL A 1 39  ? -10.773 -6.015  -5.973  1.00 41.40 ? 39  VAL A CG2 1 
ATOM   253 N N   . VAL A 1 40  ? -10.671 -1.687  -6.061  1.00 41.79 ? 40  VAL A N   1 
ATOM   254 C CA  . VAL A 1 40  ? -10.198 -0.327  -6.217  1.00 39.64 ? 40  VAL A CA  1 
ATOM   255 C C   . VAL A 1 40  ? -10.807 0.613   -5.175  1.00 41.89 ? 40  VAL A C   1 
ATOM   256 O O   . VAL A 1 40  ? -10.092 1.360   -4.491  1.00 41.65 ? 40  VAL A O   1 
ATOM   257 C CB  . VAL A 1 40  ? -10.515 0.184   -7.646  1.00 38.59 ? 40  VAL A CB  1 
ATOM   258 C CG1 . VAL A 1 40  ? -10.073 1.619   -7.793  1.00 37.35 ? 40  VAL A CG1 1 
ATOM   259 C CG2 . VAL A 1 40  ? -9.820  -0.693  -8.679  1.00 34.13 ? 40  VAL A CG2 1 
ATOM   260 N N   . ARG A 1 41  ? -12.122 0.586   -5.034  1.00 41.82 ? 41  ARG A N   1 
ATOM   261 C CA  . ARG A 1 41  ? -12.733 1.477   -4.066  1.00 43.85 ? 41  ARG A CA  1 
ATOM   262 C C   . ARG A 1 41  ? -12.230 1.124   -2.671  1.00 44.04 ? 41  ARG A C   1 
ATOM   263 O O   . ARG A 1 41  ? -11.921 2.010   -1.877  1.00 43.61 ? 41  ARG A O   1 
ATOM   264 C CB  . ARG A 1 41  ? -14.252 1.369   -4.120  1.00 46.58 ? 41  ARG A CB  1 
ATOM   265 C CG  . ARG A 1 41  ? -14.814 1.390   -5.523  1.00 49.82 ? 41  ARG A CG  1 
ATOM   266 C CD  . ARG A 1 41  ? -16.328 1.519   -5.513  1.00 51.76 ? 41  ARG A CD  1 
ATOM   267 N NE  . ARG A 1 41  ? -16.711 2.916   -5.402  1.00 53.29 ? 41  ARG A NE  1 
ATOM   268 C CZ  . ARG A 1 41  ? -16.887 3.718   -6.446  1.00 54.54 ? 41  ARG A CZ  1 
ATOM   269 N NH1 . ARG A 1 41  ? -16.727 3.253   -7.678  1.00 55.60 ? 41  ARG A NH1 1 
ATOM   270 N NH2 . ARG A 1 41  ? -17.201 4.988   -6.257  1.00 56.29 ? 41  ARG A NH2 1 
ATOM   271 N N   . ARG A 1 42  ? -12.145 -0.173  -2.384  1.00 44.53 ? 42  ARG A N   1 
ATOM   272 C CA  . ARG A 1 42  ? -11.659 -0.650  -1.084  1.00 44.72 ? 42  ARG A CA  1 
ATOM   273 C C   . ARG A 1 42  ? -10.252 -0.099  -0.844  1.00 43.15 ? 42  ARG A C   1 
ATOM   274 O O   . ARG A 1 42  ? -9.985  0.572   0.157   1.00 41.62 ? 42  ARG A O   1 
ATOM   275 C CB  . ARG A 1 42  ? -11.644 -2.185  -1.063  1.00 45.56 ? 42  ARG A CB  1 
ATOM   276 C CG  . ARG A 1 42  ? -11.006 -2.827  0.182   1.00 47.10 ? 42  ARG A CG  1 
ATOM   277 C CD  . ARG A 1 42  ? -11.649 -2.362  1.482   1.00 47.29 ? 42  ARG A CD  1 
ATOM   278 N NE  . ARG A 1 42  ? -11.073 -3.022  2.654   1.00 45.29 ? 42  ARG A NE  1 
ATOM   279 C CZ  . ARG A 1 42  ? -11.392 -2.718  3.906   1.00 44.01 ? 42  ARG A CZ  1 
ATOM   280 N NH1 . ARG A 1 42  ? -12.282 -1.767  4.156   1.00 44.43 ? 42  ARG A NH1 1 
ATOM   281 N NH2 . ARG A 1 42  ? -10.813 -3.357  4.914   1.00 44.38 ? 42  ARG A NH2 1 
ATOM   282 N N   . MET A 1 43  ? -9.357  -0.390  -1.775  1.00 41.90 ? 43  MET A N   1 
ATOM   283 C CA  . MET A 1 43  ? -8.001  0.108   -1.692  1.00 40.50 ? 43  MET A CA  1 
ATOM   284 C C   . MET A 1 43  ? -8.037  1.613   -1.456  1.00 40.28 ? 43  MET A C   1 
ATOM   285 O O   . MET A 1 43  ? -7.285  2.142   -0.636  1.00 43.53 ? 43  MET A O   1 
ATOM   286 C CB  . MET A 1 43  ? -7.265  -0.185  -2.987  1.00 39.18 ? 43  MET A CB  1 
ATOM   287 C CG  . MET A 1 43  ? -7.099  -1.641  -3.229  1.00 37.23 ? 43  MET A CG  1 
ATOM   288 S SD  . MET A 1 43  ? -6.126  -2.346  -1.905  1.00 36.30 ? 43  MET A SD  1 
ATOM   289 C CE  . MET A 1 43  ? -5.369  -3.548  -2.773  1.00 34.95 ? 43  MET A CE  1 
ATOM   290 N N   . ILE A 1 44  ? -8.935  2.303   -2.148  1.00 39.66 ? 44  ILE A N   1 
ATOM   291 C CA  . ILE A 1 44  ? -9.021  3.746   -1.988  1.00 40.08 ? 44  ILE A CA  1 
ATOM   292 C C   . ILE A 1 44  ? -9.566  4.235   -0.648  1.00 41.32 ? 44  ILE A C   1 
ATOM   293 O O   . ILE A 1 44  ? -9.240  5.346   -0.220  1.00 42.50 ? 44  ILE A O   1 
ATOM   294 C CB  . ILE A 1 44  ? -9.817  4.377   -3.145  1.00 38.95 ? 44  ILE A CB  1 
ATOM   295 C CG1 . ILE A 1 44  ? -9.031  4.212   -4.447  1.00 39.27 ? 44  ILE A CG1 1 
ATOM   296 C CG2 . ILE A 1 44  ? -10.043 5.860   -2.888  1.00 37.42 ? 44  ILE A CG2 1 
ATOM   297 C CD1 . ILE A 1 44  ? -9.775  4.681   -5.693  1.00 40.00 ? 44  ILE A CD1 1 
ATOM   298 N N   . SER A 1 45  ? -10.389 3.435   0.024   1.00 43.17 ? 45  SER A N   1 
ATOM   299 C CA  . SER A 1 45  ? -10.904 3.851   1.335   1.00 44.33 ? 45  SER A CA  1 
ATOM   300 C C   . SER A 1 45  ? -9.759  3.689   2.328   1.00 43.85 ? 45  SER A C   1 
ATOM   301 O O   . SER A 1 45  ? -9.570  4.507   3.225   1.00 44.95 ? 45  SER A O   1 
ATOM   302 C CB  . SER A 1 45  ? -12.066 2.969   1.772   1.00 45.39 ? 45  SER A CB  1 
ATOM   303 O OG  . SER A 1 45  ? -12.524 2.187   0.686   1.00 47.54 ? 45  SER A OG  1 
ATOM   304 N N   . LEU A 1 46  ? -8.993  2.623   2.151   1.00 42.74 ? 46  LEU A N   1 
ATOM   305 C CA  . LEU A 1 46  ? -7.865  2.362   3.021   1.00 43.25 ? 46  LEU A CA  1 
ATOM   306 C C   . LEU A 1 46  ? -6.849  3.487   2.877   1.00 45.13 ? 46  LEU A C   1 
ATOM   307 O O   . LEU A 1 46  ? -6.446  4.108   3.866   1.00 45.41 ? 46  LEU A O   1 
ATOM   308 C CB  . LEU A 1 46  ? -7.240  1.023   2.654   1.00 40.25 ? 46  LEU A CB  1 
ATOM   309 C CG  . LEU A 1 46  ? -8.213  -0.141  2.850   1.00 40.20 ? 46  LEU A CG  1 
ATOM   310 C CD1 . LEU A 1 46  ? -7.620  -1.416  2.284   1.00 37.87 ? 46  LEU A CD1 1 
ATOM   311 C CD2 . LEU A 1 46  ? -8.536  -0.291  4.331   1.00 36.24 ? 46  LEU A CD2 1 
ATOM   312 N N   . LEU A 1 47  ? -6.448  3.760   1.640   1.00 44.97 ? 47  LEU A N   1 
ATOM   313 C CA  . LEU A 1 47  ? -5.481  4.817   1.384   1.00 44.37 ? 47  LEU A CA  1 
ATOM   314 C C   . LEU A 1 47  ? -5.934  6.137   1.990   1.00 45.01 ? 47  LEU A C   1 
ATOM   315 O O   . LEU A 1 47  ? -5.125  6.897   2.516   1.00 46.60 ? 47  LEU A O   1 
ATOM   316 C CB  . LEU A 1 47  ? -5.259  4.960   -0.116  1.00 42.33 ? 47  LEU A CB  1 
ATOM   317 C CG  . LEU A 1 47  ? -4.504  3.748   -0.654  1.00 40.90 ? 47  LEU A CG  1 
ATOM   318 C CD1 . LEU A 1 47  ? -4.638  3.648   -2.158  1.00 38.42 ? 47  LEU A CD1 1 
ATOM   319 C CD2 . LEU A 1 47  ? -3.044  3.859   -0.240  1.00 39.98 ? 47  LEU A CD2 1 
ATOM   320 N N   . LYS A 1 48  ? -7.227  6.418   1.924   1.00 44.68 ? 48  LYS A N   1 
ATOM   321 C CA  . LYS A 1 48  ? -7.711  7.649   2.514   1.00 46.65 ? 48  LYS A CA  1 
ATOM   322 C C   . LYS A 1 48  ? -7.697  7.512   4.027   1.00 48.46 ? 48  LYS A C   1 
ATOM   323 O O   . LYS A 1 48  ? -7.314  8.438   4.740   1.00 48.92 ? 48  LYS A O   1 
ATOM   324 C CB  . LYS A 1 48  ? -9.115  7.954   2.029   1.00 47.07 ? 48  LYS A CB  1 
ATOM   325 C CG  . LYS A 1 48  ? -9.146  8.400   0.574   1.00 49.55 ? 48  LYS A CG  1 
ATOM   326 C CD  . LYS A 1 48  ? -10.510 8.913   0.175   1.00 49.26 ? 48  LYS A CD  1 
ATOM   327 C CE  . LYS A 1 48  ? -11.559 7.828   0.292   1.00 48.90 ? 48  LYS A CE  1 
ATOM   328 N NZ  . LYS A 1 48  ? -12.874 8.305   -0.229  1.00 50.25 ? 48  LYS A NZ  1 
ATOM   329 N N   . LYS A 1 49  ? -8.116  6.345   4.508   1.00 49.26 ? 49  LYS A N   1 
ATOM   330 C CA  . LYS A 1 49  ? -8.151  6.060   5.933   1.00 50.65 ? 49  LYS A CA  1 
ATOM   331 C C   . LYS A 1 49  ? -6.749  6.314   6.477   1.00 50.40 ? 49  LYS A C   1 
ATOM   332 O O   . LYS A 1 49  ? -6.578  6.820   7.581   1.00 50.21 ? 49  LYS A O   1 
ATOM   333 C CB  . LYS A 1 49  ? -8.545  4.604   6.153   1.00 52.57 ? 49  LYS A CB  1 
ATOM   334 C CG  . LYS A 1 49  ? -9.367  4.339   7.397   1.00 55.07 ? 49  LYS A CG  1 
ATOM   335 C CD  . LYS A 1 49  ? -9.708  2.850   7.470   1.00 58.13 ? 49  LYS A CD  1 
ATOM   336 C CE  . LYS A 1 49  ? -10.639 2.518   8.629   1.00 58.70 ? 49  LYS A CE  1 
ATOM   337 N NZ  . LYS A 1 49  ? -11.995 3.101   8.433   1.00 58.00 ? 49  LYS A NZ  1 
ATOM   338 N N   . ALA A 1 50  ? -5.746  5.969   5.681   1.00 49.73 ? 50  ALA A N   1 
ATOM   339 C CA  . ALA A 1 50  ? -4.358  6.184   6.070   1.00 48.84 ? 50  ALA A CA  1 
ATOM   340 C C   . ALA A 1 50  ? -3.966  7.608   5.675   1.00 48.85 ? 50  ALA A C   1 
ATOM   341 O O   . ALA A 1 50  ? -2.788  7.952   5.621   1.00 48.13 ? 50  ALA A O   1 
ATOM   342 C CB  . ALA A 1 50  ? -3.466  5.182   5.367   1.00 47.90 ? 50  ALA A CB  1 
ATOM   343 N N   . ASP A 1 51  ? -4.974  8.428   5.410   1.00 49.46 ? 51  ASP A N   1 
ATOM   344 C CA  . ASP A 1 51  ? -4.779  9.809   4.989   1.00 49.70 ? 51  ASP A CA  1 
ATOM   345 C C   . ASP A 1 51  ? -3.720  9.997   3.922   1.00 48.24 ? 51  ASP A C   1 
ATOM   346 O O   . ASP A 1 51  ? -3.004  10.988  3.911   1.00 47.56 ? 51  ASP A O   1 
ATOM   347 C CB  . ASP A 1 51  ? -4.479  10.712  6.181   1.00 51.48 ? 51  ASP A CB  1 
ATOM   348 C CG  . ASP A 1 51  ? -5.671  11.571  6.557   1.00 54.55 ? 51  ASP A CG  1 
ATOM   349 O OD1 . ASP A 1 51  ? -6.777  11.005  6.714   1.00 56.36 ? 51  ASP A OD1 1 
ATOM   350 O OD2 . ASP A 1 51  ? -5.512  12.805  6.689   1.00 55.26 ? 51  ASP A OD2 1 
ATOM   351 N N   . ILE A 1 52  ? -3.611  9.029   3.026   1.00 47.95 ? 52  ILE A N   1 
ATOM   352 C CA  . ILE A 1 52  ? -2.664  9.148   1.937   1.00 48.46 ? 52  ILE A CA  1 
ATOM   353 C C   . ILE A 1 52  ? -3.406  9.879   0.824   1.00 50.06 ? 52  ILE A C   1 
ATOM   354 O O   . ILE A 1 52  ? -2.812  10.608  0.025   1.00 49.88 ? 52  ILE A O   1 
ATOM   355 C CB  . ILE A 1 52  ? -2.231  7.791   1.408   1.00 47.78 ? 52  ILE A CB  1 
ATOM   356 C CG1 . ILE A 1 52  ? -1.328  7.107   2.436   1.00 47.57 ? 52  ILE A CG1 1 
ATOM   357 C CG2 . ILE A 1 52  ? -1.529  7.971   0.075   1.00 48.19 ? 52  ILE A CG2 1 
ATOM   358 C CD1 . ILE A 1 52  ? -0.765  5.790   1.976   1.00 46.02 ? 52  ILE A CD1 1 
ATOM   359 N N   . LEU A 1 53  ? -4.718  9.682   0.795   1.00 49.71 ? 53  LEU A N   1 
ATOM   360 C CA  . LEU A 1 53  ? -5.552  10.303  -0.198  1.00 49.83 ? 53  LEU A CA  1 
ATOM   361 C C   . LEU A 1 53  ? -6.616  11.106  0.462   1.00 51.97 ? 53  LEU A C   1 
ATOM   362 O O   . LEU A 1 53  ? -7.234  10.660  1.431   1.00 50.60 ? 53  LEU A O   1 
ATOM   363 C CB  . LEU A 1 53  ? -6.235  9.266   -1.065  1.00 48.83 ? 53  LEU A CB  1 
ATOM   364 C CG  . LEU A 1 53  ? -5.340  8.553   -2.059  1.00 50.50 ? 53  LEU A CG  1 
ATOM   365 C CD1 . LEU A 1 53  ? -6.158  7.479   -2.738  1.00 50.25 ? 53  LEU A CD1 1 
ATOM   366 C CD2 . LEU A 1 53  ? -4.781  9.546   -3.071  1.00 49.59 ? 53  LEU A CD2 1 
ATOM   367 N N   . THR A 1 54  ? -6.822  12.301  -0.073  1.00 53.72 ? 54  THR A N   1 
ATOM   368 C CA  . THR A 1 54  ? -7.857  13.179  0.414   1.00 56.06 ? 54  THR A CA  1 
ATOM   369 C C   . THR A 1 54  ? -8.914  13.064  -0.665  1.00 57.77 ? 54  THR A C   1 
ATOM   370 O O   . THR A 1 54  ? -8.610  12.721  -1.803  1.00 57.06 ? 54  THR A O   1 
ATOM   371 C CB  . THR A 1 54  ? -7.382  14.633  0.512   1.00 56.71 ? 54  THR A CB  1 
ATOM   372 O OG1 . THR A 1 54  ? -8.416  15.422  1.107   1.00 59.28 ? 54  THR A OG1 1 
ATOM   373 C CG2 . THR A 1 54  ? -7.062  15.192  -0.867  1.00 55.56 ? 54  THR A CG2 1 
ATOM   374 N N   . SER A 1 55  ? -10.156 13.334  -0.309  1.00 59.97 ? 55  SER A N   1 
ATOM   375 C CA  . SER A 1 55  ? -11.234 13.242  -1.269  1.00 63.03 ? 55  SER A CA  1 
ATOM   376 C C   . SER A 1 55  ? -12.012 14.535  -1.149  1.00 66.07 ? 55  SER A C   1 
ATOM   377 O O   . SER A 1 55  ? -11.985 15.170  -0.098  1.00 67.39 ? 55  SER A O   1 
ATOM   378 C CB  . SER A 1 55  ? -12.121 12.050  -0.927  1.00 62.49 ? 55  SER A CB  1 
ATOM   379 O OG  . SER A 1 55  ? -12.997 11.752  -1.990  1.00 61.34 ? 55  SER A OG  1 
ATOM   380 N N   . ARG A 1 56  ? -12.683 14.947  -2.219  1.00 68.96 ? 56  ARG A N   1 
ATOM   381 C CA  . ARG A 1 56  ? -13.454 16.184  -2.169  1.00 71.32 ? 56  ARG A CA  1 
ATOM   382 C C   . ARG A 1 56  ? -14.814 15.997  -2.826  1.00 72.96 ? 56  ARG A C   1 
ATOM   383 O O   . ARG A 1 56  ? -15.073 16.538  -3.903  1.00 72.48 ? 56  ARG A O   1 
ATOM   384 C CB  . ARG A 1 56  ? -12.683 17.320  -2.844  1.00 71.29 ? 56  ARG A CB  1 
ATOM   385 C CG  . ARG A 1 56  ? -13.279 18.700  -2.619  1.00 71.80 ? 56  ARG A CG  1 
ATOM   386 C CD  . ARG A 1 56  ? -12.280 19.778  -3.000  1.00 72.25 ? 56  ARG A CD  1 
ATOM   387 N NE  . ARG A 1 56  ? -12.872 21.110  -3.012  1.00 72.08 ? 56  ARG A NE  1 
ATOM   388 C CZ  . ARG A 1 56  ? -12.210 22.215  -3.344  1.00 72.69 ? 56  ARG A CZ  1 
ATOM   389 N NH1 . ARG A 1 56  ? -10.928 22.144  -3.690  1.00 71.93 ? 56  ARG A NH1 1 
ATOM   390 N NH2 . ARG A 1 56  ? -12.827 23.392  -3.331  1.00 71.66 ? 56  ARG A NH2 1 
ATOM   391 N N   . ALA A 1 57  ? -15.665 15.219  -2.152  1.00 74.85 ? 57  ALA A N   1 
ATOM   392 C CA  . ALA A 1 57  ? -17.027 14.901  -2.594  1.00 75.28 ? 57  ALA A CA  1 
ATOM   393 C C   . ALA A 1 57  ? -17.583 15.939  -3.554  1.00 75.62 ? 57  ALA A C   1 
ATOM   394 O O   . ALA A 1 57  ? -17.373 17.143  -3.381  1.00 75.74 ? 57  ALA A O   1 
ATOM   395 C CB  . ALA A 1 57  ? -17.945 14.765  -1.390  1.00 75.14 ? 57  ALA A CB  1 
ATOM   396 N N   . GLY A 1 58  ? -18.319 15.469  -4.554  1.00 75.51 ? 58  GLY A N   1 
ATOM   397 C CA  . GLY A 1 58  ? -18.844 16.378  -5.548  1.00 73.58 ? 58  GLY A CA  1 
ATOM   398 C C   . GLY A 1 58  ? -17.741 16.462  -6.584  1.00 72.78 ? 58  GLY A C   1 
ATOM   399 O O   . GLY A 1 58  ? -17.681 17.401  -7.378  1.00 73.32 ? 58  GLY A O   1 
ATOM   400 N N   . VAL A 1 59  ? -16.850 15.470  -6.533  1.00 71.11 ? 59  VAL A N   1 
ATOM   401 C CA  . VAL A 1 59  ? -15.714 15.325  -7.447  1.00 68.32 ? 59  VAL A CA  1 
ATOM   402 C C   . VAL A 1 59  ? -15.351 13.836  -7.485  1.00 67.19 ? 59  VAL A C   1 
ATOM   403 O O   . VAL A 1 59  ? -15.039 13.233  -6.453  1.00 67.90 ? 59  VAL A O   1 
ATOM   404 C CB  . VAL A 1 59  ? -14.471 16.111  -6.969  1.00 67.50 ? 59  VAL A CB  1 
ATOM   405 C CG1 . VAL A 1 59  ? -13.320 15.873  -7.923  1.00 65.76 ? 59  VAL A CG1 1 
ATOM   406 C CG2 . VAL A 1 59  ? -14.782 17.596  -6.887  1.00 67.96 ? 59  VAL A CG2 1 
ATOM   407 N N   . PRO A 1 60  ? -15.390 13.222  -8.678  1.00 64.83 ? 60  PRO A N   1 
ATOM   408 C CA  . PRO A 1 60  ? -15.058 11.800  -8.776  1.00 61.55 ? 60  PRO A CA  1 
ATOM   409 C C   . PRO A 1 60  ? -13.647 11.523  -8.281  1.00 58.66 ? 60  PRO A C   1 
ATOM   410 O O   . PRO A 1 60  ? -12.804 12.421  -8.263  1.00 57.29 ? 60  PRO A O   1 
ATOM   411 C CB  . PRO A 1 60  ? -15.226 11.514  -10.264 1.00 62.11 ? 60  PRO A CB  1 
ATOM   412 C CG  . PRO A 1 60  ? -14.835 12.820  -10.892 1.00 63.28 ? 60  PRO A CG  1 
ATOM   413 C CD  . PRO A 1 60  ? -15.549 13.818  -10.015 1.00 63.22 ? 60  PRO A CD  1 
ATOM   414 N N   . GLY A 1 61  ? -13.400 10.281  -7.881  1.00 55.51 ? 61  GLY A N   1 
ATOM   415 C CA  . GLY A 1 61  ? -12.089 9.912   -7.393  1.00 51.79 ? 61  GLY A CA  1 
ATOM   416 C C   . GLY A 1 61  ? -11.628 10.773  -6.231  1.00 49.51 ? 61  GLY A C   1 
ATOM   417 O O   . GLY A 1 61  ? -12.433 11.365  -5.505  1.00 48.53 ? 61  GLY A O   1 
ATOM   418 N N   . ALA A 1 62  ? -10.316 10.838  -6.060  1.00 47.81 ? 62  ALA A N   1 
ATOM   419 C CA  . ALA A 1 62  ? -9.714  11.617  -4.989  1.00 46.41 ? 62  ALA A CA  1 
ATOM   420 C C   . ALA A 1 62  ? -8.350  12.087  -5.453  1.00 45.48 ? 62  ALA A C   1 
ATOM   421 O O   . ALA A 1 62  ? -8.067  12.124  -6.649  1.00 43.64 ? 62  ALA A O   1 
ATOM   422 C CB  . ALA A 1 62  ? -9.568  10.765  -3.743  1.00 44.69 ? 62  ALA A CB  1 
ATOM   423 N N   . SER A 1 63  ? -7.494  12.428  -4.502  1.00 45.41 ? 63  SER A N   1 
ATOM   424 C CA  . SER A 1 63  ? -6.164  12.874  -4.857  1.00 45.59 ? 63  SER A CA  1 
ATOM   425 C C   . SER A 1 63  ? -5.173  12.759  -3.711  1.00 45.46 ? 63  SER A C   1 
ATOM   426 O O   . SER A 1 63  ? -5.554  12.622  -2.550  1.00 46.48 ? 63  SER A O   1 
ATOM   427 C CB  . SER A 1 63  ? -6.238  14.309  -5.371  1.00 43.62 ? 63  SER A CB  1 
ATOM   428 O OG  . SER A 1 63  ? -7.166  15.042  -4.605  1.00 43.53 ? 63  SER A OG  1 
ATOM   429 N N   . LEU A 1 64  ? -3.893  12.819  -4.057  1.00 45.87 ? 64  LEU A N   1 
ATOM   430 C CA  . LEU A 1 64  ? -2.824  12.707  -3.077  1.00 46.62 ? 64  LEU A CA  1 
ATOM   431 C C   . LEU A 1 64  ? -2.900  13.797  -2.037  1.00 47.41 ? 64  LEU A C   1 
ATOM   432 O O   . LEU A 1 64  ? -3.080  14.963  -2.367  1.00 48.18 ? 64  LEU A O   1 
ATOM   433 C CB  . LEU A 1 64  ? -1.461  12.777  -3.760  1.00 43.11 ? 64  LEU A CB  1 
ATOM   434 C CG  . LEU A 1 64  ? -1.235  11.797  -4.908  1.00 39.92 ? 64  LEU A CG  1 
ATOM   435 C CD1 . LEU A 1 64  ? 0.250   11.745  -5.269  1.00 36.02 ? 64  LEU A CD1 1 
ATOM   436 C CD2 . LEU A 1 64  ? -1.738  10.425  -4.496  1.00 36.32 ? 64  LEU A CD2 1 
ATOM   437 N N   . LYS A 1 65  ? -2.762  13.411  -0.776  1.00 48.64 ? 65  LYS A N   1 
ATOM   438 C CA  . LYS A 1 65  ? -2.790  14.389  0.292   1.00 49.82 ? 65  LYS A CA  1 
ATOM   439 C C   . LYS A 1 65  ? -1.438  15.063  0.269   1.00 49.23 ? 65  LYS A C   1 
ATOM   440 O O   . LYS A 1 65  ? -1.311  16.226  0.635   1.00 50.57 ? 65  LYS A O   1 
ATOM   441 C CB  . LYS A 1 65  ? -3.008  13.724  1.646   1.00 51.77 ? 65  LYS A CB  1 
ATOM   442 C CG  . LYS A 1 65  ? -3.284  14.711  2.772   1.00 54.78 ? 65  LYS A CG  1 
ATOM   443 C CD  . LYS A 1 65  ? -3.639  13.987  4.070   1.00 56.41 ? 65  LYS A CD  1 
ATOM   444 C CE  . LYS A 1 65  ? -4.255  14.930  5.094   1.00 56.51 ? 65  LYS A CE  1 
ATOM   445 N NZ  . LYS A 1 65  ? -5.580  15.450  4.643   1.00 57.66 ? 65  LYS A NZ  1 
ATOM   446 N N   . LYS A 1 66  ? -0.426  14.328  -0.174  1.00 48.39 ? 66  LYS A N   1 
ATOM   447 C CA  . LYS A 1 66  ? 0.914   14.884  -0.253  1.00 48.59 ? 66  LYS A CA  1 
ATOM   448 C C   . LYS A 1 66  ? 1.600   14.576  -1.564  1.00 48.27 ? 66  LYS A C   1 
ATOM   449 O O   . LYS A 1 66  ? 1.092   13.839  -2.404  1.00 48.65 ? 66  LYS A O   1 
ATOM   450 C CB  . LYS A 1 66  ? 1.795   14.376  0.895   1.00 50.19 ? 66  LYS A CB  1 
ATOM   451 C CG  . LYS A 1 66  ? 1.805   12.864  1.075   1.00 52.03 ? 66  LYS A CG  1 
ATOM   452 C CD  . LYS A 1 66  ? 3.020   12.353  1.875   1.00 51.72 ? 66  LYS A CD  1 
ATOM   453 C CE  . LYS A 1 66  ? 3.366   13.226  3.064   1.00 53.18 ? 66  LYS A CE  1 
ATOM   454 N NZ  . LYS A 1 66  ? 2.168   13.595  3.861   1.00 53.31 ? 66  LYS A NZ  1 
ATOM   455 N N   . ASP A 1 67  ? 2.778   15.150  -1.718  1.00 47.38 ? 67  ASP A N   1 
ATOM   456 C CA  . ASP A 1 67  ? 3.573   14.966  -2.901  1.00 47.44 ? 67  ASP A CA  1 
ATOM   457 C C   . ASP A 1 67  ? 4.190   13.570  -2.983  1.00 47.60 ? 67  ASP A C   1 
ATOM   458 O O   . ASP A 1 67  ? 4.710   13.046  -1.998  1.00 49.91 ? 67  ASP A O   1 
ATOM   459 C CB  . ASP A 1 67  ? 4.672   16.010  -2.917  1.00 49.46 ? 67  ASP A CB  1 
ATOM   460 C CG  . ASP A 1 67  ? 5.486   15.958  -4.169  1.00 52.55 ? 67  ASP A CG  1 
ATOM   461 O OD1 . ASP A 1 67  ? 6.183   14.945  -4.387  1.00 53.23 ? 67  ASP A OD1 1 
ATOM   462 O OD2 . ASP A 1 67  ? 5.419   16.936  -4.944  1.00 55.89 ? 67  ASP A OD2 1 
ATOM   463 N N   . PRO A 1 68  ? 4.163   12.964  -4.178  1.00 45.86 ? 68  PRO A N   1 
ATOM   464 C CA  . PRO A 1 68  ? 4.684   11.638  -4.522  1.00 44.87 ? 68  PRO A CA  1 
ATOM   465 C C   . PRO A 1 68  ? 6.093   11.358  -4.010  1.00 45.42 ? 68  PRO A C   1 
ATOM   466 O O   . PRO A 1 68  ? 6.505   10.198  -3.865  1.00 44.00 ? 68  PRO A O   1 
ATOM   467 C CB  . PRO A 1 68  ? 4.653   11.647  -6.045  1.00 43.98 ? 68  PRO A CB  1 
ATOM   468 C CG  . PRO A 1 68  ? 3.478   12.498  -6.345  1.00 44.49 ? 68  PRO A CG  1 
ATOM   469 C CD  . PRO A 1 68  ? 3.595   13.626  -5.368  1.00 44.77 ? 68  PRO A CD  1 
ATOM   470 N N   . ALA A 1 69  ? 6.842   12.423  -3.775  1.00 44.96 ? 69  ALA A N   1 
ATOM   471 C CA  . ALA A 1 69  ? 8.209   12.283  -3.309  1.00 45.86 ? 69  ALA A CA  1 
ATOM   472 C C   . ALA A 1 69  ? 8.198   12.095  -1.807  1.00 44.79 ? 69  ALA A C   1 
ATOM   473 O O   . ALA A 1 69  ? 9.194   11.717  -1.217  1.00 44.35 ? 69  ALA A O   1 
ATOM   474 C CB  . ALA A 1 69  ? 9.023   13.521  -3.684  1.00 46.04 ? 69  ALA A CB  1 
ATOM   475 N N   . ASP A 1 70  ? 7.053   12.360  -1.202  1.00 44.79 ? 70  ASP A N   1 
ATOM   476 C CA  . ASP A 1 70  ? 6.902   12.222  0.233   1.00 45.78 ? 70  ASP A CA  1 
ATOM   477 C C   . ASP A 1 70  ? 6.025   11.028  0.570   1.00 45.43 ? 70  ASP A C   1 
ATOM   478 O O   . ASP A 1 70  ? 5.445   10.972  1.655   1.00 47.24 ? 70  ASP A O   1 
ATOM   479 C CB  . ASP A 1 70  ? 6.263   13.479  0.811   1.00 46.85 ? 70  ASP A CB  1 
ATOM   480 C CG  . ASP A 1 70  ? 7.035   14.727  0.464   1.00 50.29 ? 70  ASP A CG  1 
ATOM   481 O OD1 . ASP A 1 70  ? 6.441   15.823  0.565   1.00 51.68 ? 70  ASP A OD1 1 
ATOM   482 O OD2 . ASP A 1 70  ? 8.229   14.608  0.093   1.00 51.22 ? 70  ASP A OD2 1 
ATOM   483 N N   . ILE A 1 71  ? 5.917   10.078  -0.350  1.00 42.74 ? 71  ILE A N   1 
ATOM   484 C CA  . ILE A 1 71  ? 5.087   8.909   -0.104  1.00 40.01 ? 71  ILE A CA  1 
ATOM   485 C C   . ILE A 1 71  ? 5.906   7.668   -0.285  1.00 39.33 ? 71  ILE A C   1 
ATOM   486 O O   . ILE A 1 71  ? 6.190   7.263   -1.407  1.00 38.86 ? 71  ILE A O   1 
ATOM   487 C CB  . ILE A 1 71  ? 3.907   8.838   -1.070  1.00 41.74 ? 71  ILE A CB  1 
ATOM   488 C CG1 . ILE A 1 71  ? 3.182   10.189  -1.111  1.00 40.03 ? 71  ILE A CG1 1 
ATOM   489 C CG2 . ILE A 1 71  ? 2.951   7.751   -0.617  1.00 40.68 ? 71  ILE A CG2 1 
ATOM   490 C CD1 . ILE A 1 71  ? 1.997   10.231  -2.051  1.00 39.58 ? 71  ILE A CD1 1 
ATOM   491 N N   . SER A 1 72  ? 6.285   7.054   0.827   1.00 38.12 ? 72  SER A N   1 
ATOM   492 C CA  . SER A 1 72  ? 7.106   5.857   0.767   1.00 38.49 ? 72  SER A CA  1 
ATOM   493 C C   . SER A 1 72  ? 6.265   4.638   0.454   1.00 36.02 ? 72  SER A C   1 
ATOM   494 O O   . SER A 1 72  ? 5.089   4.591   0.797   1.00 35.58 ? 72  SER A O   1 
ATOM   495 C CB  . SER A 1 72  ? 7.808   5.649   2.109   1.00 42.62 ? 72  SER A CB  1 
ATOM   496 O OG  . SER A 1 72  ? 6.845   5.477   3.134   1.00 46.43 ? 72  SER A OG  1 
ATOM   497 N N   . LEU A 1 73  ? 6.862   3.651   -0.194  1.00 35.42 ? 73  LEU A N   1 
ATOM   498 C CA  . LEU A 1 73  ? 6.119   2.449   -0.495  1.00 37.70 ? 73  LEU A CA  1 
ATOM   499 C C   . LEU A 1 73  ? 5.736   1.779   0.830   1.00 39.66 ? 73  LEU A C   1 
ATOM   500 O O   . LEU A 1 73  ? 4.623   1.289   0.994   1.00 40.08 ? 73  LEU A O   1 
ATOM   501 C CB  . LEU A 1 73  ? 6.956   1.523   -1.374  1.00 37.67 ? 73  LEU A CB  1 
ATOM   502 C CG  . LEU A 1 73  ? 7.311   2.132   -2.743  1.00 40.49 ? 73  LEU A CG  1 
ATOM   503 C CD1 . LEU A 1 73  ? 7.614   1.032   -3.745  1.00 38.52 ? 73  LEU A CD1 1 
ATOM   504 C CD2 . LEU A 1 73  ? 6.148   2.957   -3.266  1.00 38.39 ? 73  LEU A CD2 1 
ATOM   505 N N   . LEU A 1 74  ? 6.650   1.788   1.789   1.00 41.66 ? 74  LEU A N   1 
ATOM   506 C CA  . LEU A 1 74  ? 6.364   1.201   3.092   1.00 43.16 ? 74  LEU A CA  1 
ATOM   507 C C   . LEU A 1 74  ? 5.098   1.867   3.628   1.00 43.20 ? 74  LEU A C   1 
ATOM   508 O O   . LEU A 1 74  ? 4.192   1.197   4.126   1.00 41.64 ? 74  LEU A O   1 
ATOM   509 C CB  . LEU A 1 74  ? 7.554   1.434   4.034   1.00 46.32 ? 74  LEU A CB  1 
ATOM   510 C CG  . LEU A 1 74  ? 7.532   0.983   5.505   1.00 46.90 ? 74  LEU A CG  1 
ATOM   511 C CD1 . LEU A 1 74  ? 6.745   1.975   6.317   1.00 46.78 ? 74  LEU A CD1 1 
ATOM   512 C CD2 . LEU A 1 74  ? 6.961   -0.414  5.635   1.00 45.28 ? 74  LEU A CD2 1 
ATOM   513 N N   . GLU A 1 75  ? 5.031   3.187   3.492   1.00 43.69 ? 75  GLU A N   1 
ATOM   514 C CA  . GLU A 1 75  ? 3.871   3.961   3.944   1.00 44.05 ? 75  GLU A CA  1 
ATOM   515 C C   . GLU A 1 75  ? 2.603   3.425   3.278   1.00 45.64 ? 75  GLU A C   1 
ATOM   516 O O   . GLU A 1 75  ? 1.545   3.339   3.908   1.00 46.50 ? 75  GLU A O   1 
ATOM   517 C CB  . GLU A 1 75  ? 4.073   5.442   3.592   1.00 42.43 ? 75  GLU A CB  1 
ATOM   518 C CG  . GLU A 1 75  ? 2.994   6.406   4.084   1.00 42.99 ? 75  GLU A CG  1 
ATOM   519 C CD  . GLU A 1 75  ? 3.457   7.868   4.039   1.00 42.97 ? 75  GLU A CD  1 
ATOM   520 O OE1 . GLU A 1 75  ? 4.615   8.130   3.644   1.00 44.11 ? 75  GLU A OE1 1 
ATOM   521 O OE2 . GLU A 1 75  ? 2.670   8.767   4.407   1.00 43.79 ? 75  GLU A OE2 1 
ATOM   522 N N   . VAL A 1 76  ? 2.719   3.061   2.002   1.00 45.08 ? 76  VAL A N   1 
ATOM   523 C CA  . VAL A 1 76  ? 1.590   2.529   1.246   1.00 44.68 ? 76  VAL A CA  1 
ATOM   524 C C   . VAL A 1 76  ? 1.242   1.144   1.753   1.00 44.61 ? 76  VAL A C   1 
ATOM   525 O O   . VAL A 1 76  ? 0.072   0.805   1.936   1.00 44.59 ? 76  VAL A O   1 
ATOM   526 C CB  . VAL A 1 76  ? 1.923   2.392   -0.256  1.00 44.47 ? 76  VAL A CB  1 
ATOM   527 C CG1 . VAL A 1 76  ? 0.719   1.840   -0.998  1.00 42.10 ? 76  VAL A CG1 1 
ATOM   528 C CG2 . VAL A 1 76  ? 2.342   3.727   -0.828  1.00 42.04 ? 76  VAL A CG2 1 
ATOM   529 N N   . TYR A 1 77  ? 2.279   0.345   1.951   1.00 45.42 ? 77  TYR A N   1 
ATOM   530 C CA  . TYR A 1 77  ? 2.148   -1.017  2.432   1.00 48.11 ? 77  TYR A CA  1 
ATOM   531 C C   . TYR A 1 77  ? 1.250   -1.148  3.659   1.00 48.33 ? 77  TYR A C   1 
ATOM   532 O O   . TYR A 1 77  ? 0.243   -1.844  3.622   1.00 47.27 ? 77  TYR A O   1 
ATOM   533 C CB  . TYR A 1 77  ? 3.528   -1.567  2.765   1.00 51.01 ? 77  TYR A CB  1 
ATOM   534 C CG  . TYR A 1 77  ? 3.518   -2.988  3.289   1.00 56.39 ? 77  TYR A CG  1 
ATOM   535 C CD1 . TYR A 1 77  ? 3.197   -4.062  2.457   1.00 57.52 ? 77  TYR A CD1 1 
ATOM   536 C CD2 . TYR A 1 77  ? 3.866   -3.262  4.614   1.00 57.72 ? 77  TYR A CD2 1 
ATOM   537 C CE1 . TYR A 1 77  ? 3.231   -5.379  2.933   1.00 59.94 ? 77  TYR A CE1 1 
ATOM   538 C CE2 . TYR A 1 77  ? 3.902   -4.576  5.100   1.00 59.51 ? 77  TYR A CE2 1 
ATOM   539 C CZ  . TYR A 1 77  ? 3.587   -5.629  4.256   1.00 60.89 ? 77  TYR A CZ  1 
ATOM   540 O OH  . TYR A 1 77  ? 3.653   -6.927  4.731   1.00 60.97 ? 77  TYR A OH  1 
ATOM   541 N N   . ARG A 1 78  ? 1.625   -0.486  4.747   1.00 49.58 ? 78  ARG A N   1 
ATOM   542 C CA  . ARG A 1 78  ? 0.850   -0.551  5.981   1.00 51.37 ? 78  ARG A CA  1 
ATOM   543 C C   . ARG A 1 78  ? -0.611  -0.220  5.764   1.00 50.73 ? 78  ARG A C   1 
ATOM   544 O O   . ARG A 1 78  ? -1.489  -0.913  6.273   1.00 51.75 ? 78  ARG A O   1 
ATOM   545 C CB  . ARG A 1 78  ? 1.425   0.392   7.037   1.00 52.86 ? 78  ARG A CB  1 
ATOM   546 C CG  . ARG A 1 78  ? 2.101   -0.319  8.207   1.00 57.42 ? 78  ARG A CG  1 
ATOM   547 C CD  . ARG A 1 78  ? 2.291   0.644   9.376   1.00 60.40 ? 78  ARG A CD  1 
ATOM   548 N NE  . ARG A 1 78  ? 1.235   0.585   10.393  1.00 64.11 ? 78  ARG A NE  1 
ATOM   549 C CZ  . ARG A 1 78  ? -0.078  0.641   10.159  1.00 65.67 ? 78  ARG A CZ  1 
ATOM   550 N NH1 . ARG A 1 78  ? -0.547  0.753   8.924   1.00 66.29 ? 78  ARG A NH1 1 
ATOM   551 N NH2 . ARG A 1 78  ? -0.932  0.594   11.175  1.00 67.44 ? 78  ARG A NH2 1 
ATOM   552 N N   . ALA A 1 79  ? -0.875  0.838   5.008   1.00 50.66 ? 79  ALA A N   1 
ATOM   553 C CA  . ALA A 1 79  ? -2.247  1.245   4.738   1.00 48.20 ? 79  ALA A CA  1 
ATOM   554 C C   . ALA A 1 79  ? -3.071  0.124   4.119   1.00 47.02 ? 79  ALA A C   1 
ATOM   555 O O   . ALA A 1 79  ? -4.265  0.037   4.365   1.00 46.63 ? 79  ALA A O   1 
ATOM   556 C CB  . ALA A 1 79  ? -2.262  2.460   3.832   1.00 50.18 ? 79  ALA A CB  1 
ATOM   557 N N   . VAL A 1 80  ? -2.447  -0.737  3.323   1.00 46.50 ? 80  VAL A N   1 
ATOM   558 C CA  . VAL A 1 80  ? -3.172  -1.837  2.689   1.00 48.68 ? 80  VAL A CA  1 
ATOM   559 C C   . VAL A 1 80  ? -2.710  -3.187  3.237   1.00 51.36 ? 80  VAL A C   1 
ATOM   560 O O   . VAL A 1 80  ? -3.065  -4.242  2.710   1.00 50.15 ? 80  VAL A O   1 
ATOM   561 C CB  . VAL A 1 80  ? -2.959  -1.842  1.156   1.00 47.87 ? 80  VAL A CB  1 
ATOM   562 C CG1 . VAL A 1 80  ? -3.558  -0.585  0.521   1.00 47.75 ? 80  VAL A CG1 1 
ATOM   563 C CG2 . VAL A 1 80  ? -1.479  -1.932  0.854   1.00 46.53 ? 80  VAL A CG2 1 
ATOM   564 N N   . GLN A 1 81  ? -1.917  -3.128  4.299   1.00 56.87 ? 81  GLN A N   1 
ATOM   565 C CA  . GLN A 1 81  ? -1.361  -4.302  4.967   1.00 61.55 ? 81  GLN A CA  1 
ATOM   566 C C   . GLN A 1 81  ? -2.433  -5.151  5.650   1.00 64.07 ? 81  GLN A C   1 
ATOM   567 O O   . GLN A 1 81  ? -3.236  -4.635  6.427   1.00 65.05 ? 81  GLN A O   1 
ATOM   568 C CB  . GLN A 1 81  ? -0.328  -3.840  6.007   1.00 64.04 ? 81  GLN A CB  1 
ATOM   569 C CG  . GLN A 1 81  ? 0.086   -4.879  7.019   1.00 66.31 ? 81  GLN A CG  1 
ATOM   570 C CD  . GLN A 1 81  ? 0.798   -6.054  6.390   1.00 70.04 ? 81  GLN A CD  1 
ATOM   571 O OE1 . GLN A 1 81  ? 0.269   -6.712  5.486   1.00 71.70 ? 81  GLN A OE1 1 
ATOM   572 N NE2 . GLN A 1 81  ? 2.007   -6.332  6.868   1.00 71.35 ? 81  GLN A NE2 1 
ATOM   573 N N   . LYS A 1 82  ? -2.435  -6.452  5.359   1.00 66.22 ? 82  LYS A N   1 
ATOM   574 C CA  . LYS A 1 82  ? -3.397  -7.385  5.951   1.00 66.95 ? 82  LYS A CA  1 
ATOM   575 C C   . LYS A 1 82  ? -3.235  -7.485  7.467   1.00 67.56 ? 82  LYS A C   1 
ATOM   576 O O   . LYS A 1 82  ? -2.834  -8.526  7.994   1.00 68.68 ? 82  LYS A O   1 
ATOM   577 C CB  . LYS A 1 82  ? -3.227  -8.773  5.328   1.00 67.63 ? 82  LYS A CB  1 
ATOM   578 C CG  . LYS A 1 82  ? -3.742  -8.869  3.897   1.00 68.69 ? 82  LYS A CG  1 
ATOM   579 C CD  . LYS A 1 82  ? -3.301  -10.161 3.213   1.00 69.17 ? 82  LYS A CD  1 
ATOM   580 C CE  . LYS A 1 82  ? -3.724  -11.396 3.991   1.00 68.44 ? 82  LYS A CE  1 
ATOM   581 N NZ  . LYS A 1 82  ? -5.195  -11.468 4.157   1.00 67.81 ? 82  LYS A NZ  1 
ATOM   582 N N   . ASN A 1 94  ? 2.188   -27.684 17.477  1.00 78.65 ? 94  ASN A N   1 
ATOM   583 C CA  . ASN A 1 94  ? 2.211   -26.392 16.809  1.00 78.03 ? 94  ASN A CA  1 
ATOM   584 C C   . ASN A 1 94  ? 3.388   -25.488 17.174  1.00 77.11 ? 94  ASN A C   1 
ATOM   585 O O   . ASN A 1 94  ? 3.373   -24.307 16.828  1.00 78.24 ? 94  ASN A O   1 
ATOM   586 C CB  . ASN A 1 94  ? 0.901   -25.636 17.070  1.00 79.35 ? 94  ASN A CB  1 
ATOM   587 C CG  . ASN A 1 94  ? -0.268  -26.189 16.268  1.00 80.62 ? 94  ASN A CG  1 
ATOM   588 O OD1 . ASN A 1 94  ? -1.424  -25.824 16.495  1.00 80.16 ? 94  ASN A OD1 1 
ATOM   589 N ND2 . ASN A 1 94  ? 0.031   -27.070 15.317  1.00 81.49 ? 94  ASN A ND2 1 
ATOM   590 N N   . PRO A 1 95  ? 4.422   -26.009 17.874  1.00 75.52 ? 95  PRO A N   1 
ATOM   591 C CA  . PRO A 1 95  ? 4.703   -27.347 18.414  1.00 73.81 ? 95  PRO A CA  1 
ATOM   592 C C   . PRO A 1 95  ? 4.411   -27.477 19.922  1.00 71.28 ? 95  PRO A C   1 
ATOM   593 O O   . PRO A 1 95  ? 4.185   -26.485 20.612  1.00 69.75 ? 95  PRO A O   1 
ATOM   594 C CB  . PRO A 1 95  ? 6.180   -27.523 18.101  1.00 73.84 ? 95  PRO A CB  1 
ATOM   595 C CG  . PRO A 1 95  ? 6.705   -26.168 18.420  1.00 74.89 ? 95  PRO A CG  1 
ATOM   596 C CD  . PRO A 1 95  ? 5.671   -25.225 17.808  1.00 75.11 ? 95  PRO A CD  1 
ATOM   597 N N   . LYS A 1 96  ? 4.431   -28.706 20.427  1.00 69.95 ? 96  LYS A N   1 
ATOM   598 C CA  . LYS A 1 96  ? 4.149   -28.948 21.839  1.00 68.72 ? 96  LYS A CA  1 
ATOM   599 C C   . LYS A 1 96  ? 5.409   -29.115 22.666  1.00 66.75 ? 96  LYS A C   1 
ATOM   600 O O   . LYS A 1 96  ? 5.516   -28.552 23.747  1.00 66.50 ? 96  LYS A O   1 
ATOM   601 C CB  . LYS A 1 96  ? 3.259   -30.183 21.985  1.00 69.64 ? 96  LYS A CB  1 
ATOM   602 C CG  . LYS A 1 96  ? 1.845   -29.979 21.442  1.00 72.42 ? 96  LYS A CG  1 
ATOM   603 C CD  . LYS A 1 96  ? 1.062   -31.289 21.331  1.00 74.04 ? 96  LYS A CD  1 
ATOM   604 C CE  . LYS A 1 96  ? 1.698   -32.247 20.317  1.00 75.98 ? 96  LYS A CE  1 
ATOM   605 N NZ  . LYS A 1 96  ? 0.893   -33.494 20.118  1.00 76.40 ? 96  LYS A NZ  1 
ATOM   606 N N   . CYS A 1 97  ? 6.360   -29.889 22.161  1.00 65.34 ? 97  CYS A N   1 
ATOM   607 C CA  . CYS A 1 97  ? 7.609   -30.108 22.874  1.00 64.45 ? 97  CYS A CA  1 
ATOM   608 C C   . CYS A 1 97  ? 8.212   -28.769 23.300  1.00 62.86 ? 97  CYS A C   1 
ATOM   609 O O   . CYS A 1 97  ? 8.025   -27.758 22.629  1.00 63.33 ? 97  CYS A O   1 
ATOM   610 C CB  . CYS A 1 97  ? 8.601   -30.859 21.986  1.00 63.92 ? 97  CYS A CB  1 
ATOM   611 S SG  . CYS A 1 97  ? 10.104  -31.341 22.864  1.00 70.09 ? 97  CYS A SG  1 
ATOM   612 N N   . PRO A 1 98  ? 8.938   -28.742 24.433  1.00 61.46 ? 98  PRO A N   1 
ATOM   613 C CA  . PRO A 1 98  ? 9.546   -27.492 24.899  1.00 58.72 ? 98  PRO A CA  1 
ATOM   614 C C   . PRO A 1 98  ? 10.644  -27.060 23.941  1.00 55.87 ? 98  PRO A C   1 
ATOM   615 O O   . PRO A 1 98  ? 10.878  -25.869 23.739  1.00 53.32 ? 98  PRO A O   1 
ATOM   616 C CB  . PRO A 1 98  ? 10.113  -27.868 26.265  1.00 59.79 ? 98  PRO A CB  1 
ATOM   617 C CG  . PRO A 1 98  ? 9.255   -29.002 26.697  1.00 61.17 ? 98  PRO A CG  1 
ATOM   618 C CD  . PRO A 1 98  ? 9.123   -29.803 25.435  1.00 61.20 ? 98  PRO A CD  1 
ATOM   619 N N   . VAL A 1 99  ? 11.315  -28.048 23.360  1.00 53.40 ? 99  VAL A N   1 
ATOM   620 C CA  . VAL A 1 99  ? 12.388  -27.786 22.424  1.00 51.39 ? 99  VAL A CA  1 
ATOM   621 C C   . VAL A 1 99  ? 11.818  -27.074 21.212  1.00 51.44 ? 99  VAL A C   1 
ATOM   622 O O   . VAL A 1 99  ? 12.358  -26.063 20.759  1.00 51.14 ? 99  VAL A O   1 
ATOM   623 C CB  . VAL A 1 99  ? 13.029  -29.071 21.959  1.00 51.33 ? 99  VAL A CB  1 
ATOM   624 C CG1 . VAL A 1 99  ? 14.426  -28.792 21.473  1.00 49.69 ? 99  VAL A CG1 1 
ATOM   625 C CG2 . VAL A 1 99  ? 13.041  -30.077 23.092  1.00 53.60 ? 99  VAL A CG2 1 
ATOM   626 N N   . GLY A 1 100 ? 10.718  -27.608 20.695  1.00 49.34 ? 100 GLY A N   1 
ATOM   627 C CA  . GLY A 1 100 ? 10.083  -27.008 19.543  1.00 47.50 ? 100 GLY A CA  1 
ATOM   628 C C   . GLY A 1 100 ? 9.780   -25.551 19.802  1.00 46.69 ? 100 GLY A C   1 
ATOM   629 O O   . GLY A 1 100 ? 10.124  -24.687 19.006  1.00 47.71 ? 100 GLY A O   1 
ATOM   630 N N   . LYS A 1 101 ? 9.131   -25.272 20.922  1.00 44.85 ? 101 LYS A N   1 
ATOM   631 C CA  . LYS A 1 101 ? 8.794   -23.906 21.254  1.00 44.63 ? 101 LYS A CA  1 
ATOM   632 C C   . LYS A 1 101 ? 10.029  -23.035 21.273  1.00 45.11 ? 101 LYS A C   1 
ATOM   633 O O   . LYS A 1 101 ? 10.020  -21.925 20.734  1.00 46.07 ? 101 LYS A O   1 
ATOM   634 C CB  . LYS A 1 101 ? 8.116   -23.824 22.618  1.00 43.94 ? 101 LYS A CB  1 
ATOM   635 C CG  . LYS A 1 101 ? 6.674   -24.289 22.659  1.00 44.91 ? 101 LYS A CG  1 
ATOM   636 C CD  . LYS A 1 101 ? 6.096   -24.012 24.049  1.00 44.28 ? 101 LYS A CD  1 
ATOM   637 C CE  . LYS A 1 101 ? 4.586   -24.132 24.105  1.00 44.06 ? 101 LYS A CE  1 
ATOM   638 N NZ  . LYS A 1 101 ? 4.042   -23.224 25.181  1.00 42.94 ? 101 LYS A NZ  1 
ATOM   639 N N   . LYS A 1 102 ? 11.091  -23.521 21.904  1.00 45.88 ? 102 LYS A N   1 
ATOM   640 C CA  . LYS A 1 102 ? 12.320  -22.737 21.977  1.00 47.03 ? 102 LYS A CA  1 
ATOM   641 C C   . LYS A 1 102 ? 12.670  -22.271 20.578  1.00 47.44 ? 102 LYS A C   1 
ATOM   642 O O   . LYS A 1 102 ? 12.693  -21.073 20.293  1.00 48.17 ? 102 LYS A O   1 
ATOM   643 C CB  . LYS A 1 102 ? 13.481  -23.569 22.534  1.00 47.68 ? 102 LYS A CB  1 
ATOM   644 C CG  . LYS A 1 102 ? 13.556  -23.655 24.057  1.00 47.75 ? 102 LYS A CG  1 
ATOM   645 C CD  . LYS A 1 102 ? 13.771  -22.293 24.688  1.00 48.32 ? 102 LYS A CD  1 
ATOM   646 C CE  . LYS A 1 102 ? 13.950  -22.400 26.201  1.00 49.43 ? 102 LYS A CE  1 
ATOM   647 N NZ  . LYS A 1 102 ? 13.735  -21.088 26.881  1.00 49.03 ? 102 LYS A NZ  1 
ATOM   648 N N   . ILE A 1 103 ? 12.935  -23.243 19.716  1.00 47.81 ? 103 ILE A N   1 
ATOM   649 C CA  . ILE A 1 103 ? 13.283  -22.990 18.333  1.00 49.30 ? 103 ILE A CA  1 
ATOM   650 C C   . ILE A 1 103 ? 12.285  -22.005 17.744  1.00 49.70 ? 103 ILE A C   1 
ATOM   651 O O   . ILE A 1 103 ? 12.658  -21.078 17.024  1.00 48.83 ? 103 ILE A O   1 
ATOM   652 C CB  . ILE A 1 103 ? 13.260  -24.299 17.522  1.00 50.05 ? 103 ILE A CB  1 
ATOM   653 C CG1 . ILE A 1 103 ? 14.378  -25.220 18.005  1.00 50.18 ? 103 ILE A CG1 1 
ATOM   654 C CG2 . ILE A 1 103 ? 13.427  -24.003 16.039  1.00 51.50 ? 103 ILE A CG2 1 
ATOM   655 C CD1 . ILE A 1 103 ? 14.361  -26.600 17.393  1.00 52.19 ? 103 ILE A CD1 1 
ATOM   656 N N   . GLN A 1 104 ? 11.015  -22.199 18.073  1.00 50.37 ? 104 GLN A N   1 
ATOM   657 C CA  . GLN A 1 104 ? 9.990   -21.317 17.559  1.00 51.77 ? 104 GLN A CA  1 
ATOM   658 C C   . GLN A 1 104 ? 10.420  -19.895 17.819  1.00 51.72 ? 104 GLN A C   1 
ATOM   659 O O   . GLN A 1 104 ? 10.466  -19.075 16.909  1.00 51.85 ? 104 GLN A O   1 
ATOM   660 C CB  . GLN A 1 104 ? 8.650   -21.579 18.241  1.00 52.77 ? 104 GLN A CB  1 
ATOM   661 C CG  . GLN A 1 104 ? 7.559   -20.643 17.767  1.00 55.14 ? 104 GLN A CG  1 
ATOM   662 C CD  . GLN A 1 104 ? 7.330   -20.724 16.260  1.00 58.68 ? 104 GLN A CD  1 
ATOM   663 O OE1 . GLN A 1 104 ? 6.652   -19.868 15.678  1.00 60.50 ? 104 GLN A OE1 1 
ATOM   664 N NE2 . GLN A 1 104 ? 7.884   -21.757 15.620  1.00 56.34 ? 104 GLN A NE2 1 
ATOM   665 N N   . ASN A 1 105 ? 10.752  -19.611 19.068  1.00 51.21 ? 105 ASN A N   1 
ATOM   666 C CA  . ASN A 1 105 ? 11.181  -18.276 19.426  1.00 51.05 ? 105 ASN A CA  1 
ATOM   667 C C   . ASN A 1 105 ? 12.356  -17.817 18.597  1.00 49.46 ? 105 ASN A C   1 
ATOM   668 O O   . ASN A 1 105 ? 12.393  -16.672 18.170  1.00 49.30 ? 105 ASN A O   1 
ATOM   669 C CB  . ASN A 1 105 ? 11.539  -18.208 20.902  1.00 53.21 ? 105 ASN A CB  1 
ATOM   670 C CG  . ASN A 1 105 ? 10.326  -18.305 21.778  1.00 54.61 ? 105 ASN A CG  1 
ATOM   671 O OD1 . ASN A 1 105 ? 9.314   -17.663 21.508  1.00 56.25 ? 105 ASN A OD1 1 
ATOM   672 N ND2 . ASN A 1 105 ? 10.413  -19.097 22.840  1.00 55.36 ? 105 ASN A ND2 1 
ATOM   673 N N   . ALA A 1 106 ? 13.324  -18.696 18.376  1.00 47.71 ? 106 ALA A N   1 
ATOM   674 C CA  . ALA A 1 106 ? 14.461  -18.297 17.569  1.00 48.77 ? 106 ALA A CA  1 
ATOM   675 C C   . ALA A 1 106 ? 13.869  -17.847 16.248  1.00 50.23 ? 106 ALA A C   1 
ATOM   676 O O   . ALA A 1 106 ? 14.017  -16.703 15.832  1.00 51.54 ? 106 ALA A O   1 
ATOM   677 C CB  . ALA A 1 106 ? 15.394  -19.463 17.357  1.00 47.58 ? 106 ALA A CB  1 
ATOM   678 N N   . LEU A 1 107 ? 13.159  -18.751 15.604  1.00 49.83 ? 107 LEU A N   1 
ATOM   679 C CA  . LEU A 1 107 ? 12.549  -18.434 14.344  1.00 51.19 ? 107 LEU A CA  1 
ATOM   680 C C   . LEU A 1 107 ? 11.792  -17.124 14.385  1.00 53.38 ? 107 LEU A C   1 
ATOM   681 O O   . LEU A 1 107 ? 12.020  -16.237 13.557  1.00 55.51 ? 107 LEU A O   1 
ATOM   682 C CB  . LEU A 1 107 ? 11.621  -19.559 13.934  1.00 50.48 ? 107 LEU A CB  1 
ATOM   683 C CG  . LEU A 1 107 ? 12.392  -20.693 13.280  1.00 50.88 ? 107 LEU A CG  1 
ATOM   684 C CD1 . LEU A 1 107 ? 13.075  -20.176 12.036  1.00 51.56 ? 107 LEU A CD1 1 
ATOM   685 C CD2 . LEU A 1 107 ? 13.421  -21.229 14.235  1.00 54.45 ? 107 LEU A CD2 1 
ATOM   686 N N   . ASP A 1 108 ? 10.887  -17.001 15.344  1.00 53.45 ? 108 ASP A N   1 
ATOM   687 C CA  . ASP A 1 108 ? 10.075  -15.801 15.478  1.00 54.78 ? 108 ASP A CA  1 
ATOM   688 C C   . ASP A 1 108 ? 10.859  -14.509 15.306  1.00 56.27 ? 108 ASP A C   1 
ATOM   689 O O   . ASP A 1 108 ? 10.462  -13.618 14.549  1.00 56.38 ? 108 ASP A O   1 
ATOM   690 C CB  . ASP A 1 108 ? 9.387   -15.781 16.845  1.00 55.08 ? 108 ASP A CB  1 
ATOM   691 C CG  . ASP A 1 108 ? 8.027   -16.448 16.827  1.00 54.99 ? 108 ASP A CG  1 
ATOM   692 O OD1 . ASP A 1 108 ? 7.844   -17.380 16.026  1.00 53.84 ? 108 ASP A OD1 1 
ATOM   693 O OD2 . ASP A 1 108 ? 7.148   -16.047 17.621  1.00 55.60 ? 108 ASP A OD2 1 
ATOM   694 N N   . GLU A 1 109 ? 11.976  -14.403 16.006  1.00 57.04 ? 109 GLU A N   1 
ATOM   695 C CA  . GLU A 1 109 ? 12.749  -13.187 15.931  1.00 59.59 ? 109 GLU A CA  1 
ATOM   696 C C   . GLU A 1 109 ? 13.444  -13.007 14.582  1.00 60.10 ? 109 GLU A C   1 
ATOM   697 O O   . GLU A 1 109 ? 13.499  -11.890 14.055  1.00 59.27 ? 109 GLU A O   1 
ATOM   698 C CB  . GLU A 1 109 ? 13.745  -13.143 17.097  1.00 61.15 ? 109 GLU A CB  1 
ATOM   699 C CG  . GLU A 1 109 ? 14.655  -14.334 17.160  1.00 64.05 ? 109 GLU A CG  1 
ATOM   700 C CD  . GLU A 1 109 ? 15.640  -14.332 16.014  1.00 66.05 ? 109 GLU A CD  1 
ATOM   701 O OE1 . GLU A 1 109 ? 16.068  -15.425 15.577  1.00 68.92 ? 109 GLU A OE1 1 
ATOM   702 O OE2 . GLU A 1 109 ? 15.986  -13.225 15.549  1.00 65.97 ? 109 GLU A OE2 1 
ATOM   703 N N   . THR A 1 110 ? 13.957  -14.094 14.008  1.00 61.13 ? 110 THR A N   1 
ATOM   704 C CA  . THR A 1 110 ? 14.643  -13.989 12.720  1.00 61.85 ? 110 THR A CA  1 
ATOM   705 C C   . THR A 1 110 ? 13.686  -13.376 11.706  1.00 63.10 ? 110 THR A C   1 
ATOM   706 O O   . THR A 1 110 ? 14.017  -12.408 11.028  1.00 61.97 ? 110 THR A O   1 
ATOM   707 C CB  . THR A 1 110 ? 15.100  -15.354 12.214  1.00 61.89 ? 110 THR A CB  1 
ATOM   708 O OG1 . THR A 1 110 ? 15.802  -16.042 13.259  1.00 63.29 ? 110 THR A OG1 1 
ATOM   709 C CG2 . THR A 1 110 ? 16.031  -15.182 11.039  1.00 61.88 ? 110 THR A CG2 1 
ATOM   710 N N   . PHE A 1 111 ? 12.488  -13.943 11.626  1.00 64.90 ? 111 PHE A N   1 
ATOM   711 C CA  . PHE A 1 111 ? 11.459  -13.447 10.726  1.00 66.56 ? 111 PHE A CA  1 
ATOM   712 C C   . PHE A 1 111 ? 11.192  -11.972 10.964  1.00 66.75 ? 111 PHE A C   1 
ATOM   713 O O   . PHE A 1 111 ? 10.564  -11.310 10.132  1.00 67.04 ? 111 PHE A O   1 
ATOM   714 C CB  . PHE A 1 111 ? 10.152  -14.204 10.934  1.00 68.61 ? 111 PHE A CB  1 
ATOM   715 C CG  . PHE A 1 111 ? 10.217  -15.639 10.532  1.00 70.31 ? 111 PHE A CG  1 
ATOM   716 C CD1 . PHE A 1 111 ? 9.113   -16.463 10.701  1.00 70.69 ? 111 PHE A CD1 1 
ATOM   717 C CD2 . PHE A 1 111 ? 11.389  -16.173 9.992   1.00 70.77 ? 111 PHE A CD2 1 
ATOM   718 C CE1 . PHE A 1 111 ? 9.171   -17.801 10.342  1.00 71.80 ? 111 PHE A CE1 1 
ATOM   719 C CE2 . PHE A 1 111 ? 11.462  -17.506 9.629   1.00 70.88 ? 111 PHE A CE2 1 
ATOM   720 C CZ  . PHE A 1 111 ? 10.354  -18.326 9.803   1.00 72.58 ? 111 PHE A CZ  1 
ATOM   721 N N   . GLU A 1 112 ? 11.645  -11.464 12.106  1.00 65.00 ? 112 GLU A N   1 
ATOM   722 C CA  . GLU A 1 112 ? 11.445  -10.062 12.426  1.00 63.93 ? 112 GLU A CA  1 
ATOM   723 C C   . GLU A 1 112 ? 12.614  -9.278  11.864  1.00 61.68 ? 112 GLU A C   1 
ATOM   724 O O   . GLU A 1 112 ? 12.489  -8.104  11.545  1.00 61.73 ? 112 GLU A O   1 
ATOM   725 C CB  . GLU A 1 112 ? 11.351  -9.867  13.935  1.00 65.19 ? 112 GLU A CB  1 
ATOM   726 C CG  . GLU A 1 112 ? 10.609  -8.608  14.334  1.00 68.13 ? 112 GLU A CG  1 
ATOM   727 C CD  . GLU A 1 112 ? 10.037  -8.710  15.734  1.00 71.34 ? 112 GLU A CD  1 
ATOM   728 O OE1 . GLU A 1 112 ? 9.298   -9.689  15.998  1.00 71.99 ? 112 GLU A OE1 1 
ATOM   729 O OE2 . GLU A 1 112 ? 10.321  -7.820  16.569  1.00 72.08 ? 112 GLU A OE2 1 
ATOM   730 N N   . SER A 1 113 ? 13.755  -9.939  11.743  1.00 59.81 ? 113 SER A N   1 
ATOM   731 C CA  . SER A 1 113 ? 14.937  -9.306  11.193  1.00 58.09 ? 113 SER A CA  1 
ATOM   732 C C   . SER A 1 113 ? 14.702  -9.152  9.689   1.00 57.66 ? 113 SER A C   1 
ATOM   733 O O   . SER A 1 113 ? 14.902  -8.079  9.115   1.00 57.98 ? 113 SER A O   1 
ATOM   734 C CB  . SER A 1 113 ? 16.162  -10.183 11.453  1.00 58.45 ? 113 SER A CB  1 
ATOM   735 O OG  . SER A 1 113 ? 17.303  -9.678  10.785  1.00 57.19 ? 113 SER A OG  1 
ATOM   736 N N   . VAL A 1 114 ? 14.269  -10.238 9.061   1.00 55.23 ? 114 VAL A N   1 
ATOM   737 C CA  . VAL A 1 114 ? 13.988  -10.237 7.633   1.00 53.28 ? 114 VAL A CA  1 
ATOM   738 C C   . VAL A 1 114 ? 12.858  -9.275  7.350   1.00 52.46 ? 114 VAL A C   1 
ATOM   739 O O   . VAL A 1 114 ? 12.858  -8.552  6.353   1.00 50.92 ? 114 VAL A O   1 
ATOM   740 C CB  . VAL A 1 114 ? 13.566  -11.633 7.155   1.00 52.99 ? 114 VAL A CB  1 
ATOM   741 C CG1 . VAL A 1 114 ? 12.875  -11.533 5.800   1.00 53.60 ? 114 VAL A CG1 1 
ATOM   742 C CG2 . VAL A 1 114 ? 14.787  -12.534 7.080   1.00 51.97 ? 114 VAL A CG2 1 
ATOM   743 N N   . GLN A 1 115 ? 11.885  -9.288  8.243   1.00 51.27 ? 115 GLN A N   1 
ATOM   744 C CA  . GLN A 1 115 ? 10.733  -8.429  8.128   1.00 51.63 ? 115 GLN A CA  1 
ATOM   745 C C   . GLN A 1 115 ? 11.191  -6.977  8.098   1.00 52.21 ? 115 GLN A C   1 
ATOM   746 O O   . GLN A 1 115 ? 10.819  -6.217  7.207   1.00 51.44 ? 115 GLN A O   1 
ATOM   747 C CB  . GLN A 1 115 ? 9.818   -8.657  9.323   1.00 51.39 ? 115 GLN A CB  1 
ATOM   748 C CG  . GLN A 1 115 ? 8.621   -7.732  9.420   1.00 53.20 ? 115 GLN A CG  1 
ATOM   749 C CD  . GLN A 1 115 ? 7.591   -7.994  8.347   1.00 55.01 ? 115 GLN A CD  1 
ATOM   750 O OE1 . GLN A 1 115 ? 7.372   -9.141  7.945   1.00 56.67 ? 115 GLN A OE1 1 
ATOM   751 N NE2 . GLN A 1 115 ? 6.937   -6.934  7.888   1.00 55.82 ? 115 GLN A NE2 1 
ATOM   752 N N   . ARG A 1 116 ? 11.996  -6.595  9.085   1.00 52.39 ? 116 ARG A N   1 
ATOM   753 C CA  . ARG A 1 116 ? 12.481  -5.225  9.165   1.00 52.08 ? 116 ARG A CA  1 
ATOM   754 C C   . ARG A 1 116 ? 13.215  -4.901  7.870   1.00 49.18 ? 116 ARG A C   1 
ATOM   755 O O   . ARG A 1 116 ? 13.064  -3.816  7.321   1.00 49.08 ? 116 ARG A O   1 
ATOM   756 C CB  . ARG A 1 116 ? 13.417  -5.049  10.372  1.00 54.74 ? 116 ARG A CB  1 
ATOM   757 C CG  . ARG A 1 116 ? 12.747  -5.136  11.753  1.00 57.28 ? 116 ARG A CG  1 
ATOM   758 C CD  . ARG A 1 116 ? 11.839  -3.949  12.030  1.00 61.12 ? 116 ARG A CD  1 
ATOM   759 N NE  . ARG A 1 116 ? 10.482  -4.172  11.538  1.00 66.72 ? 116 ARG A NE  1 
ATOM   760 C CZ  . ARG A 1 116 ? 9.577   -4.932  12.153  1.00 67.49 ? 116 ARG A CZ  1 
ATOM   761 N NH1 . ARG A 1 116 ? 9.877   -5.545  13.293  1.00 68.41 ? 116 ARG A NH1 1 
ATOM   762 N NH2 . ARG A 1 116 ? 8.372   -5.092  11.623  1.00 67.37 ? 116 ARG A NH2 1 
ATOM   763 N N   . ALA A 1 117 ? 13.998  -5.852  7.380   1.00 46.42 ? 117 ALA A N   1 
ATOM   764 C CA  . ALA A 1 117 ? 14.720  -5.648  6.139   1.00 46.28 ? 117 ALA A CA  1 
ATOM   765 C C   . ALA A 1 117 ? 13.699  -5.317  5.044   1.00 48.20 ? 117 ALA A C   1 
ATOM   766 O O   . ALA A 1 117 ? 13.737  -4.237  4.467   1.00 50.01 ? 117 ALA A O   1 
ATOM   767 C CB  . ALA A 1 117 ? 15.498  -6.882  5.784   1.00 43.52 ? 117 ALA A CB  1 
ATOM   768 N N   . MET A 1 118 ? 12.786  -6.245  4.771   1.00 48.97 ? 118 MET A N   1 
ATOM   769 C CA  . MET A 1 118 ? 11.742  -6.020  3.777   1.00 49.60 ? 118 MET A CA  1 
ATOM   770 C C   . MET A 1 118 ? 11.264  -4.576  3.991   1.00 49.28 ? 118 MET A C   1 
ATOM   771 O O   . MET A 1 118 ? 11.401  -3.723  3.110   1.00 49.75 ? 118 MET A O   1 
ATOM   772 C CB  . MET A 1 118 ? 10.580  -7.016  4.009   1.00 51.13 ? 118 MET A CB  1 
ATOM   773 C CG  . MET A 1 118 ? 9.561   -7.195  2.853   1.00 52.65 ? 118 MET A CG  1 
ATOM   774 S SD  . MET A 1 118 ? 7.808   -6.803  3.267   1.00 51.38 ? 118 MET A SD  1 
ATOM   775 C CE  . MET A 1 118 ? 7.321   -8.307  4.182   1.00 51.83 ? 118 MET A CE  1 
ATOM   776 N N   . GLU A 1 119 ? 10.752  -4.301  5.187   1.00 48.53 ? 119 GLU A N   1 
ATOM   777 C CA  . GLU A 1 119 ? 10.232  -2.980  5.522   1.00 48.00 ? 119 GLU A CA  1 
ATOM   778 C C   . GLU A 1 119 ? 11.191  -1.823  5.322   1.00 48.03 ? 119 GLU A C   1 
ATOM   779 O O   . GLU A 1 119 ? 10.765  -0.688  5.098   1.00 46.77 ? 119 GLU A O   1 
ATOM   780 C CB  . GLU A 1 119 ? 9.755   -2.940  6.965   1.00 49.78 ? 119 GLU A CB  1 
ATOM   781 C CG  . GLU A 1 119 ? 8.515   -3.746  7.259   1.00 52.82 ? 119 GLU A CG  1 
ATOM   782 C CD  . GLU A 1 119 ? 7.976   -3.452  8.646   1.00 55.23 ? 119 GLU A CD  1 
ATOM   783 O OE1 . GLU A 1 119 ? 8.751   -3.580  9.617   1.00 56.29 ? 119 GLU A OE1 1 
ATOM   784 O OE2 . GLU A 1 119 ? 6.787   -3.088  8.774   1.00 56.60 ? 119 GLU A OE2 1 
ATOM   785 N N   . ASN A 1 120 ? 12.484  -2.083  5.422   1.00 48.43 ? 120 ASN A N   1 
ATOM   786 C CA  . ASN A 1 120 ? 13.434  -0.996  5.261   1.00 48.90 ? 120 ASN A CA  1 
ATOM   787 C C   . ASN A 1 120 ? 13.633  -0.556  3.808   1.00 47.59 ? 120 ASN A C   1 
ATOM   788 O O   . ASN A 1 120 ? 13.884  0.619   3.546   1.00 48.52 ? 120 ASN A O   1 
ATOM   789 C CB  . ASN A 1 120 ? 14.745  -1.352  5.951   1.00 49.96 ? 120 ASN A CB  1 
ATOM   790 C CG  . ASN A 1 120 ? 14.685  -1.098  7.450   1.00 51.93 ? 120 ASN A CG  1 
ATOM   791 O OD1 . ASN A 1 120 ? 15.548  -1.543  8.204   1.00 54.82 ? 120 ASN A OD1 1 
ATOM   792 N ND2 . ASN A 1 120 ? 13.661  -0.371  7.886   1.00 50.83 ? 120 ASN A ND2 1 
ATOM   793 N N   . GLU A 1 121 ? 13.508  -1.480  2.865   1.00 46.61 ? 121 GLU A N   1 
ATOM   794 C CA  . GLU A 1 121 ? 13.613  -1.106  1.464   1.00 46.97 ? 121 GLU A CA  1 
ATOM   795 C C   . GLU A 1 121 ? 12.376  -0.281  1.120   1.00 46.78 ? 121 GLU A C   1 
ATOM   796 O O   . GLU A 1 121 ? 12.480  0.850   0.650   1.00 47.13 ? 121 GLU A O   1 
ATOM   797 C CB  . GLU A 1 121 ? 13.656  -2.341  0.571   1.00 48.55 ? 121 GLU A CB  1 
ATOM   798 C CG  . GLU A 1 121 ? 15.055  -2.807  0.295   1.00 51.64 ? 121 GLU A CG  1 
ATOM   799 C CD  . GLU A 1 121 ? 15.906  -1.691  -0.266  1.00 53.94 ? 121 GLU A CD  1 
ATOM   800 O OE1 . GLU A 1 121 ? 15.600  -1.230  -1.385  1.00 57.22 ? 121 GLU A OE1 1 
ATOM   801 O OE2 . GLU A 1 121 ? 16.869  -1.265  0.409   1.00 54.49 ? 121 GLU A OE2 1 
ATOM   802 N N   . LEU A 1 122 ? 11.201  -0.843  1.383   1.00 45.14 ? 122 LEU A N   1 
ATOM   803 C CA  . LEU A 1 122 ? 9.948   -0.158  1.090   1.00 44.32 ? 122 LEU A CA  1 
ATOM   804 C C   . LEU A 1 122 ? 9.928   1.269   1.571   1.00 43.87 ? 122 LEU A C   1 
ATOM   805 O O   . LEU A 1 122 ? 9.148   2.079   1.085   1.00 44.55 ? 122 LEU A O   1 
ATOM   806 C CB  . LEU A 1 122 ? 8.776   -0.879  1.732   1.00 43.68 ? 122 LEU A CB  1 
ATOM   807 C CG  . LEU A 1 122 ? 8.484   -2.270  1.204   1.00 44.44 ? 122 LEU A CG  1 
ATOM   808 C CD1 . LEU A 1 122 ? 7.404   -2.879  2.076   1.00 45.79 ? 122 LEU A CD1 1 
ATOM   809 C CD2 . LEU A 1 122 ? 8.052   -2.202  -0.247  1.00 40.88 ? 122 LEU A CD2 1 
ATOM   810 N N   . ALA A 1 123 ? 10.765  1.574   2.550   1.00 43.12 ? 123 ALA A N   1 
ATOM   811 C CA  . ALA A 1 123 ? 10.803  2.926   3.070   1.00 42.72 ? 123 ALA A CA  1 
ATOM   812 C C   . ALA A 1 123 ? 11.863  3.731   2.330   1.00 41.81 ? 123 ALA A C   1 
ATOM   813 O O   . ALA A 1 123 ? 11.938  4.943   2.464   1.00 40.71 ? 123 ALA A O   1 
ATOM   814 C CB  . ALA A 1 123 ? 11.095  2.905   4.559   1.00 41.94 ? 123 ALA A CB  1 
ATOM   815 N N   . SER A 1 124 ? 12.681  3.049   1.546   1.00 42.65 ? 124 SER A N   1 
ATOM   816 C CA  . SER A 1 124 ? 13.723  3.728   0.801   1.00 44.71 ? 124 SER A CA  1 
ATOM   817 C C   . SER A 1 124 ? 13.152  4.361   -0.471  1.00 45.93 ? 124 SER A C   1 
ATOM   818 O O   . SER A 1 124 ? 13.484  5.498   -0.808  1.00 45.93 ? 124 SER A O   1 
ATOM   819 C CB  . SER A 1 124 ? 14.839  2.749   0.444   1.00 44.81 ? 124 SER A CB  1 
ATOM   820 O OG  . SER A 1 124 ? 14.379  1.749   -0.448  1.00 49.63 ? 124 SER A OG  1 
ATOM   821 N N   . LYS A 1 125 ? 12.284  3.627   -1.161  1.00 45.90 ? 125 LYS A N   1 
ATOM   822 C CA  . LYS A 1 125 ? 11.679  4.118   -2.389  1.00 44.76 ? 125 LYS A CA  1 
ATOM   823 C C   . LYS A 1 125 ? 10.514  5.041   -2.086  1.00 44.42 ? 125 LYS A C   1 
ATOM   824 O O   . LYS A 1 125 ? 10.002  5.066   -0.969  1.00 46.40 ? 125 LYS A O   1 
ATOM   825 C CB  . LYS A 1 125 ? 11.183  2.956   -3.237  1.00 44.77 ? 125 LYS A CB  1 
ATOM   826 C CG  . LYS A 1 125 ? 12.142  1.798   -3.296  1.00 46.90 ? 125 LYS A CG  1 
ATOM   827 C CD  . LYS A 1 125 ? 13.514  2.244   -3.731  1.00 48.25 ? 125 LYS A CD  1 
ATOM   828 C CE  . LYS A 1 125 ? 14.470  1.071   -3.681  1.00 48.78 ? 125 LYS A CE  1 
ATOM   829 N NZ  . LYS A 1 125 ? 13.935  -0.073  -4.467  1.00 49.59 ? 125 LYS A NZ  1 
ATOM   830 N N   . SER A 1 126 ? 10.114  5.806   -3.095  1.00 42.57 ? 126 SER A N   1 
ATOM   831 C CA  . SER A 1 126 ? 9.004   6.743   -2.986  1.00 41.80 ? 126 SER A CA  1 
ATOM   832 C C   . SER A 1 126 ? 8.062   6.481   -4.155  1.00 39.35 ? 126 SER A C   1 
ATOM   833 O O   . SER A 1 126 ? 8.391   5.741   -5.077  1.00 39.17 ? 126 SER A O   1 
ATOM   834 C CB  . SER A 1 126 ? 9.505   8.182   -3.090  1.00 43.52 ? 126 SER A CB  1 
ATOM   835 O OG  . SER A 1 126 ? 9.898   8.487   -4.422  1.00 44.67 ? 126 SER A OG  1 
ATOM   836 N N   . LEU A 1 127 ? 6.892   7.085   -4.117  1.00 37.87 ? 127 LEU A N   1 
ATOM   837 C CA  . LEU A 1 127 ? 5.950   6.913   -5.202  1.00 39.72 ? 127 LEU A CA  1 
ATOM   838 C C   . LEU A 1 127 ? 6.637   7.499   -6.445  1.00 41.53 ? 127 LEU A C   1 
ATOM   839 O O   . LEU A 1 127 ? 6.650   6.888   -7.516  1.00 40.41 ? 127 LEU A O   1 
ATOM   840 C CB  . LEU A 1 127 ? 4.672   7.692   -4.907  1.00 37.57 ? 127 LEU A CB  1 
ATOM   841 C CG  . LEU A 1 127 ? 3.412   7.239   -5.654  1.00 38.92 ? 127 LEU A CG  1 
ATOM   842 C CD1 . LEU A 1 127 ? 2.475   8.423   -5.788  1.00 33.77 ? 127 LEU A CD1 1 
ATOM   843 C CD2 . LEU A 1 127 ? 3.761   6.652   -7.014  1.00 36.95 ? 127 LEU A CD2 1 
ATOM   844 N N   . LYS A 1 128 ? 7.221   8.683   -6.272  1.00 41.77 ? 128 LYS A N   1 
ATOM   845 C CA  . LYS A 1 128 ? 7.919   9.354   -7.358  1.00 44.07 ? 128 LYS A CA  1 
ATOM   846 C C   . LYS A 1 128 ? 8.963   8.427   -7.921  1.00 43.09 ? 128 LYS A C   1 
ATOM   847 O O   . LYS A 1 128 ? 9.094   8.265   -9.133  1.00 43.30 ? 128 LYS A O   1 
ATOM   848 C CB  . LYS A 1 128 ? 8.596   10.626  -6.864  1.00 46.68 ? 128 LYS A CB  1 
ATOM   849 C CG  . LYS A 1 128 ? 9.385   11.343  -7.957  1.00 52.52 ? 128 LYS A CG  1 
ATOM   850 C CD  . LYS A 1 128 ? 9.790   12.755  -7.534  1.00 54.10 ? 128 LYS A CD  1 
ATOM   851 C CE  . LYS A 1 128 ? 10.508  13.504  -8.658  1.00 54.87 ? 128 LYS A CE  1 
ATOM   852 N NZ  . LYS A 1 128 ? 10.806  14.917  -8.259  1.00 54.57 ? 128 LYS A NZ  1 
ATOM   853 N N   . ASP A 1 129 ? 9.708   7.811   -7.024  1.00 43.34 ? 129 ASP A N   1 
ATOM   854 C CA  . ASP A 1 129 ? 10.736  6.889   -7.428  1.00 42.49 ? 129 ASP A CA  1 
ATOM   855 C C   . ASP A 1 129 ? 10.247  5.868   -8.425  1.00 42.47 ? 129 ASP A C   1 
ATOM   856 O O   . ASP A 1 129 ? 10.999  5.472   -9.310  1.00 42.45 ? 129 ASP A O   1 
ATOM   857 C CB  . ASP A 1 129 ? 11.302  6.183   -6.210  1.00 44.53 ? 129 ASP A CB  1 
ATOM   858 C CG  . ASP A 1 129 ? 12.450  6.928   -5.612  1.00 46.22 ? 129 ASP A CG  1 
ATOM   859 O OD1 . ASP A 1 129 ? 13.599  6.551   -5.898  1.00 47.65 ? 129 ASP A OD1 1 
ATOM   860 O OD2 . ASP A 1 129 ? 12.209  7.906   -4.880  1.00 48.23 ? 129 ASP A OD2 1 
ATOM   861 N N   . VAL A 1 130 ? 9.005   5.413   -8.306  1.00 41.52 ? 130 VAL A N   1 
ATOM   862 C CA  . VAL A 1 130 ? 8.566   4.432   -9.287  1.00 42.33 ? 130 VAL A CA  1 
ATOM   863 C C   . VAL A 1 130 ? 8.057   5.126   -10.545 1.00 41.25 ? 130 VAL A C   1 
ATOM   864 O O   . VAL A 1 130 ? 8.255   4.629   -11.649 1.00 41.45 ? 130 VAL A O   1 
ATOM   865 C CB  . VAL A 1 130 ? 7.485   3.488   -8.724  1.00 42.37 ? 130 VAL A CB  1 
ATOM   866 C CG1 . VAL A 1 130 ? 8.022   2.782   -7.502  1.00 44.71 ? 130 VAL A CG1 1 
ATOM   867 C CG2 . VAL A 1 130 ? 6.242   4.254   -8.387  1.00 44.25 ? 130 VAL A CG2 1 
ATOM   868 N N   . MET A 1 131 ? 7.417   6.278   -10.384 1.00 39.69 ? 131 MET A N   1 
ATOM   869 C CA  . MET A 1 131 ? 6.909   7.019   -11.539 1.00 41.66 ? 131 MET A CA  1 
ATOM   870 C C   . MET A 1 131 ? 8.032   7.715   -12.330 1.00 44.89 ? 131 MET A C   1 
ATOM   871 O O   . MET A 1 131 ? 8.470   8.815   -11.981 1.00 45.70 ? 131 MET A O   1 
ATOM   872 C CB  . MET A 1 131 ? 5.875   8.057   -11.088 1.00 37.71 ? 131 MET A CB  1 
ATOM   873 C CG  . MET A 1 131 ? 4.570   7.437   -10.685 1.00 32.88 ? 131 MET A CG  1 
ATOM   874 S SD  . MET A 1 131 ? 3.315   8.610   -10.340 1.00 33.30 ? 131 MET A SD  1 
ATOM   875 C CE  . MET A 1 131 ? 3.918   9.387   -8.977  1.00 34.16 ? 131 MET A CE  1 
ATOM   876 N N   . ASN A 1 132 ? 8.515   7.061   -13.380 1.00 48.19 ? 132 ASN A N   1 
ATOM   877 C CA  . ASN A 1 132 ? 9.574   7.631   -14.213 1.00 51.23 ? 132 ASN A CA  1 
ATOM   878 C C   . ASN A 1 132 ? 9.637   6.909   -15.556 1.00 51.95 ? 132 ASN A C   1 
ATOM   879 O O   . ASN A 1 132 ? 10.735  6.411   -15.905 1.00 50.96 ? 132 ASN A O   1 
ATOM   880 C CB  . ASN A 1 132 ? 10.928  7.515   -13.510 1.00 54.16 ? 132 ASN A CB  1 
ATOM   881 C CG  . ASN A 1 132 ? 10.821  7.707   -12.018 1.00 56.60 ? 132 ASN A CG  1 
ATOM   882 O OD1 . ASN A 1 132 ? 10.301  6.845   -11.318 1.00 58.98 ? 132 ASN A OD1 1 
ATOM   883 N ND2 . ASN A 1 132 ? 11.293  8.846   -11.520 1.00 57.79 ? 132 ASN A ND2 1 
HETATM 884 S S   . SO4 B 2 .   ? -15.563 7.885   -7.294  1.00 59.33 ? 190 SO4 A S   1 
HETATM 885 O O1  . SO4 B 2 .   ? -16.812 7.197   -7.641  1.00 60.55 ? 190 SO4 A O1  1 
HETATM 886 O O2  . SO4 B 2 .   ? -14.652 7.845   -8.452  1.00 60.31 ? 190 SO4 A O2  1 
HETATM 887 O O3  . SO4 B 2 .   ? -15.864 9.276   -6.907  1.00 58.57 ? 190 SO4 A O3  1 
HETATM 888 O O4  . SO4 B 2 .   ? -14.917 7.214   -6.155  1.00 62.25 ? 190 SO4 A O4  1 
HETATM 889 O O   . HOH C 3 .   ? -5.445  11.891  -12.455 1.00 50.78 ? 191 HOH A O   1 
HETATM 890 O O   . HOH C 3 .   ? 12.642  7.477   -17.729 1.00 50.78 ? 192 HOH A O   1 
HETATM 891 O O   . HOH C 3 .   ? -9.283  11.558  -15.453 1.00 50.78 ? 193 HOH A O   1 
HETATM 892 O O   . HOH C 3 .   ? -7.816  11.793  4.264   1.00 50.78 ? 194 HOH A O   1 
HETATM 893 O O   . HOH C 3 .   ? -6.990  -9.185  -0.733  1.00 50.78 ? 195 HOH A O   1 
HETATM 894 O O   . HOH C 3 .   ? -16.422 5.772   -9.801  1.00 50.77 ? 196 HOH A O   1 
# 
